data_2Q2K
# 
_entry.id   2Q2K 
# 
_audit_conform.dict_name       mmcif_pdbx.dic 
_audit_conform.dict_version    5.387 
_audit_conform.dict_location   http://mmcif.pdb.org/dictionaries/ascii/mmcif_pdbx.dic 
# 
loop_
_database_2.database_id 
_database_2.database_code 
_database_2.pdbx_database_accession 
_database_2.pdbx_DOI 
PDB   2Q2K         pdb_00002q2k 10.2210/pdb2q2k/pdb 
NDB   PD1007       ?            ?                   
RCSB  RCSB043068   ?            ?                   
WWPDB D_1000043068 ?            ?                   
# 
loop_
_pdbx_audit_revision_history.ordinal 
_pdbx_audit_revision_history.data_content_type 
_pdbx_audit_revision_history.major_revision 
_pdbx_audit_revision_history.minor_revision 
_pdbx_audit_revision_history.revision_date 
1 'Structure model' 1 0 2008-02-05 
2 'Structure model' 1 1 2011-07-13 
3 'Structure model' 1 2 2024-02-21 
# 
_pdbx_audit_revision_details.ordinal             1 
_pdbx_audit_revision_details.revision_ordinal    1 
_pdbx_audit_revision_details.data_content_type   'Structure model' 
_pdbx_audit_revision_details.provider            repository 
_pdbx_audit_revision_details.type                'Initial release' 
_pdbx_audit_revision_details.description         ? 
_pdbx_audit_revision_details.details             ? 
# 
loop_
_pdbx_audit_revision_group.ordinal 
_pdbx_audit_revision_group.revision_ordinal 
_pdbx_audit_revision_group.data_content_type 
_pdbx_audit_revision_group.group 
1 2 'Structure model' 'Version format compliance' 
2 3 'Structure model' 'Data collection'           
3 3 'Structure model' 'Database references'       
4 3 'Structure model' 'Derived calculations'      
# 
loop_
_pdbx_audit_revision_category.ordinal 
_pdbx_audit_revision_category.revision_ordinal 
_pdbx_audit_revision_category.data_content_type 
_pdbx_audit_revision_category.category 
1 3 'Structure model' chem_comp_atom     
2 3 'Structure model' chem_comp_bond     
3 3 'Structure model' database_2         
4 3 'Structure model' struct_conn        
5 3 'Structure model' struct_ref_seq_dif 
6 3 'Structure model' struct_site        
# 
loop_
_pdbx_audit_revision_item.ordinal 
_pdbx_audit_revision_item.revision_ordinal 
_pdbx_audit_revision_item.data_content_type 
_pdbx_audit_revision_item.item 
1 3 'Structure model' '_database_2.pdbx_DOI'                
2 3 'Structure model' '_database_2.pdbx_database_accession' 
3 3 'Structure model' '_struct_conn.pdbx_leaving_atom_flag' 
4 3 'Structure model' '_struct_ref_seq_dif.details'         
5 3 'Structure model' '_struct_site.pdbx_auth_asym_id'      
6 3 'Structure model' '_struct_site.pdbx_auth_comp_id'      
7 3 'Structure model' '_struct_site.pdbx_auth_seq_id'       
# 
_pdbx_database_status.status_code                     REL 
_pdbx_database_status.entry_id                        2Q2K 
_pdbx_database_status.recvd_initial_deposition_date   2007-05-28 
_pdbx_database_status.deposit_site                    RCSB 
_pdbx_database_status.process_site                    RCSB 
_pdbx_database_status.status_code_sf                  REL 
_pdbx_database_status.status_code_mr                  ? 
_pdbx_database_status.SG_entry                        ? 
_pdbx_database_status.pdb_format_compatible           Y 
_pdbx_database_status.status_code_cs                  ? 
_pdbx_database_status.status_code_nmr_data            ? 
_pdbx_database_status.methods_development_category    ? 
# 
loop_
_audit_author.name 
_audit_author.pdbx_ordinal 
'Schumacher, M.A.' 1 
'Glover, T.'       2 
'Firth, N.'        3 
# 
_citation.id                        primary 
_citation.title                     'Segrosome structure revealed by a complex of ParR with centromere DNA.' 
_citation.journal_abbrev            Nature 
_citation.journal_volume            450 
_citation.page_first                1268 
_citation.page_last                 1271 
_citation.year                      2007 
_citation.journal_id_ASTM           NATUAS 
_citation.country                   UK 
_citation.journal_id_ISSN           0028-0836 
_citation.journal_id_CSD            0006 
_citation.book_publisher            ? 
_citation.pdbx_database_id_PubMed   18097417 
_citation.pdbx_database_id_DOI      10.1038/nature06392 
# 
loop_
_citation_author.citation_id 
_citation_author.name 
_citation_author.ordinal 
_citation_author.identifier_ORCID 
primary 'Schumacher, M.A.' 1 ? 
primary 'Glover, T.C.'     2 ? 
primary 'Brzoska, A.J.'    3 ? 
primary 'Jensen, S.O.'     4 ? 
primary 'Dunham, T.D.'     5 ? 
primary 'Skurray, R.A.'    6 ? 
primary 'Firth, N.'        7 ? 
# 
loop_
_entity.id 
_entity.type 
_entity.src_method 
_entity.pdbx_description 
_entity.formula_weight 
_entity.pdbx_number_of_molecules 
_entity.pdbx_ec 
_entity.pdbx_mutation 
_entity.pdbx_fragment 
_entity.details 
1 polymer     syn 
;DNA (5'-D(*AP*GP*TP*AP*TP*AP*(5IU)P*AP*CP*(5IU)P*AP*GP*TP*AP*TP*AP*TP*AP*CP*T)-3')
;
6354.755 1 ? ? ? ? 
2 polymer     man 'Hypothetical protein'                                                               8167.265 2 ? ? ? ? 
3 non-polymer syn '4-(2-HYDROXYETHYL)-1-PIPERAZINE ETHANESULFONIC ACID'                                238.305  1 ? ? ? ? 
# 
loop_
_entity_poly.entity_id 
_entity_poly.type 
_entity_poly.nstd_linkage 
_entity_poly.nstd_monomer 
_entity_poly.pdbx_seq_one_letter_code 
_entity_poly.pdbx_seq_one_letter_code_can 
_entity_poly.pdbx_strand_id 
_entity_poly.pdbx_target_identifier 
1 polydeoxyribonucleotide no yes 
;(DA)(DG)(DT)(DA)(DT)(DA)(5IU)(DA)(DC)(5IU)(DA)(DG)(DT)(DA)(DT)(DA)(DT)(DA)(DC)
(DT)
;
AGTATAUACUAGTATATACT                                                   F   ? 
2 'polypeptide(L)'        no no  MGSSHHHHHHSSGLVPGSHMDKKETKHLLKIKKEDYPQIFDFLENVPRGTKTAHIREALRRYIEEIGENP                
MGSSHHHHHHSSGLVPGSHMDKKETKHLLKIKKEDYPQIFDFLENVPRGTKTAHIREALRRYIEEIGENP A,B ? 
# 
_pdbx_entity_nonpoly.entity_id   3 
_pdbx_entity_nonpoly.name        '4-(2-HYDROXYETHYL)-1-PIPERAZINE ETHANESULFONIC ACID' 
_pdbx_entity_nonpoly.comp_id     EPE 
# 
loop_
_entity_poly_seq.entity_id 
_entity_poly_seq.num 
_entity_poly_seq.mon_id 
_entity_poly_seq.hetero 
1 1  DA  n 
1 2  DG  n 
1 3  DT  n 
1 4  DA  n 
1 5  DT  n 
1 6  DA  n 
1 7  5IU n 
1 8  DA  n 
1 9  DC  n 
1 10 5IU n 
1 11 DA  n 
1 12 DG  n 
1 13 DT  n 
1 14 DA  n 
1 15 DT  n 
1 16 DA  n 
1 17 DT  n 
1 18 DA  n 
1 19 DC  n 
1 20 DT  n 
2 1  MET n 
2 2  GLY n 
2 3  SER n 
2 4  SER n 
2 5  HIS n 
2 6  HIS n 
2 7  HIS n 
2 8  HIS n 
2 9  HIS n 
2 10 HIS n 
2 11 SER n 
2 12 SER n 
2 13 GLY n 
2 14 LEU n 
2 15 VAL n 
2 16 PRO n 
2 17 GLY n 
2 18 SER n 
2 19 HIS n 
2 20 MET n 
2 21 ASP n 
2 22 LYS n 
2 23 LYS n 
2 24 GLU n 
2 25 THR n 
2 26 LYS n 
2 27 HIS n 
2 28 LEU n 
2 29 LEU n 
2 30 LYS n 
2 31 ILE n 
2 32 LYS n 
2 33 LYS n 
2 34 GLU n 
2 35 ASP n 
2 36 TYR n 
2 37 PRO n 
2 38 GLN n 
2 39 ILE n 
2 40 PHE n 
2 41 ASP n 
2 42 PHE n 
2 43 LEU n 
2 44 GLU n 
2 45 ASN n 
2 46 VAL n 
2 47 PRO n 
2 48 ARG n 
2 49 GLY n 
2 50 THR n 
2 51 LYS n 
2 52 THR n 
2 53 ALA n 
2 54 HIS n 
2 55 ILE n 
2 56 ARG n 
2 57 GLU n 
2 58 ALA n 
2 59 LEU n 
2 60 ARG n 
2 61 ARG n 
2 62 TYR n 
2 63 ILE n 
2 64 GLU n 
2 65 GLU n 
2 66 ILE n 
2 67 GLY n 
2 68 GLU n 
2 69 ASN n 
2 70 PRO n 
# 
_entity_src_gen.entity_id                          2 
_entity_src_gen.pdbx_src_id                        1 
_entity_src_gen.pdbx_alt_source_flag               sample 
_entity_src_gen.pdbx_seq_type                      ? 
_entity_src_gen.pdbx_beg_seq_num                   ? 
_entity_src_gen.pdbx_end_seq_num                   ? 
_entity_src_gen.gene_src_common_name               ? 
_entity_src_gen.gene_src_genus                     Staphylococcus 
_entity_src_gen.pdbx_gene_src_gene                 ? 
_entity_src_gen.gene_src_species                   ? 
_entity_src_gen.gene_src_strain                    ? 
_entity_src_gen.gene_src_tissue                    ? 
_entity_src_gen.gene_src_tissue_fraction           ? 
_entity_src_gen.gene_src_details                   ? 
_entity_src_gen.pdbx_gene_src_fragment             ? 
_entity_src_gen.pdbx_gene_src_scientific_name      'Staphylococcus aureus' 
_entity_src_gen.pdbx_gene_src_ncbi_taxonomy_id     1280 
_entity_src_gen.pdbx_gene_src_variant              ? 
_entity_src_gen.pdbx_gene_src_cell_line            ? 
_entity_src_gen.pdbx_gene_src_atcc                 ? 
_entity_src_gen.pdbx_gene_src_organ                ? 
_entity_src_gen.pdbx_gene_src_organelle            ? 
_entity_src_gen.pdbx_gene_src_cell                 ? 
_entity_src_gen.pdbx_gene_src_cellular_location    ? 
_entity_src_gen.host_org_common_name               ? 
_entity_src_gen.pdbx_host_org_scientific_name      'Escherichia coli BL21(DE3)' 
_entity_src_gen.pdbx_host_org_ncbi_taxonomy_id     469008 
_entity_src_gen.host_org_genus                     Escherichia 
_entity_src_gen.pdbx_host_org_gene                 ? 
_entity_src_gen.pdbx_host_org_organ                ? 
_entity_src_gen.host_org_species                   'Escherichia coli' 
_entity_src_gen.pdbx_host_org_tissue               ? 
_entity_src_gen.pdbx_host_org_tissue_fraction      ? 
_entity_src_gen.pdbx_host_org_strain               'BL21(DE3)' 
_entity_src_gen.pdbx_host_org_variant              ? 
_entity_src_gen.pdbx_host_org_cell_line            ? 
_entity_src_gen.pdbx_host_org_atcc                 ? 
_entity_src_gen.pdbx_host_org_culture_collection   ? 
_entity_src_gen.pdbx_host_org_cell                 ? 
_entity_src_gen.pdbx_host_org_organelle            ? 
_entity_src_gen.pdbx_host_org_cellular_location    ? 
_entity_src_gen.pdbx_host_org_vector_type          plasmid 
_entity_src_gen.pdbx_host_org_vector               ? 
_entity_src_gen.host_org_details                   ? 
_entity_src_gen.expression_system_id               ? 
_entity_src_gen.plasmid_name                       pET15b 
_entity_src_gen.plasmid_details                    ? 
_entity_src_gen.pdbx_description                   ? 
# 
loop_
_chem_comp.id 
_chem_comp.type 
_chem_comp.mon_nstd_flag 
_chem_comp.name 
_chem_comp.pdbx_synonyms 
_chem_comp.formula 
_chem_comp.formula_weight 
5IU 'DNA linking'       n "5-IODO-2'-DEOXYURIDINE-5'-MONOPHOSPHATE"             ?     'C9 H12 I N2 O8 P' 434.078 
ALA 'L-peptide linking' y ALANINE                                               ?     'C3 H7 N O2'       89.093  
ARG 'L-peptide linking' y ARGININE                                              ?     'C6 H15 N4 O2 1'   175.209 
ASN 'L-peptide linking' y ASPARAGINE                                            ?     'C4 H8 N2 O3'      132.118 
ASP 'L-peptide linking' y 'ASPARTIC ACID'                                       ?     'C4 H7 N O4'       133.103 
DA  'DNA linking'       y "2'-DEOXYADENOSINE-5'-MONOPHOSPHATE"                  ?     'C10 H14 N5 O6 P'  331.222 
DC  'DNA linking'       y "2'-DEOXYCYTIDINE-5'-MONOPHOSPHATE"                   ?     'C9 H14 N3 O7 P'   307.197 
DG  'DNA linking'       y "2'-DEOXYGUANOSINE-5'-MONOPHOSPHATE"                  ?     'C10 H14 N5 O7 P'  347.221 
DT  'DNA linking'       y "THYMIDINE-5'-MONOPHOSPHATE"                          ?     'C10 H15 N2 O8 P'  322.208 
EPE non-polymer         . '4-(2-HYDROXYETHYL)-1-PIPERAZINE ETHANESULFONIC ACID' HEPES 'C8 H18 N2 O4 S'   238.305 
GLN 'L-peptide linking' y GLUTAMINE                                             ?     'C5 H10 N2 O3'     146.144 
GLU 'L-peptide linking' y 'GLUTAMIC ACID'                                       ?     'C5 H9 N O4'       147.129 
GLY 'peptide linking'   y GLYCINE                                               ?     'C2 H5 N O2'       75.067  
HIS 'L-peptide linking' y HISTIDINE                                             ?     'C6 H10 N3 O2 1'   156.162 
ILE 'L-peptide linking' y ISOLEUCINE                                            ?     'C6 H13 N O2'      131.173 
LEU 'L-peptide linking' y LEUCINE                                               ?     'C6 H13 N O2'      131.173 
LYS 'L-peptide linking' y LYSINE                                                ?     'C6 H15 N2 O2 1'   147.195 
MET 'L-peptide linking' y METHIONINE                                            ?     'C5 H11 N O2 S'    149.211 
PHE 'L-peptide linking' y PHENYLALANINE                                         ?     'C9 H11 N O2'      165.189 
PRO 'L-peptide linking' y PROLINE                                               ?     'C5 H9 N O2'       115.130 
SER 'L-peptide linking' y SERINE                                                ?     'C3 H7 N O3'       105.093 
THR 'L-peptide linking' y THREONINE                                             ?     'C4 H9 N O3'       119.119 
TYR 'L-peptide linking' y TYROSINE                                              ?     'C9 H11 N O3'      181.189 
VAL 'L-peptide linking' y VALINE                                                ?     'C5 H11 N O2'      117.146 
# 
loop_
_pdbx_poly_seq_scheme.asym_id 
_pdbx_poly_seq_scheme.entity_id 
_pdbx_poly_seq_scheme.seq_id 
_pdbx_poly_seq_scheme.mon_id 
_pdbx_poly_seq_scheme.ndb_seq_num 
_pdbx_poly_seq_scheme.pdb_seq_num 
_pdbx_poly_seq_scheme.auth_seq_num 
_pdbx_poly_seq_scheme.pdb_mon_id 
_pdbx_poly_seq_scheme.auth_mon_id 
_pdbx_poly_seq_scheme.pdb_strand_id 
_pdbx_poly_seq_scheme.pdb_ins_code 
_pdbx_poly_seq_scheme.hetero 
A 1 1  DA  1  12  12 DA  ADE F . n 
A 1 2  DG  2  13  13 DG  GUA F . n 
A 1 3  DT  3  14  14 DT  THY F . n 
A 1 4  DA  4  15  15 DA  ADE F . n 
A 1 5  DT  5  16  16 DT  THY F . n 
A 1 6  DA  6  17  17 DA  ADE F . n 
A 1 7  5IU 7  18  18 5IU I5U F . n 
A 1 8  DA  8  19  19 DA  ADE F . n 
A 1 9  DC  9  20  20 DC  CYT F . n 
A 1 10 5IU 10 21  21 5IU I5U F . n 
A 1 11 DA  11 22  22 DA  ADE F . n 
A 1 12 DG  12 23  23 DG  GUA F . n 
A 1 13 DT  13 24  24 DT  THY F . n 
A 1 14 DA  14 25  25 DA  ADE F . n 
A 1 15 DT  15 26  26 DT  THY F . n 
A 1 16 DA  16 27  27 DA  ADE F . n 
A 1 17 DT  17 28  28 DT  THY F . n 
A 1 18 DA  18 29  29 DA  ADE F . n 
A 1 19 DC  19 30  30 DC  CYT F . n 
A 1 20 DT  20 31  31 DT  THY F . n 
B 2 1  MET 1  -18 ?  ?   ?   A . n 
B 2 2  GLY 2  -17 ?  ?   ?   A . n 
B 2 3  SER 3  -16 ?  ?   ?   A . n 
B 2 4  SER 4  -15 ?  ?   ?   A . n 
B 2 5  HIS 5  -14 ?  ?   ?   A . n 
B 2 6  HIS 6  -13 ?  ?   ?   A . n 
B 2 7  HIS 7  -12 ?  ?   ?   A . n 
B 2 8  HIS 8  -11 ?  ?   ?   A . n 
B 2 9  HIS 9  -10 ?  ?   ?   A . n 
B 2 10 HIS 10 -9  ?  ?   ?   A . n 
B 2 11 SER 11 -8  ?  ?   ?   A . n 
B 2 12 SER 12 -7  ?  ?   ?   A . n 
B 2 13 GLY 13 -6  ?  ?   ?   A . n 
B 2 14 LEU 14 -5  ?  ?   ?   A . n 
B 2 15 VAL 15 -4  ?  ?   ?   A . n 
B 2 16 PRO 16 -3  ?  ?   ?   A . n 
B 2 17 GLY 17 -2  ?  ?   ?   A . n 
B 2 18 SER 18 -1  ?  ?   ?   A . n 
B 2 19 HIS 19 0   ?  ?   ?   A . n 
B 2 20 MET 20 1   ?  ?   ?   A . n 
B 2 21 ASP 21 2   ?  ?   ?   A . n 
B 2 22 LYS 22 3   ?  ?   ?   A . n 
B 2 23 LYS 23 4   4  LYS LYS A . n 
B 2 24 GLU 24 5   5  GLU GLU A . n 
B 2 25 THR 25 6   6  THR THR A . n 
B 2 26 LYS 26 7   7  LYS LYS A . n 
B 2 27 HIS 27 8   8  HIS HIS A . n 
B 2 28 LEU 28 9   9  LEU LEU A . n 
B 2 29 LEU 29 10  10 LEU LEU A . n 
B 2 30 LYS 30 11  11 LYS LYS A . n 
B 2 31 ILE 31 12  12 ILE ILE A . n 
B 2 32 LYS 32 13  13 LYS LYS A . n 
B 2 33 LYS 33 14  14 LYS LYS A . n 
B 2 34 GLU 34 15  15 GLU GLU A . n 
B 2 35 ASP 35 16  16 ASP ASP A . n 
B 2 36 TYR 36 17  17 TYR TYR A . n 
B 2 37 PRO 37 18  18 PRO PRO A . n 
B 2 38 GLN 38 19  19 GLN GLN A . n 
B 2 39 ILE 39 20  20 ILE ILE A . n 
B 2 40 PHE 40 21  21 PHE PHE A . n 
B 2 41 ASP 41 22  22 ASP ASP A . n 
B 2 42 PHE 42 23  23 PHE PHE A . n 
B 2 43 LEU 43 24  24 LEU LEU A . n 
B 2 44 GLU 44 25  25 GLU GLU A . n 
B 2 45 ASN 45 26  26 ASN ASN A . n 
B 2 46 VAL 46 27  27 VAL VAL A . n 
B 2 47 PRO 47 28  28 PRO PRO A . n 
B 2 48 ARG 48 29  29 ARG ARG A . n 
B 2 49 GLY 49 30  30 GLY GLY A . n 
B 2 50 THR 50 31  31 THR THR A . n 
B 2 51 LYS 51 32  32 LYS LYS A . n 
B 2 52 THR 52 33  33 THR THR A . n 
B 2 53 ALA 53 34  34 ALA ALA A . n 
B 2 54 HIS 54 35  35 HIS HIS A . n 
B 2 55 ILE 55 36  36 ILE ILE A . n 
B 2 56 ARG 56 37  37 ARG ARG A . n 
B 2 57 GLU 57 38  38 GLU GLU A . n 
B 2 58 ALA 58 39  39 ALA ALA A . n 
B 2 59 LEU 59 40  40 LEU LEU A . n 
B 2 60 ARG 60 41  41 ARG ARG A . n 
B 2 61 ARG 61 42  42 ARG ARG A . n 
B 2 62 TYR 62 43  43 TYR TYR A . n 
B 2 63 ILE 63 44  44 ILE ILE A . n 
B 2 64 GLU 64 45  45 GLU GLU A . n 
B 2 65 GLU 65 46  46 GLU GLU A . n 
B 2 66 ILE 66 47  47 ILE ILE A . n 
B 2 67 GLY 67 48  48 GLY GLY A . n 
B 2 68 GLU 68 49  ?  ?   ?   A . n 
B 2 69 ASN 69 50  ?  ?   ?   A . n 
B 2 70 PRO 70 51  ?  ?   ?   A . n 
C 2 1  MET 1  -18 ?  ?   ?   B . n 
C 2 2  GLY 2  -17 ?  ?   ?   B . n 
C 2 3  SER 3  -16 ?  ?   ?   B . n 
C 2 4  SER 4  -15 ?  ?   ?   B . n 
C 2 5  HIS 5  -14 ?  ?   ?   B . n 
C 2 6  HIS 6  -13 ?  ?   ?   B . n 
C 2 7  HIS 7  -12 ?  ?   ?   B . n 
C 2 8  HIS 8  -11 ?  ?   ?   B . n 
C 2 9  HIS 9  -10 ?  ?   ?   B . n 
C 2 10 HIS 10 -9  ?  ?   ?   B . n 
C 2 11 SER 11 -8  ?  ?   ?   B . n 
C 2 12 SER 12 -7  ?  ?   ?   B . n 
C 2 13 GLY 13 -6  ?  ?   ?   B . n 
C 2 14 LEU 14 -5  ?  ?   ?   B . n 
C 2 15 VAL 15 -4  ?  ?   ?   B . n 
C 2 16 PRO 16 -3  ?  ?   ?   B . n 
C 2 17 GLY 17 -2  ?  ?   ?   B . n 
C 2 18 SER 18 -1  ?  ?   ?   B . n 
C 2 19 HIS 19 0   ?  ?   ?   B . n 
C 2 20 MET 20 1   ?  ?   ?   B . n 
C 2 21 ASP 21 2   ?  ?   ?   B . n 
C 2 22 LYS 22 3   ?  ?   ?   B . n 
C 2 23 LYS 23 4   4  LYS LYS B . n 
C 2 24 GLU 24 5   5  GLU GLU B . n 
C 2 25 THR 25 6   6  THR THR B . n 
C 2 26 LYS 26 7   7  LYS LYS B . n 
C 2 27 HIS 27 8   8  HIS HIS B . n 
C 2 28 LEU 28 9   9  LEU LEU B . n 
C 2 29 LEU 29 10  10 LEU LEU B . n 
C 2 30 LYS 30 11  11 LYS LYS B . n 
C 2 31 ILE 31 12  12 ILE ILE B . n 
C 2 32 LYS 32 13  13 LYS LYS B . n 
C 2 33 LYS 33 14  14 LYS LYS B . n 
C 2 34 GLU 34 15  15 GLU GLU B . n 
C 2 35 ASP 35 16  16 ASP ASP B . n 
C 2 36 TYR 36 17  17 TYR TYR B . n 
C 2 37 PRO 37 18  18 PRO PRO B . n 
C 2 38 GLN 38 19  19 GLN GLN B . n 
C 2 39 ILE 39 20  20 ILE ILE B . n 
C 2 40 PHE 40 21  21 PHE PHE B . n 
C 2 41 ASP 41 22  22 ASP ASP B . n 
C 2 42 PHE 42 23  23 PHE PHE B . n 
C 2 43 LEU 43 24  24 LEU LEU B . n 
C 2 44 GLU 44 25  25 GLU GLU B . n 
C 2 45 ASN 45 26  26 ASN ASN B . n 
C 2 46 VAL 46 27  27 VAL VAL B . n 
C 2 47 PRO 47 28  28 PRO PRO B . n 
C 2 48 ARG 48 29  29 ARG ARG B . n 
C 2 49 GLY 49 30  30 GLY GLY B . n 
C 2 50 THR 50 31  31 THR THR B . n 
C 2 51 LYS 51 32  32 LYS LYS B . n 
C 2 52 THR 52 33  33 THR THR B . n 
C 2 53 ALA 53 34  34 ALA ALA B . n 
C 2 54 HIS 54 35  35 HIS HIS B . n 
C 2 55 ILE 55 36  36 ILE ILE B . n 
C 2 56 ARG 56 37  37 ARG ARG B . n 
C 2 57 GLU 57 38  38 GLU GLU B . n 
C 2 58 ALA 58 39  39 ALA ALA B . n 
C 2 59 LEU 59 40  40 LEU LEU B . n 
C 2 60 ARG 60 41  41 ARG ARG B . n 
C 2 61 ARG 61 42  42 ARG ARG B . n 
C 2 62 TYR 62 43  43 TYR TYR B . n 
C 2 63 ILE 63 44  44 ILE ILE B . n 
C 2 64 GLU 64 45  45 GLU GLU B . n 
C 2 65 GLU 65 46  46 GLU GLU B . n 
C 2 66 ILE 66 47  47 ILE ILE B . n 
C 2 67 GLY 67 48  ?  ?   ?   B . n 
C 2 68 GLU 68 49  ?  ?   ?   B . n 
C 2 69 ASN 69 50  ?  ?   ?   B . n 
C 2 70 PRO 70 51  ?  ?   ?   B . n 
# 
_pdbx_nonpoly_scheme.asym_id         D 
_pdbx_nonpoly_scheme.entity_id       3 
_pdbx_nonpoly_scheme.mon_id          EPE 
_pdbx_nonpoly_scheme.ndb_seq_num     1 
_pdbx_nonpoly_scheme.pdb_seq_num     3022 
_pdbx_nonpoly_scheme.auth_seq_num    3022 
_pdbx_nonpoly_scheme.pdb_mon_id      EPE 
_pdbx_nonpoly_scheme.auth_mon_id     EPE 
_pdbx_nonpoly_scheme.pdb_strand_id   A 
_pdbx_nonpoly_scheme.pdb_ins_code    . 
# 
loop_
_software.name 
_software.classification 
_software.version 
_software.citation_id 
_software.pdbx_ordinal 
CNS    refinement        1.1     ? 1 
ADSC   'data collection' Quantum ? 2 
MOSFLM 'data reduction'  .       ? 3 
SCALA  'data scaling'    .       ? 4 
SOLVE  phasing           .       ? 5 
# 
_cell.entry_id           2Q2K 
_cell.length_a           56.300 
_cell.length_b           56.300 
_cell.length_c           232.500 
_cell.angle_alpha        90.00 
_cell.angle_beta         90.00 
_cell.angle_gamma        120.00 
_cell.Z_PDB              24 
_cell.pdbx_unique_axis   ? 
_cell.length_a_esd       ? 
_cell.length_b_esd       ? 
_cell.length_c_esd       ? 
_cell.angle_alpha_esd    ? 
_cell.angle_beta_esd     ? 
_cell.angle_gamma_esd    ? 
# 
_symmetry.entry_id                         2Q2K 
_symmetry.space_group_name_H-M             'P 65 2 2' 
_symmetry.pdbx_full_space_group_name_H-M   ? 
_symmetry.cell_setting                     ? 
_symmetry.Int_Tables_number                179 
_symmetry.space_group_name_Hall            ? 
# 
_exptl.entry_id          2Q2K 
_exptl.method            'X-RAY DIFFRACTION' 
_exptl.crystals_number   1 
# 
_exptl_crystal.id                    1 
_exptl_crystal.density_meas          ? 
_exptl_crystal.density_Matthews      2.32 
_exptl_crystal.density_percent_sol   47.06 
_exptl_crystal.description           ? 
_exptl_crystal.F_000                 ? 
_exptl_crystal.preparation           ? 
# 
_exptl_crystal_grow.crystal_id      1 
_exptl_crystal_grow.method          'VAPOR DIFFUSION, HANGING DROP' 
_exptl_crystal_grow.temp            298 
_exptl_crystal_grow.temp_details    ? 
_exptl_crystal_grow.pH              7.5 
_exptl_crystal_grow.pdbx_details    'PEG 4000, isopropanol, HEPES, pH 7.5, VAPOR DIFFUSION, HANGING DROP, temperature 298K' 
_exptl_crystal_grow.pdbx_pH_range   . 
# 
loop_
_exptl_crystal_grow_comp.crystal_id 
_exptl_crystal_grow_comp.id 
_exptl_crystal_grow_comp.sol_id 
_exptl_crystal_grow_comp.name 
_exptl_crystal_grow_comp.volume 
_exptl_crystal_grow_comp.conc 
_exptl_crystal_grow_comp.details 
1 1 1 'PEG 4000'  ? ? ? 
1 2 1 isopropanol ? ? ? 
1 3 1 HEPES       ? ? ? 
1 4 2 'PEG 4000'  ? ? ? 
1 5 2 isopropanol ? ? ? 
1 6 2 HEPES       ? ? ? 
# 
_diffrn.id                     1 
_diffrn.ambient_temp           100 
_diffrn.ambient_temp_details   ? 
_diffrn.crystal_id             1 
# 
_diffrn_detector.diffrn_id              1 
_diffrn_detector.detector               CCD 
_diffrn_detector.type                   'ADSC QUANTUM 4' 
_diffrn_detector.pdbx_collection_date   2007-04-04 
_diffrn_detector.details                mirrors 
# 
_diffrn_radiation.diffrn_id                        1 
_diffrn_radiation.wavelength_id                    1 
_diffrn_radiation.pdbx_monochromatic_or_laue_m_l   M 
_diffrn_radiation.monochromator                    graphite 
_diffrn_radiation.pdbx_diffrn_protocol             'SINGLE WAVELENGTH' 
_diffrn_radiation.pdbx_scattering_type             x-ray 
# 
_diffrn_radiation_wavelength.id           1 
_diffrn_radiation_wavelength.wavelength   1.03 
_diffrn_radiation_wavelength.wt           1.0 
# 
_diffrn_source.diffrn_id                   1 
_diffrn_source.source                      SYNCHROTRON 
_diffrn_source.type                        'ALS BEAMLINE 8.3.1' 
_diffrn_source.pdbx_synchrotron_site       ALS 
_diffrn_source.pdbx_synchrotron_beamline   8.3.1 
_diffrn_source.pdbx_wavelength             ? 
_diffrn_source.pdbx_wavelength_list        1.03 
# 
_reflns.entry_id                     2Q2K 
_reflns.observed_criterion_sigma_I   0 
_reflns.observed_criterion_sigma_F   0.0 
_reflns.d_resolution_low             77.6 
_reflns.d_resolution_high            3.0 
_reflns.number_obs                   4506 
_reflns.number_all                   4650 
_reflns.percent_possible_obs         97. 
_reflns.pdbx_Rmerge_I_obs            0.058 
_reflns.pdbx_Rsym_value              0.06 
_reflns.pdbx_netI_over_sigmaI        15.0 
_reflns.B_iso_Wilson_estimate        87.0 
_reflns.pdbx_redundancy              3.0 
_reflns.R_free_details               ? 
_reflns.pdbx_chi_squared             ? 
_reflns.pdbx_scaling_rejects         ? 
_reflns.pdbx_diffrn_id               1 
_reflns.pdbx_ordinal                 1 
# 
_reflns_shell.d_res_high             3.00 
_reflns_shell.d_res_low              3.19 
_reflns_shell.percent_possible_all   97 
_reflns_shell.Rmerge_I_obs           .372 
_reflns_shell.pdbx_Rsym_value        0.365 
_reflns_shell.meanI_over_sigI_obs    2.1 
_reflns_shell.pdbx_redundancy        3 
_reflns_shell.percent_possible_obs   ? 
_reflns_shell.number_unique_all      450 
_reflns_shell.number_measured_all    ? 
_reflns_shell.number_measured_obs    ? 
_reflns_shell.number_unique_obs      ? 
_reflns_shell.pdbx_chi_squared       ? 
_reflns_shell.pdbx_diffrn_id         ? 
_reflns_shell.pdbx_ordinal           1 
# 
_refine.entry_id                                 2Q2K 
_refine.ls_number_reflns_obs                     4506 
_refine.ls_number_reflns_all                     4650 
_refine.pdbx_ls_sigma_I                          0.0 
_refine.pdbx_ls_sigma_F                          0.0 
_refine.pdbx_data_cutoff_high_absF               1236191.32 
_refine.pdbx_data_cutoff_low_absF                0.000000 
_refine.pdbx_data_cutoff_high_rms_absF           ? 
_refine.ls_d_res_low                             41.27 
_refine.ls_d_res_high                            3.00 
_refine.ls_percent_reflns_obs                    91.7 
_refine.ls_R_factor_obs                          0.258 
_refine.ls_R_factor_all                          ? 
_refine.ls_R_factor_R_work                       0.258 
_refine.ls_R_factor_R_free                       0.297 
_refine.ls_R_factor_R_free_error                 0.014 
_refine.ls_R_factor_R_free_error_details         ? 
_refine.ls_percent_reflns_R_free                 9.5 
_refine.ls_number_reflns_R_free                  426 
_refine.ls_number_parameters                     ? 
_refine.ls_number_restraints                     ? 
_refine.occupancy_min                            ? 
_refine.occupancy_max                            ? 
_refine.correlation_coeff_Fo_to_Fc               ? 
_refine.correlation_coeff_Fo_to_Fc_free          ? 
_refine.B_iso_mean                               77.4 
_refine.aniso_B[1][1]                            8.22 
_refine.aniso_B[2][2]                            8.22 
_refine.aniso_B[3][3]                            -16.43 
_refine.aniso_B[1][2]                            21.74 
_refine.aniso_B[1][3]                            0.00 
_refine.aniso_B[2][3]                            0.00 
_refine.solvent_model_details                    'FLAT MODEL' 
_refine.solvent_model_param_ksol                 0.342795 
_refine.solvent_model_param_bsol                 50.0649 
_refine.pdbx_solvent_vdw_probe_radii             ? 
_refine.pdbx_solvent_ion_probe_radii             ? 
_refine.pdbx_solvent_shrinkage_radii             ? 
_refine.pdbx_ls_cross_valid_method               THROUGHOUT 
_refine.details                                  ? 
_refine.pdbx_starting_model                      ? 
_refine.pdbx_method_to_determine_struct          MIR 
_refine.pdbx_isotropic_thermal_model             RESTRAINED 
_refine.pdbx_stereochemistry_target_values       'Engh & Huber' 
_refine.pdbx_stereochem_target_val_spec_case     ? 
_refine.pdbx_R_Free_selection_details            RANDOM 
_refine.pdbx_overall_ESU_R                       ? 
_refine.pdbx_overall_ESU_R_Free                  ? 
_refine.overall_SU_ML                            ? 
_refine.overall_SU_B                             ? 
_refine.ls_redundancy_reflns_obs                 ? 
_refine.overall_SU_R_Cruickshank_DPI             ? 
_refine.overall_SU_R_free                        ? 
_refine.ls_wR_factor_R_free                      ? 
_refine.ls_wR_factor_R_work                      ? 
_refine.overall_FOM_free_R_set                   ? 
_refine.overall_FOM_work_R_set                   ? 
_refine.pdbx_overall_phase_error                 ? 
_refine.pdbx_refine_id                           'X-RAY DIFFRACTION' 
_refine.pdbx_diffrn_id                           1 
_refine.pdbx_TLS_residual_ADP_flag               ? 
_refine.pdbx_overall_SU_R_free_Cruickshank_DPI   ? 
_refine.pdbx_overall_SU_R_Blow_DPI               ? 
_refine.pdbx_overall_SU_R_free_Blow_DPI          ? 
# 
_refine_analyze.entry_id                        2Q2K 
_refine_analyze.Luzzati_coordinate_error_obs    0.46 
_refine_analyze.Luzzati_sigma_a_obs             0.58 
_refine_analyze.Luzzati_d_res_low_obs           5.00 
_refine_analyze.Luzzati_coordinate_error_free   0.55 
_refine_analyze.Luzzati_sigma_a_free            0.52 
_refine_analyze.Luzzati_d_res_low_free          ? 
_refine_analyze.number_disordered_residues      ? 
_refine_analyze.occupancy_sum_hydrogen          ? 
_refine_analyze.occupancy_sum_non_hydrogen      ? 
_refine_analyze.pdbx_refine_id                  'X-RAY DIFFRACTION' 
# 
_refine_hist.pdbx_refine_id                   'X-RAY DIFFRACTION' 
_refine_hist.cycle_id                         LAST 
_refine_hist.pdbx_number_atoms_protein        762 
_refine_hist.pdbx_number_atoms_nucleic_acid   407 
_refine_hist.pdbx_number_atoms_ligand         15 
_refine_hist.number_atoms_solvent             0 
_refine_hist.number_atoms_total               1184 
_refine_hist.d_res_high                       3.00 
_refine_hist.d_res_low                        41.27 
# 
loop_
_refine_ls_restr.type 
_refine_ls_restr.dev_ideal 
_refine_ls_restr.dev_ideal_target 
_refine_ls_restr.weight 
_refine_ls_restr.number 
_refine_ls_restr.pdbx_refine_id 
_refine_ls_restr.pdbx_restraint_function 
c_bond_d           0.011 ?    ? ? 'X-RAY DIFFRACTION' ? 
c_angle_deg        1.6   ?    ? ? 'X-RAY DIFFRACTION' ? 
c_dihedral_angle_d 20.8  ?    ? ? 'X-RAY DIFFRACTION' ? 
c_improper_angle_d 1.29  ?    ? ? 'X-RAY DIFFRACTION' ? 
c_mcbond_it        2.63  1.50 ? ? 'X-RAY DIFFRACTION' ? 
c_mcangle_it       4.47  2.00 ? ? 'X-RAY DIFFRACTION' ? 
c_scbond_it        3.66  2.00 ? ? 'X-RAY DIFFRACTION' ? 
c_scangle_it       5.69  2.50 ? ? 'X-RAY DIFFRACTION' ? 
# 
_refine_ls_shell.pdbx_total_number_of_bins_used   6 
_refine_ls_shell.d_res_high                       3.00 
_refine_ls_shell.d_res_low                        3.19 
_refine_ls_shell.number_reflns_R_work             492 
_refine_ls_shell.R_factor_R_work                  0.423 
_refine_ls_shell.percent_reflns_obs               69.5 
_refine_ls_shell.R_factor_R_free                  0.385 
_refine_ls_shell.R_factor_R_free_error            0.061 
_refine_ls_shell.percent_reflns_R_free            9.1 
_refine_ls_shell.number_reflns_R_free             49 
_refine_ls_shell.number_reflns_all                ? 
_refine_ls_shell.R_factor_all                     ? 
_refine_ls_shell.number_reflns_obs                450 
_refine_ls_shell.redundancy_reflns_obs            ? 
_refine_ls_shell.pdbx_refine_id                   'X-RAY DIFFRACTION' 
# 
loop_
_pdbx_xplor_file.serial_no 
_pdbx_xplor_file.param_file 
_pdbx_xplor_file.topol_file 
_pdbx_xplor_file.pdbx_refine_id 
1 protein_rep.param protein.top 'X-RAY DIFFRACTION' 
2 water_rep.param   water.top   'X-RAY DIFFRACTION' 
3 ion.param         ion.top     'X-RAY DIFFRACTION' 
4 dna-rna.param.txt dna-rna.top 'X-RAY DIFFRACTION' 
5 hepes.param       hepes.top   'X-RAY DIFFRACTION' 
# 
_struct.entry_id                  2Q2K 
_struct.title                     'Structure of nucleic-acid binding protein' 
_struct.pdbx_model_details        ? 
_struct.pdbx_CASP_flag            ? 
_struct.pdbx_model_type_details   ? 
# 
_struct_keywords.entry_id        2Q2K 
_struct_keywords.pdbx_keywords   'DNA BINDING PROTEIN/DNA' 
_struct_keywords.text            'protein-DNA, partition, segregation, parB, DNA BINDING PROTEIN-DNA COMPLEX' 
# 
loop_
_struct_asym.id 
_struct_asym.pdbx_blank_PDB_chainid_flag 
_struct_asym.pdbx_modified 
_struct_asym.entity_id 
_struct_asym.details 
A N N 1 ? 
B N N 2 ? 
C N N 2 ? 
D N N 3 ? 
# 
loop_
_struct_ref.id 
_struct_ref.db_name 
_struct_ref.db_code 
_struct_ref.pdbx_db_accession 
_struct_ref.entity_id 
_struct_ref.pdbx_seq_one_letter_code 
_struct_ref.pdbx_align_begin 
_struct_ref.pdbx_db_isoform 
1 UNP Q2FDA3_STAA3 Q2FDA3 2 MDKKETKHLLKIKKEDYPQIFDFLENVPRGTKTAHIREALRRYIEEIGENP 1 ? 
2 PDB 2Q2K         2Q2K   1 ?                                                   ? ? 
# 
loop_
_struct_ref_seq.align_id 
_struct_ref_seq.ref_id 
_struct_ref_seq.pdbx_PDB_id_code 
_struct_ref_seq.pdbx_strand_id 
_struct_ref_seq.seq_align_beg 
_struct_ref_seq.pdbx_seq_align_beg_ins_code 
_struct_ref_seq.seq_align_end 
_struct_ref_seq.pdbx_seq_align_end_ins_code 
_struct_ref_seq.pdbx_db_accession 
_struct_ref_seq.db_align_beg 
_struct_ref_seq.pdbx_db_align_beg_ins_code 
_struct_ref_seq.db_align_end 
_struct_ref_seq.pdbx_db_align_end_ins_code 
_struct_ref_seq.pdbx_auth_seq_align_beg 
_struct_ref_seq.pdbx_auth_seq_align_end 
1 1 2Q2K A 20 ? 70 ? Q2FDA3 1  ? 51 ? 1  51 
2 1 2Q2K B 20 ? 70 ? Q2FDA3 1  ? 51 ? 1  51 
3 2 2Q2K F 1  ? 20 ? 2Q2K   12 ? 31 ? 12 31 
# 
loop_
_struct_ref_seq_dif.align_id 
_struct_ref_seq_dif.pdbx_pdb_id_code 
_struct_ref_seq_dif.mon_id 
_struct_ref_seq_dif.pdbx_pdb_strand_id 
_struct_ref_seq_dif.seq_num 
_struct_ref_seq_dif.pdbx_pdb_ins_code 
_struct_ref_seq_dif.pdbx_seq_db_name 
_struct_ref_seq_dif.pdbx_seq_db_accession_code 
_struct_ref_seq_dif.db_mon_id 
_struct_ref_seq_dif.pdbx_seq_db_seq_num 
_struct_ref_seq_dif.details 
_struct_ref_seq_dif.pdbx_auth_seq_num 
_struct_ref_seq_dif.pdbx_ordinal 
1 2Q2K MET A 1  ? UNP Q2FDA3 ? ? 'expression tag' -18 1  
1 2Q2K GLY A 2  ? UNP Q2FDA3 ? ? 'expression tag' -17 2  
1 2Q2K SER A 3  ? UNP Q2FDA3 ? ? 'expression tag' -16 3  
1 2Q2K SER A 4  ? UNP Q2FDA3 ? ? 'expression tag' -15 4  
1 2Q2K HIS A 5  ? UNP Q2FDA3 ? ? 'expression tag' -14 5  
1 2Q2K HIS A 6  ? UNP Q2FDA3 ? ? 'expression tag' -13 6  
1 2Q2K HIS A 7  ? UNP Q2FDA3 ? ? 'expression tag' -12 7  
1 2Q2K HIS A 8  ? UNP Q2FDA3 ? ? 'expression tag' -11 8  
1 2Q2K HIS A 9  ? UNP Q2FDA3 ? ? 'expression tag' -10 9  
1 2Q2K HIS A 10 ? UNP Q2FDA3 ? ? 'expression tag' -9  10 
1 2Q2K SER A 11 ? UNP Q2FDA3 ? ? 'expression tag' -8  11 
1 2Q2K SER A 12 ? UNP Q2FDA3 ? ? 'expression tag' -7  12 
1 2Q2K GLY A 13 ? UNP Q2FDA3 ? ? 'expression tag' -6  13 
1 2Q2K LEU A 14 ? UNP Q2FDA3 ? ? 'expression tag' -5  14 
1 2Q2K VAL A 15 ? UNP Q2FDA3 ? ? 'expression tag' -4  15 
1 2Q2K PRO A 16 ? UNP Q2FDA3 ? ? 'expression tag' -3  16 
1 2Q2K GLY A 17 ? UNP Q2FDA3 ? ? 'expression tag' -2  17 
1 2Q2K SER A 18 ? UNP Q2FDA3 ? ? 'expression tag' -1  18 
1 2Q2K HIS A 19 ? UNP Q2FDA3 ? ? 'expression tag' 0   19 
2 2Q2K MET B 1  ? UNP Q2FDA3 ? ? 'expression tag' -18 20 
2 2Q2K GLY B 2  ? UNP Q2FDA3 ? ? 'expression tag' -17 21 
2 2Q2K SER B 3  ? UNP Q2FDA3 ? ? 'expression tag' -16 22 
2 2Q2K SER B 4  ? UNP Q2FDA3 ? ? 'expression tag' -15 23 
2 2Q2K HIS B 5  ? UNP Q2FDA3 ? ? 'expression tag' -14 24 
2 2Q2K HIS B 6  ? UNP Q2FDA3 ? ? 'expression tag' -13 25 
2 2Q2K HIS B 7  ? UNP Q2FDA3 ? ? 'expression tag' -12 26 
2 2Q2K HIS B 8  ? UNP Q2FDA3 ? ? 'expression tag' -11 27 
2 2Q2K HIS B 9  ? UNP Q2FDA3 ? ? 'expression tag' -10 28 
2 2Q2K HIS B 10 ? UNP Q2FDA3 ? ? 'expression tag' -9  29 
2 2Q2K SER B 11 ? UNP Q2FDA3 ? ? 'expression tag' -8  30 
2 2Q2K SER B 12 ? UNP Q2FDA3 ? ? 'expression tag' -7  31 
2 2Q2K GLY B 13 ? UNP Q2FDA3 ? ? 'expression tag' -6  32 
2 2Q2K LEU B 14 ? UNP Q2FDA3 ? ? 'expression tag' -5  33 
2 2Q2K VAL B 15 ? UNP Q2FDA3 ? ? 'expression tag' -4  34 
2 2Q2K PRO B 16 ? UNP Q2FDA3 ? ? 'expression tag' -3  35 
2 2Q2K GLY B 17 ? UNP Q2FDA3 ? ? 'expression tag' -2  36 
2 2Q2K SER B 18 ? UNP Q2FDA3 ? ? 'expression tag' -1  37 
2 2Q2K HIS B 19 ? UNP Q2FDA3 ? ? 'expression tag' 0   38 
# 
_pdbx_struct_assembly.id                   1 
_pdbx_struct_assembly.details              author_defined_assembly 
_pdbx_struct_assembly.method_details       ? 
_pdbx_struct_assembly.oligomeric_details   hexameric 
_pdbx_struct_assembly.oligomeric_count     6 
# 
_pdbx_struct_assembly_gen.assembly_id       1 
_pdbx_struct_assembly_gen.oper_expression   1,2 
_pdbx_struct_assembly_gen.asym_id_list      A,B,C,D 
# 
loop_
_pdbx_struct_oper_list.id 
_pdbx_struct_oper_list.type 
_pdbx_struct_oper_list.name 
_pdbx_struct_oper_list.symmetry_operation 
_pdbx_struct_oper_list.matrix[1][1] 
_pdbx_struct_oper_list.matrix[1][2] 
_pdbx_struct_oper_list.matrix[1][3] 
_pdbx_struct_oper_list.vector[1] 
_pdbx_struct_oper_list.matrix[2][1] 
_pdbx_struct_oper_list.matrix[2][2] 
_pdbx_struct_oper_list.matrix[2][3] 
_pdbx_struct_oper_list.vector[2] 
_pdbx_struct_oper_list.matrix[3][1] 
_pdbx_struct_oper_list.matrix[3][2] 
_pdbx_struct_oper_list.matrix[3][3] 
_pdbx_struct_oper_list.vector[3] 
1 'identity operation'         1_555  x,y,z            1.0000000000  0.0000000000 0.0000000000 0.0000000000 0.0000000000 1.0000000000  0.0000000000 0.0000000000   0.0000000000 0.0000000000 1.0000000000  0.0000000000  
2 'crystal symmetry operation' 10_665 -y+1,-x+1,-z+1/6 -0.1696633325 0.5137266286 0.8410108826 1.7585118112 0.5137266286 -0.6821589853 0.5203307312 -24.7355039472 0.8410108826 0.5203307312 -0.1481776822 13.3733468202 
# 
_struct_biol.id        1 
_struct_biol.details   ? 
# 
loop_
_struct_conf.conf_type_id 
_struct_conf.id 
_struct_conf.pdbx_PDB_helix_id 
_struct_conf.beg_label_comp_id 
_struct_conf.beg_label_asym_id 
_struct_conf.beg_label_seq_id 
_struct_conf.pdbx_beg_PDB_ins_code 
_struct_conf.end_label_comp_id 
_struct_conf.end_label_asym_id 
_struct_conf.end_label_seq_id 
_struct_conf.pdbx_end_PDB_ins_code 
_struct_conf.beg_auth_comp_id 
_struct_conf.beg_auth_asym_id 
_struct_conf.beg_auth_seq_id 
_struct_conf.end_auth_comp_id 
_struct_conf.end_auth_asym_id 
_struct_conf.end_auth_seq_id 
_struct_conf.pdbx_PDB_helix_class 
_struct_conf.details 
_struct_conf.pdbx_PDB_helix_length 
HELX_P HELX_P1 1 TYR B 36 ? GLU B 44 ? TYR A 17 GLU A 25 1 ? 9  
HELX_P HELX_P2 2 THR B 50 ? ILE B 66 ? THR A 31 ILE A 47 1 ? 17 
HELX_P HELX_P3 3 TYR C 36 ? VAL C 46 ? TYR B 17 VAL B 27 1 ? 11 
HELX_P HELX_P4 4 THR C 50 ? GLU C 65 ? THR B 31 GLU B 46 1 ? 16 
# 
_struct_conf_type.id          HELX_P 
_struct_conf_type.criteria    ? 
_struct_conf_type.reference   ? 
# 
loop_
_struct_conn.id 
_struct_conn.conn_type_id 
_struct_conn.pdbx_leaving_atom_flag 
_struct_conn.pdbx_PDB_id 
_struct_conn.ptnr1_label_asym_id 
_struct_conn.ptnr1_label_comp_id 
_struct_conn.ptnr1_label_seq_id 
_struct_conn.ptnr1_label_atom_id 
_struct_conn.pdbx_ptnr1_label_alt_id 
_struct_conn.pdbx_ptnr1_PDB_ins_code 
_struct_conn.pdbx_ptnr1_standard_comp_id 
_struct_conn.ptnr1_symmetry 
_struct_conn.ptnr2_label_asym_id 
_struct_conn.ptnr2_label_comp_id 
_struct_conn.ptnr2_label_seq_id 
_struct_conn.ptnr2_label_atom_id 
_struct_conn.pdbx_ptnr2_label_alt_id 
_struct_conn.pdbx_ptnr2_PDB_ins_code 
_struct_conn.ptnr1_auth_asym_id 
_struct_conn.ptnr1_auth_comp_id 
_struct_conn.ptnr1_auth_seq_id 
_struct_conn.ptnr2_auth_asym_id 
_struct_conn.ptnr2_auth_comp_id 
_struct_conn.ptnr2_auth_seq_id 
_struct_conn.ptnr2_symmetry 
_struct_conn.pdbx_ptnr3_label_atom_id 
_struct_conn.pdbx_ptnr3_label_seq_id 
_struct_conn.pdbx_ptnr3_label_comp_id 
_struct_conn.pdbx_ptnr3_label_asym_id 
_struct_conn.pdbx_ptnr3_label_alt_id 
_struct_conn.pdbx_ptnr3_PDB_ins_code 
_struct_conn.details 
_struct_conn.pdbx_dist_value 
_struct_conn.pdbx_value_order 
_struct_conn.pdbx_role 
covale1  covale both ? A DA  6  "O3'" ? ? ? 1_555 A 5IU 7  P  ? ? F DA  17 F 5IU 18 1_555  ? ? ? ? ? ? ?            1.606 ? ? 
covale2  covale both ? A 5IU 7  "O3'" ? ? ? 1_555 A DA  8  P  ? ? F 5IU 18 F DA  19 1_555  ? ? ? ? ? ? ?            1.612 ? ? 
covale3  covale both ? A DC  9  "O3'" ? ? ? 1_555 A 5IU 10 P  ? ? F DC  20 F 5IU 21 1_555  ? ? ? ? ? ? ?            1.593 ? ? 
covale4  covale both ? A 5IU 10 "O3'" ? ? ? 1_555 A DA  11 P  ? ? F 5IU 21 F DA  22 1_555  ? ? ? ? ? ? ?            1.606 ? ? 
hydrog1  hydrog ?    ? A DA  1  N1    ? ? ? 1_555 A DT  20 N3 ? ? F DA  12 F DT  31 10_665 ? ? ? ? ? ? WATSON-CRICK ?     ? ? 
hydrog2  hydrog ?    ? A DA  1  N6    ? ? ? 1_555 A DT  20 O4 ? ? F DA  12 F DT  31 10_665 ? ? ? ? ? ? WATSON-CRICK ?     ? ? 
hydrog3  hydrog ?    ? A DG  2  N1    ? ? ? 1_555 A DC  19 N3 ? ? F DG  13 F DC  30 10_665 ? ? ? ? ? ? 'DG-DC PAIR' ?     ? ? 
hydrog4  hydrog ?    ? A DT  3  N3    ? ? ? 1_555 A DA  18 N1 ? ? F DT  14 F DA  29 10_665 ? ? ? ? ? ? WATSON-CRICK ?     ? ? 
hydrog5  hydrog ?    ? A DT  3  O4    ? ? ? 1_555 A DA  18 N6 ? ? F DT  14 F DA  29 10_665 ? ? ? ? ? ? WATSON-CRICK ?     ? ? 
hydrog6  hydrog ?    ? A DA  4  N1    ? ? ? 1_555 A DT  17 N3 ? ? F DA  15 F DT  28 10_665 ? ? ? ? ? ? 'DA-DT PAIR' ?     ? ? 
hydrog7  hydrog ?    ? A DT  5  N3    ? ? ? 1_555 A DA  16 N1 ? ? F DT  16 F DA  27 10_665 ? ? ? ? ? ? WATSON-CRICK ?     ? ? 
hydrog8  hydrog ?    ? A DT  5  O4    ? ? ? 1_555 A DA  16 N6 ? ? F DT  16 F DA  27 10_665 ? ? ? ? ? ? WATSON-CRICK ?     ? ? 
hydrog9  hydrog ?    ? A DA  6  N1    ? ? ? 1_555 A DT  15 N3 ? ? F DA  17 F DT  26 10_665 ? ? ? ? ? ? WATSON-CRICK ?     ? ? 
hydrog10 hydrog ?    ? A DA  6  N6    ? ? ? 1_555 A DT  15 O4 ? ? F DA  17 F DT  26 10_665 ? ? ? ? ? ? WATSON-CRICK ?     ? ? 
hydrog11 hydrog ?    ? A 5IU 7  N3    ? ? ? 1_555 A DA  14 N1 ? ? F 5IU 18 F DA  25 10_665 ? ? ? ? ? ? WATSON-CRICK ?     ? ? 
hydrog12 hydrog ?    ? A 5IU 7  O4    ? ? ? 1_555 A DA  14 N6 ? ? F 5IU 18 F DA  25 10_665 ? ? ? ? ? ? WATSON-CRICK ?     ? ? 
hydrog13 hydrog ?    ? A DA  8  N1    ? ? ? 1_555 A DT  13 N3 ? ? F DA  19 F DT  24 10_665 ? ? ? ? ? ? 'DA-DT PAIR' ?     ? ? 
hydrog14 hydrog ?    ? A DC  9  N3    ? ? ? 1_555 A DG  12 N1 ? ? F DC  20 F DG  23 10_665 ? ? ? ? ? ? WATSON-CRICK ?     ? ? 
hydrog15 hydrog ?    ? A DC  9  N4    ? ? ? 1_555 A DG  12 O6 ? ? F DC  20 F DG  23 10_665 ? ? ? ? ? ? WATSON-CRICK ?     ? ? 
hydrog16 hydrog ?    ? A DC  9  O2    ? ? ? 1_555 A DG  12 N2 ? ? F DC  20 F DG  23 10_665 ? ? ? ? ? ? WATSON-CRICK ?     ? ? 
hydrog17 hydrog ?    ? A 5IU 10 N3    ? ? ? 1_555 A DA  11 N1 ? ? F 5IU 21 F DA  22 10_665 ? ? ? ? ? ? WATSON-CRICK ?     ? ? 
hydrog18 hydrog ?    ? A 5IU 10 O4    ? ? ? 1_555 A DA  11 N6 ? ? F 5IU 21 F DA  22 10_665 ? ? ? ? ? ? WATSON-CRICK ?     ? ? 
hydrog19 hydrog ?    ? A DA  11 N1    ? ? ? 1_555 A 5IU 10 N3 ? ? F DA  22 F 5IU 21 10_665 ? ? ? ? ? ? WATSON-CRICK ?     ? ? 
hydrog20 hydrog ?    ? A DA  11 N6    ? ? ? 1_555 A 5IU 10 O4 ? ? F DA  22 F 5IU 21 10_665 ? ? ? ? ? ? WATSON-CRICK ?     ? ? 
hydrog21 hydrog ?    ? A DG  12 N1    ? ? ? 1_555 A DC  9  N3 ? ? F DG  23 F DC  20 10_665 ? ? ? ? ? ? WATSON-CRICK ?     ? ? 
hydrog22 hydrog ?    ? A DG  12 N2    ? ? ? 1_555 A DC  9  O2 ? ? F DG  23 F DC  20 10_665 ? ? ? ? ? ? WATSON-CRICK ?     ? ? 
hydrog23 hydrog ?    ? A DG  12 O6    ? ? ? 1_555 A DC  9  N4 ? ? F DG  23 F DC  20 10_665 ? ? ? ? ? ? WATSON-CRICK ?     ? ? 
hydrog24 hydrog ?    ? A DT  13 N3    ? ? ? 1_555 A DA  8  N1 ? ? F DT  24 F DA  19 10_665 ? ? ? ? ? ? 'DT-DA PAIR' ?     ? ? 
hydrog25 hydrog ?    ? A DA  14 N1    ? ? ? 1_555 A 5IU 7  N3 ? ? F DA  25 F 5IU 18 10_665 ? ? ? ? ? ? WATSON-CRICK ?     ? ? 
hydrog26 hydrog ?    ? A DA  14 N6    ? ? ? 1_555 A 5IU 7  O4 ? ? F DA  25 F 5IU 18 10_665 ? ? ? ? ? ? WATSON-CRICK ?     ? ? 
hydrog27 hydrog ?    ? A DT  15 N3    ? ? ? 1_555 A DA  6  N1 ? ? F DT  26 F DA  17 10_665 ? ? ? ? ? ? WATSON-CRICK ?     ? ? 
hydrog28 hydrog ?    ? A DT  15 O4    ? ? ? 1_555 A DA  6  N6 ? ? F DT  26 F DA  17 10_665 ? ? ? ? ? ? WATSON-CRICK ?     ? ? 
hydrog29 hydrog ?    ? A DA  16 N1    ? ? ? 1_555 A DT  5  N3 ? ? F DA  27 F DT  16 10_665 ? ? ? ? ? ? WATSON-CRICK ?     ? ? 
hydrog30 hydrog ?    ? A DA  16 N6    ? ? ? 1_555 A DT  5  O4 ? ? F DA  27 F DT  16 10_665 ? ? ? ? ? ? WATSON-CRICK ?     ? ? 
hydrog31 hydrog ?    ? A DT  17 N3    ? ? ? 1_555 A DA  4  N1 ? ? F DT  28 F DA  15 10_665 ? ? ? ? ? ? 'DT-DA PAIR' ?     ? ? 
hydrog32 hydrog ?    ? A DA  18 N1    ? ? ? 1_555 A DT  3  N3 ? ? F DA  29 F DT  14 10_665 ? ? ? ? ? ? WATSON-CRICK ?     ? ? 
hydrog33 hydrog ?    ? A DA  18 N6    ? ? ? 1_555 A DT  3  O4 ? ? F DA  29 F DT  14 10_665 ? ? ? ? ? ? WATSON-CRICK ?     ? ? 
hydrog34 hydrog ?    ? A DC  19 O2    ? ? ? 1_555 A DG  2  N2 ? ? F DC  30 F DG  13 10_665 ? ? ? ? ? ? 'DC-DG PAIR' ?     ? ? 
hydrog35 hydrog ?    ? A DT  20 N3    ? ? ? 1_555 A DA  1  N1 ? ? F DT  31 F DA  12 10_665 ? ? ? ? ? ? WATSON-CRICK ?     ? ? 
hydrog36 hydrog ?    ? A DT  20 O4    ? ? ? 1_555 A DA  1  N6 ? ? F DT  31 F DA  12 10_665 ? ? ? ? ? ? WATSON-CRICK ?     ? ? 
# 
loop_
_struct_conn_type.id 
_struct_conn_type.criteria 
_struct_conn_type.reference 
covale ? ? 
hydrog ? ? 
# 
_struct_sheet.id               A 
_struct_sheet.type             ? 
_struct_sheet.number_strands   2 
_struct_sheet.details          ? 
# 
_struct_sheet_order.sheet_id     A 
_struct_sheet_order.range_id_1   1 
_struct_sheet_order.range_id_2   2 
_struct_sheet_order.offset       ? 
_struct_sheet_order.sense        anti-parallel 
# 
loop_
_struct_sheet_range.sheet_id 
_struct_sheet_range.id 
_struct_sheet_range.beg_label_comp_id 
_struct_sheet_range.beg_label_asym_id 
_struct_sheet_range.beg_label_seq_id 
_struct_sheet_range.pdbx_beg_PDB_ins_code 
_struct_sheet_range.end_label_comp_id 
_struct_sheet_range.end_label_asym_id 
_struct_sheet_range.end_label_seq_id 
_struct_sheet_range.pdbx_end_PDB_ins_code 
_struct_sheet_range.beg_auth_comp_id 
_struct_sheet_range.beg_auth_asym_id 
_struct_sheet_range.beg_auth_seq_id 
_struct_sheet_range.end_auth_comp_id 
_struct_sheet_range.end_auth_asym_id 
_struct_sheet_range.end_auth_seq_id 
A 1 GLU B 24 ? LYS B 32 ? GLU A 5 LYS A 13 
A 2 GLU C 24 ? LYS C 32 ? GLU B 5 LYS B 13 
# 
_pdbx_struct_sheet_hbond.sheet_id                A 
_pdbx_struct_sheet_hbond.range_id_1              1 
_pdbx_struct_sheet_hbond.range_id_2              2 
_pdbx_struct_sheet_hbond.range_1_label_atom_id   N 
_pdbx_struct_sheet_hbond.range_1_label_comp_id   HIS 
_pdbx_struct_sheet_hbond.range_1_label_asym_id   B 
_pdbx_struct_sheet_hbond.range_1_label_seq_id    27 
_pdbx_struct_sheet_hbond.range_1_PDB_ins_code    ? 
_pdbx_struct_sheet_hbond.range_1_auth_atom_id    N 
_pdbx_struct_sheet_hbond.range_1_auth_comp_id    HIS 
_pdbx_struct_sheet_hbond.range_1_auth_asym_id    A 
_pdbx_struct_sheet_hbond.range_1_auth_seq_id     8 
_pdbx_struct_sheet_hbond.range_2_label_atom_id   O 
_pdbx_struct_sheet_hbond.range_2_label_comp_id   LEU 
_pdbx_struct_sheet_hbond.range_2_label_asym_id   C 
_pdbx_struct_sheet_hbond.range_2_label_seq_id    29 
_pdbx_struct_sheet_hbond.range_2_PDB_ins_code    ? 
_pdbx_struct_sheet_hbond.range_2_auth_atom_id    O 
_pdbx_struct_sheet_hbond.range_2_auth_comp_id    LEU 
_pdbx_struct_sheet_hbond.range_2_auth_asym_id    B 
_pdbx_struct_sheet_hbond.range_2_auth_seq_id     10 
# 
_struct_site.id                   AC1 
_struct_site.pdbx_evidence_code   Software 
_struct_site.pdbx_auth_asym_id    A 
_struct_site.pdbx_auth_comp_id    EPE 
_struct_site.pdbx_auth_seq_id     3022 
_struct_site.pdbx_auth_ins_code   ? 
_struct_site.pdbx_num_residues    1 
_struct_site.details              'BINDING SITE FOR RESIDUE EPE A 3022' 
# 
_struct_site_gen.id                   1 
_struct_site_gen.site_id              AC1 
_struct_site_gen.pdbx_num_res         1 
_struct_site_gen.label_comp_id        PRO 
_struct_site_gen.label_asym_id        B 
_struct_site_gen.label_seq_id         47 
_struct_site_gen.pdbx_auth_ins_code   ? 
_struct_site_gen.auth_comp_id         PRO 
_struct_site_gen.auth_asym_id         A 
_struct_site_gen.auth_seq_id          28 
_struct_site_gen.label_atom_id        . 
_struct_site_gen.label_alt_id         ? 
_struct_site_gen.symmetry             1_555 
_struct_site_gen.details              ? 
# 
_pdbx_validate_symm_contact.id                1 
_pdbx_validate_symm_contact.PDB_model_num     1 
_pdbx_validate_symm_contact.auth_atom_id_1    O3S 
_pdbx_validate_symm_contact.auth_asym_id_1    A 
_pdbx_validate_symm_contact.auth_comp_id_1    EPE 
_pdbx_validate_symm_contact.auth_seq_id_1     3022 
_pdbx_validate_symm_contact.PDB_ins_code_1    ? 
_pdbx_validate_symm_contact.label_alt_id_1    ? 
_pdbx_validate_symm_contact.site_symmetry_1   1_555 
_pdbx_validate_symm_contact.auth_atom_id_2    O3S 
_pdbx_validate_symm_contact.auth_asym_id_2    A 
_pdbx_validate_symm_contact.auth_comp_id_2    EPE 
_pdbx_validate_symm_contact.auth_seq_id_2     3022 
_pdbx_validate_symm_contact.PDB_ins_code_2    ? 
_pdbx_validate_symm_contact.label_alt_id_2    ? 
_pdbx_validate_symm_contact.site_symmetry_2   10_665 
_pdbx_validate_symm_contact.dist              1.75 
# 
loop_
_pdbx_validate_torsion.id 
_pdbx_validate_torsion.PDB_model_num 
_pdbx_validate_torsion.auth_comp_id 
_pdbx_validate_torsion.auth_asym_id 
_pdbx_validate_torsion.auth_seq_id 
_pdbx_validate_torsion.PDB_ins_code 
_pdbx_validate_torsion.label_alt_id 
_pdbx_validate_torsion.phi 
_pdbx_validate_torsion.psi 
1 1 PHE A 21 ? ? -38.20 -70.74 
2 1 PHE A 23 ? ? -63.67 -73.32 
3 1 ILE A 44 ? ? -31.18 -81.09 
4 1 ILE A 47 ? ? -79.74 -99.60 
5 1 LYS B 14 ? ? -35.12 -81.55 
6 1 GLU B 46 ? ? -63.47 37.20  
# 
_pdbx_validate_planes.id              1 
_pdbx_validate_planes.PDB_model_num   1 
_pdbx_validate_planes.auth_comp_id    DT 
_pdbx_validate_planes.auth_asym_id    F 
_pdbx_validate_planes.auth_seq_id     31 
_pdbx_validate_planes.PDB_ins_code    ? 
_pdbx_validate_planes.label_alt_id    ? 
_pdbx_validate_planes.rmsd            0.066 
_pdbx_validate_planes.type            'SIDE CHAIN' 
# 
loop_
_pdbx_struct_mod_residue.id 
_pdbx_struct_mod_residue.label_asym_id 
_pdbx_struct_mod_residue.label_comp_id 
_pdbx_struct_mod_residue.label_seq_id 
_pdbx_struct_mod_residue.auth_asym_id 
_pdbx_struct_mod_residue.auth_comp_id 
_pdbx_struct_mod_residue.auth_seq_id 
_pdbx_struct_mod_residue.PDB_ins_code 
_pdbx_struct_mod_residue.parent_comp_id 
_pdbx_struct_mod_residue.details 
1 A 5IU 7  F 5IU 18 ? DU "5-IODO-2'-DEOXYURIDINE-5'-MONOPHOSPHATE" 
2 A 5IU 10 F 5IU 21 ? DU "5-IODO-2'-DEOXYURIDINE-5'-MONOPHOSPHATE" 
# 
loop_
_pdbx_unobs_or_zero_occ_residues.id 
_pdbx_unobs_or_zero_occ_residues.PDB_model_num 
_pdbx_unobs_or_zero_occ_residues.polymer_flag 
_pdbx_unobs_or_zero_occ_residues.occupancy_flag 
_pdbx_unobs_or_zero_occ_residues.auth_asym_id 
_pdbx_unobs_or_zero_occ_residues.auth_comp_id 
_pdbx_unobs_or_zero_occ_residues.auth_seq_id 
_pdbx_unobs_or_zero_occ_residues.PDB_ins_code 
_pdbx_unobs_or_zero_occ_residues.label_asym_id 
_pdbx_unobs_or_zero_occ_residues.label_comp_id 
_pdbx_unobs_or_zero_occ_residues.label_seq_id 
1  1 Y 1 A MET -18 ? B MET 1  
2  1 Y 1 A GLY -17 ? B GLY 2  
3  1 Y 1 A SER -16 ? B SER 3  
4  1 Y 1 A SER -15 ? B SER 4  
5  1 Y 1 A HIS -14 ? B HIS 5  
6  1 Y 1 A HIS -13 ? B HIS 6  
7  1 Y 1 A HIS -12 ? B HIS 7  
8  1 Y 1 A HIS -11 ? B HIS 8  
9  1 Y 1 A HIS -10 ? B HIS 9  
10 1 Y 1 A HIS -9  ? B HIS 10 
11 1 Y 1 A SER -8  ? B SER 11 
12 1 Y 1 A SER -7  ? B SER 12 
13 1 Y 1 A GLY -6  ? B GLY 13 
14 1 Y 1 A LEU -5  ? B LEU 14 
15 1 Y 1 A VAL -4  ? B VAL 15 
16 1 Y 1 A PRO -3  ? B PRO 16 
17 1 Y 1 A GLY -2  ? B GLY 17 
18 1 Y 1 A SER -1  ? B SER 18 
19 1 Y 1 A HIS 0   ? B HIS 19 
20 1 Y 1 A MET 1   ? B MET 20 
21 1 Y 1 A ASP 2   ? B ASP 21 
22 1 Y 1 A LYS 3   ? B LYS 22 
23 1 Y 1 A GLU 49  ? B GLU 68 
24 1 Y 1 A ASN 50  ? B ASN 69 
25 1 Y 1 A PRO 51  ? B PRO 70 
26 1 Y 1 B MET -18 ? C MET 1  
27 1 Y 1 B GLY -17 ? C GLY 2  
28 1 Y 1 B SER -16 ? C SER 3  
29 1 Y 1 B SER -15 ? C SER 4  
30 1 Y 1 B HIS -14 ? C HIS 5  
31 1 Y 1 B HIS -13 ? C HIS 6  
32 1 Y 1 B HIS -12 ? C HIS 7  
33 1 Y 1 B HIS -11 ? C HIS 8  
34 1 Y 1 B HIS -10 ? C HIS 9  
35 1 Y 1 B HIS -9  ? C HIS 10 
36 1 Y 1 B SER -8  ? C SER 11 
37 1 Y 1 B SER -7  ? C SER 12 
38 1 Y 1 B GLY -6  ? C GLY 13 
39 1 Y 1 B LEU -5  ? C LEU 14 
40 1 Y 1 B VAL -4  ? C VAL 15 
41 1 Y 1 B PRO -3  ? C PRO 16 
42 1 Y 1 B GLY -2  ? C GLY 17 
43 1 Y 1 B SER -1  ? C SER 18 
44 1 Y 1 B HIS 0   ? C HIS 19 
45 1 Y 1 B MET 1   ? C MET 20 
46 1 Y 1 B ASP 2   ? C ASP 21 
47 1 Y 1 B LYS 3   ? C LYS 22 
48 1 Y 1 B GLY 48  ? C GLY 67 
49 1 Y 1 B GLU 49  ? C GLU 68 
50 1 Y 1 B ASN 50  ? C ASN 69 
51 1 Y 1 B PRO 51  ? C PRO 70 
# 
loop_
_chem_comp_atom.comp_id 
_chem_comp_atom.atom_id 
_chem_comp_atom.type_symbol 
_chem_comp_atom.pdbx_aromatic_flag 
_chem_comp_atom.pdbx_stereo_config 
_chem_comp_atom.pdbx_ordinal 
5IU N1     N N N 1   
5IU C2     C N N 2   
5IU N3     N N N 3   
5IU C4     C N N 4   
5IU C5     C N N 5   
5IU C6     C N N 6   
5IU O2     O N N 7   
5IU O4     O N N 8   
5IU I5     I N N 9   
5IU "C1'"  C N R 10  
5IU "C2'"  C N N 11  
5IU "C3'"  C N S 12  
5IU "C4'"  C N R 13  
5IU "O3'"  O N N 14  
5IU "O4'"  O N N 15  
5IU "C5'"  C N N 16  
5IU "O5'"  O N N 17  
5IU P      P N N 18  
5IU OP1    O N N 19  
5IU OP2    O N N 20  
5IU OP3    O N N 21  
5IU HN3    H N N 22  
5IU H6     H N N 23  
5IU "H1'"  H N N 24  
5IU "H2'"  H N N 25  
5IU "H2''" H N N 26  
5IU "H3'"  H N N 27  
5IU "H4'"  H N N 28  
5IU "HO3'" H N N 29  
5IU "H5'"  H N N 30  
5IU "H5''" H N N 31  
5IU HOP2   H N N 32  
5IU HOP3   H N N 33  
ALA N      N N N 34  
ALA CA     C N S 35  
ALA C      C N N 36  
ALA O      O N N 37  
ALA CB     C N N 38  
ALA OXT    O N N 39  
ALA H      H N N 40  
ALA H2     H N N 41  
ALA HA     H N N 42  
ALA HB1    H N N 43  
ALA HB2    H N N 44  
ALA HB3    H N N 45  
ALA HXT    H N N 46  
ARG N      N N N 47  
ARG CA     C N S 48  
ARG C      C N N 49  
ARG O      O N N 50  
ARG CB     C N N 51  
ARG CG     C N N 52  
ARG CD     C N N 53  
ARG NE     N N N 54  
ARG CZ     C N N 55  
ARG NH1    N N N 56  
ARG NH2    N N N 57  
ARG OXT    O N N 58  
ARG H      H N N 59  
ARG H2     H N N 60  
ARG HA     H N N 61  
ARG HB2    H N N 62  
ARG HB3    H N N 63  
ARG HG2    H N N 64  
ARG HG3    H N N 65  
ARG HD2    H N N 66  
ARG HD3    H N N 67  
ARG HE     H N N 68  
ARG HH11   H N N 69  
ARG HH12   H N N 70  
ARG HH21   H N N 71  
ARG HH22   H N N 72  
ARG HXT    H N N 73  
ASN N      N N N 74  
ASN CA     C N S 75  
ASN C      C N N 76  
ASN O      O N N 77  
ASN CB     C N N 78  
ASN CG     C N N 79  
ASN OD1    O N N 80  
ASN ND2    N N N 81  
ASN OXT    O N N 82  
ASN H      H N N 83  
ASN H2     H N N 84  
ASN HA     H N N 85  
ASN HB2    H N N 86  
ASN HB3    H N N 87  
ASN HD21   H N N 88  
ASN HD22   H N N 89  
ASN HXT    H N N 90  
ASP N      N N N 91  
ASP CA     C N S 92  
ASP C      C N N 93  
ASP O      O N N 94  
ASP CB     C N N 95  
ASP CG     C N N 96  
ASP OD1    O N N 97  
ASP OD2    O N N 98  
ASP OXT    O N N 99  
ASP H      H N N 100 
ASP H2     H N N 101 
ASP HA     H N N 102 
ASP HB2    H N N 103 
ASP HB3    H N N 104 
ASP HD2    H N N 105 
ASP HXT    H N N 106 
DA  OP3    O N N 107 
DA  P      P N N 108 
DA  OP1    O N N 109 
DA  OP2    O N N 110 
DA  "O5'"  O N N 111 
DA  "C5'"  C N N 112 
DA  "C4'"  C N R 113 
DA  "O4'"  O N N 114 
DA  "C3'"  C N S 115 
DA  "O3'"  O N N 116 
DA  "C2'"  C N N 117 
DA  "C1'"  C N R 118 
DA  N9     N Y N 119 
DA  C8     C Y N 120 
DA  N7     N Y N 121 
DA  C5     C Y N 122 
DA  C6     C Y N 123 
DA  N6     N N N 124 
DA  N1     N Y N 125 
DA  C2     C Y N 126 
DA  N3     N Y N 127 
DA  C4     C Y N 128 
DA  HOP3   H N N 129 
DA  HOP2   H N N 130 
DA  "H5'"  H N N 131 
DA  "H5''" H N N 132 
DA  "H4'"  H N N 133 
DA  "H3'"  H N N 134 
DA  "HO3'" H N N 135 
DA  "H2'"  H N N 136 
DA  "H2''" H N N 137 
DA  "H1'"  H N N 138 
DA  H8     H N N 139 
DA  H61    H N N 140 
DA  H62    H N N 141 
DA  H2     H N N 142 
DC  OP3    O N N 143 
DC  P      P N N 144 
DC  OP1    O N N 145 
DC  OP2    O N N 146 
DC  "O5'"  O N N 147 
DC  "C5'"  C N N 148 
DC  "C4'"  C N R 149 
DC  "O4'"  O N N 150 
DC  "C3'"  C N S 151 
DC  "O3'"  O N N 152 
DC  "C2'"  C N N 153 
DC  "C1'"  C N R 154 
DC  N1     N N N 155 
DC  C2     C N N 156 
DC  O2     O N N 157 
DC  N3     N N N 158 
DC  C4     C N N 159 
DC  N4     N N N 160 
DC  C5     C N N 161 
DC  C6     C N N 162 
DC  HOP3   H N N 163 
DC  HOP2   H N N 164 
DC  "H5'"  H N N 165 
DC  "H5''" H N N 166 
DC  "H4'"  H N N 167 
DC  "H3'"  H N N 168 
DC  "HO3'" H N N 169 
DC  "H2'"  H N N 170 
DC  "H2''" H N N 171 
DC  "H1'"  H N N 172 
DC  H41    H N N 173 
DC  H42    H N N 174 
DC  H5     H N N 175 
DC  H6     H N N 176 
DG  OP3    O N N 177 
DG  P      P N N 178 
DG  OP1    O N N 179 
DG  OP2    O N N 180 
DG  "O5'"  O N N 181 
DG  "C5'"  C N N 182 
DG  "C4'"  C N R 183 
DG  "O4'"  O N N 184 
DG  "C3'"  C N S 185 
DG  "O3'"  O N N 186 
DG  "C2'"  C N N 187 
DG  "C1'"  C N R 188 
DG  N9     N Y N 189 
DG  C8     C Y N 190 
DG  N7     N Y N 191 
DG  C5     C Y N 192 
DG  C6     C N N 193 
DG  O6     O N N 194 
DG  N1     N N N 195 
DG  C2     C N N 196 
DG  N2     N N N 197 
DG  N3     N N N 198 
DG  C4     C Y N 199 
DG  HOP3   H N N 200 
DG  HOP2   H N N 201 
DG  "H5'"  H N N 202 
DG  "H5''" H N N 203 
DG  "H4'"  H N N 204 
DG  "H3'"  H N N 205 
DG  "HO3'" H N N 206 
DG  "H2'"  H N N 207 
DG  "H2''" H N N 208 
DG  "H1'"  H N N 209 
DG  H8     H N N 210 
DG  H1     H N N 211 
DG  H21    H N N 212 
DG  H22    H N N 213 
DT  OP3    O N N 214 
DT  P      P N N 215 
DT  OP1    O N N 216 
DT  OP2    O N N 217 
DT  "O5'"  O N N 218 
DT  "C5'"  C N N 219 
DT  "C4'"  C N R 220 
DT  "O4'"  O N N 221 
DT  "C3'"  C N S 222 
DT  "O3'"  O N N 223 
DT  "C2'"  C N N 224 
DT  "C1'"  C N R 225 
DT  N1     N N N 226 
DT  C2     C N N 227 
DT  O2     O N N 228 
DT  N3     N N N 229 
DT  C4     C N N 230 
DT  O4     O N N 231 
DT  C5     C N N 232 
DT  C7     C N N 233 
DT  C6     C N N 234 
DT  HOP3   H N N 235 
DT  HOP2   H N N 236 
DT  "H5'"  H N N 237 
DT  "H5''" H N N 238 
DT  "H4'"  H N N 239 
DT  "H3'"  H N N 240 
DT  "HO3'" H N N 241 
DT  "H2'"  H N N 242 
DT  "H2''" H N N 243 
DT  "H1'"  H N N 244 
DT  H3     H N N 245 
DT  H71    H N N 246 
DT  H72    H N N 247 
DT  H73    H N N 248 
DT  H6     H N N 249 
EPE N1     N N N 250 
EPE C2     C N N 251 
EPE C3     C N N 252 
EPE N4     N N N 253 
EPE C5     C N N 254 
EPE C6     C N N 255 
EPE C7     C N N 256 
EPE C8     C N N 257 
EPE O8     O N N 258 
EPE C9     C N N 259 
EPE C10    C N N 260 
EPE S      S N N 261 
EPE O1S    O N N 262 
EPE O2S    O N N 263 
EPE O3S    O N N 264 
EPE H21    H N N 265 
EPE H22    H N N 266 
EPE H31    H N N 267 
EPE H32    H N N 268 
EPE H51    H N N 269 
EPE H52    H N N 270 
EPE H61    H N N 271 
EPE H62    H N N 272 
EPE H71    H N N 273 
EPE H72    H N N 274 
EPE H81    H N N 275 
EPE H82    H N N 276 
EPE HO8    H N N 277 
EPE H91    H N N 278 
EPE H92    H N N 279 
EPE H101   H N N 280 
EPE H102   H N N 281 
EPE HOS3   H N N 282 
GLN N      N N N 283 
GLN CA     C N S 284 
GLN C      C N N 285 
GLN O      O N N 286 
GLN CB     C N N 287 
GLN CG     C N N 288 
GLN CD     C N N 289 
GLN OE1    O N N 290 
GLN NE2    N N N 291 
GLN OXT    O N N 292 
GLN H      H N N 293 
GLN H2     H N N 294 
GLN HA     H N N 295 
GLN HB2    H N N 296 
GLN HB3    H N N 297 
GLN HG2    H N N 298 
GLN HG3    H N N 299 
GLN HE21   H N N 300 
GLN HE22   H N N 301 
GLN HXT    H N N 302 
GLU N      N N N 303 
GLU CA     C N S 304 
GLU C      C N N 305 
GLU O      O N N 306 
GLU CB     C N N 307 
GLU CG     C N N 308 
GLU CD     C N N 309 
GLU OE1    O N N 310 
GLU OE2    O N N 311 
GLU OXT    O N N 312 
GLU H      H N N 313 
GLU H2     H N N 314 
GLU HA     H N N 315 
GLU HB2    H N N 316 
GLU HB3    H N N 317 
GLU HG2    H N N 318 
GLU HG3    H N N 319 
GLU HE2    H N N 320 
GLU HXT    H N N 321 
GLY N      N N N 322 
GLY CA     C N N 323 
GLY C      C N N 324 
GLY O      O N N 325 
GLY OXT    O N N 326 
GLY H      H N N 327 
GLY H2     H N N 328 
GLY HA2    H N N 329 
GLY HA3    H N N 330 
GLY HXT    H N N 331 
HIS N      N N N 332 
HIS CA     C N S 333 
HIS C      C N N 334 
HIS O      O N N 335 
HIS CB     C N N 336 
HIS CG     C Y N 337 
HIS ND1    N Y N 338 
HIS CD2    C Y N 339 
HIS CE1    C Y N 340 
HIS NE2    N Y N 341 
HIS OXT    O N N 342 
HIS H      H N N 343 
HIS H2     H N N 344 
HIS HA     H N N 345 
HIS HB2    H N N 346 
HIS HB3    H N N 347 
HIS HD1    H N N 348 
HIS HD2    H N N 349 
HIS HE1    H N N 350 
HIS HE2    H N N 351 
HIS HXT    H N N 352 
ILE N      N N N 353 
ILE CA     C N S 354 
ILE C      C N N 355 
ILE O      O N N 356 
ILE CB     C N S 357 
ILE CG1    C N N 358 
ILE CG2    C N N 359 
ILE CD1    C N N 360 
ILE OXT    O N N 361 
ILE H      H N N 362 
ILE H2     H N N 363 
ILE HA     H N N 364 
ILE HB     H N N 365 
ILE HG12   H N N 366 
ILE HG13   H N N 367 
ILE HG21   H N N 368 
ILE HG22   H N N 369 
ILE HG23   H N N 370 
ILE HD11   H N N 371 
ILE HD12   H N N 372 
ILE HD13   H N N 373 
ILE HXT    H N N 374 
LEU N      N N N 375 
LEU CA     C N S 376 
LEU C      C N N 377 
LEU O      O N N 378 
LEU CB     C N N 379 
LEU CG     C N N 380 
LEU CD1    C N N 381 
LEU CD2    C N N 382 
LEU OXT    O N N 383 
LEU H      H N N 384 
LEU H2     H N N 385 
LEU HA     H N N 386 
LEU HB2    H N N 387 
LEU HB3    H N N 388 
LEU HG     H N N 389 
LEU HD11   H N N 390 
LEU HD12   H N N 391 
LEU HD13   H N N 392 
LEU HD21   H N N 393 
LEU HD22   H N N 394 
LEU HD23   H N N 395 
LEU HXT    H N N 396 
LYS N      N N N 397 
LYS CA     C N S 398 
LYS C      C N N 399 
LYS O      O N N 400 
LYS CB     C N N 401 
LYS CG     C N N 402 
LYS CD     C N N 403 
LYS CE     C N N 404 
LYS NZ     N N N 405 
LYS OXT    O N N 406 
LYS H      H N N 407 
LYS H2     H N N 408 
LYS HA     H N N 409 
LYS HB2    H N N 410 
LYS HB3    H N N 411 
LYS HG2    H N N 412 
LYS HG3    H N N 413 
LYS HD2    H N N 414 
LYS HD3    H N N 415 
LYS HE2    H N N 416 
LYS HE3    H N N 417 
LYS HZ1    H N N 418 
LYS HZ2    H N N 419 
LYS HZ3    H N N 420 
LYS HXT    H N N 421 
MET N      N N N 422 
MET CA     C N S 423 
MET C      C N N 424 
MET O      O N N 425 
MET CB     C N N 426 
MET CG     C N N 427 
MET SD     S N N 428 
MET CE     C N N 429 
MET OXT    O N N 430 
MET H      H N N 431 
MET H2     H N N 432 
MET HA     H N N 433 
MET HB2    H N N 434 
MET HB3    H N N 435 
MET HG2    H N N 436 
MET HG3    H N N 437 
MET HE1    H N N 438 
MET HE2    H N N 439 
MET HE3    H N N 440 
MET HXT    H N N 441 
PHE N      N N N 442 
PHE CA     C N S 443 
PHE C      C N N 444 
PHE O      O N N 445 
PHE CB     C N N 446 
PHE CG     C Y N 447 
PHE CD1    C Y N 448 
PHE CD2    C Y N 449 
PHE CE1    C Y N 450 
PHE CE2    C Y N 451 
PHE CZ     C Y N 452 
PHE OXT    O N N 453 
PHE H      H N N 454 
PHE H2     H N N 455 
PHE HA     H N N 456 
PHE HB2    H N N 457 
PHE HB3    H N N 458 
PHE HD1    H N N 459 
PHE HD2    H N N 460 
PHE HE1    H N N 461 
PHE HE2    H N N 462 
PHE HZ     H N N 463 
PHE HXT    H N N 464 
PRO N      N N N 465 
PRO CA     C N S 466 
PRO C      C N N 467 
PRO O      O N N 468 
PRO CB     C N N 469 
PRO CG     C N N 470 
PRO CD     C N N 471 
PRO OXT    O N N 472 
PRO H      H N N 473 
PRO HA     H N N 474 
PRO HB2    H N N 475 
PRO HB3    H N N 476 
PRO HG2    H N N 477 
PRO HG3    H N N 478 
PRO HD2    H N N 479 
PRO HD3    H N N 480 
PRO HXT    H N N 481 
SER N      N N N 482 
SER CA     C N S 483 
SER C      C N N 484 
SER O      O N N 485 
SER CB     C N N 486 
SER OG     O N N 487 
SER OXT    O N N 488 
SER H      H N N 489 
SER H2     H N N 490 
SER HA     H N N 491 
SER HB2    H N N 492 
SER HB3    H N N 493 
SER HG     H N N 494 
SER HXT    H N N 495 
THR N      N N N 496 
THR CA     C N S 497 
THR C      C N N 498 
THR O      O N N 499 
THR CB     C N R 500 
THR OG1    O N N 501 
THR CG2    C N N 502 
THR OXT    O N N 503 
THR H      H N N 504 
THR H2     H N N 505 
THR HA     H N N 506 
THR HB     H N N 507 
THR HG1    H N N 508 
THR HG21   H N N 509 
THR HG22   H N N 510 
THR HG23   H N N 511 
THR HXT    H N N 512 
TYR N      N N N 513 
TYR CA     C N S 514 
TYR C      C N N 515 
TYR O      O N N 516 
TYR CB     C N N 517 
TYR CG     C Y N 518 
TYR CD1    C Y N 519 
TYR CD2    C Y N 520 
TYR CE1    C Y N 521 
TYR CE2    C Y N 522 
TYR CZ     C Y N 523 
TYR OH     O N N 524 
TYR OXT    O N N 525 
TYR H      H N N 526 
TYR H2     H N N 527 
TYR HA     H N N 528 
TYR HB2    H N N 529 
TYR HB3    H N N 530 
TYR HD1    H N N 531 
TYR HD2    H N N 532 
TYR HE1    H N N 533 
TYR HE2    H N N 534 
TYR HH     H N N 535 
TYR HXT    H N N 536 
VAL N      N N N 537 
VAL CA     C N S 538 
VAL C      C N N 539 
VAL O      O N N 540 
VAL CB     C N N 541 
VAL CG1    C N N 542 
VAL CG2    C N N 543 
VAL OXT    O N N 544 
VAL H      H N N 545 
VAL H2     H N N 546 
VAL HA     H N N 547 
VAL HB     H N N 548 
VAL HG11   H N N 549 
VAL HG12   H N N 550 
VAL HG13   H N N 551 
VAL HG21   H N N 552 
VAL HG22   H N N 553 
VAL HG23   H N N 554 
VAL HXT    H N N 555 
# 
loop_
_chem_comp_bond.comp_id 
_chem_comp_bond.atom_id_1 
_chem_comp_bond.atom_id_2 
_chem_comp_bond.value_order 
_chem_comp_bond.pdbx_aromatic_flag 
_chem_comp_bond.pdbx_stereo_config 
_chem_comp_bond.pdbx_ordinal 
5IU N1    C2     sing N N 1   
5IU N1    C6     sing N N 2   
5IU N1    "C1'"  sing N N 3   
5IU C2    N3     sing N N 4   
5IU C2    O2     doub N N 5   
5IU N3    C4     sing N N 6   
5IU N3    HN3    sing N N 7   
5IU C4    C5     sing N N 8   
5IU C4    O4     doub N N 9   
5IU C5    C6     doub N N 10  
5IU C5    I5     sing N N 11  
5IU C6    H6     sing N N 12  
5IU "C1'" "C2'"  sing N N 13  
5IU "C1'" "O4'"  sing N N 14  
5IU "C1'" "H1'"  sing N N 15  
5IU "C2'" "C3'"  sing N N 16  
5IU "C2'" "H2'"  sing N N 17  
5IU "C2'" "H2''" sing N N 18  
5IU "C3'" "C4'"  sing N N 19  
5IU "C3'" "O3'"  sing N N 20  
5IU "C3'" "H3'"  sing N N 21  
5IU "C4'" "O4'"  sing N N 22  
5IU "C4'" "C5'"  sing N N 23  
5IU "C4'" "H4'"  sing N N 24  
5IU "O3'" "HO3'" sing N N 25  
5IU "C5'" "O5'"  sing N N 26  
5IU "C5'" "H5'"  sing N N 27  
5IU "C5'" "H5''" sing N N 28  
5IU "O5'" P      sing N N 29  
5IU P     OP1    doub N N 30  
5IU P     OP2    sing N N 31  
5IU P     OP3    sing N N 32  
5IU OP2   HOP2   sing N N 33  
5IU OP3   HOP3   sing N N 34  
ALA N     CA     sing N N 35  
ALA N     H      sing N N 36  
ALA N     H2     sing N N 37  
ALA CA    C      sing N N 38  
ALA CA    CB     sing N N 39  
ALA CA    HA     sing N N 40  
ALA C     O      doub N N 41  
ALA C     OXT    sing N N 42  
ALA CB    HB1    sing N N 43  
ALA CB    HB2    sing N N 44  
ALA CB    HB3    sing N N 45  
ALA OXT   HXT    sing N N 46  
ARG N     CA     sing N N 47  
ARG N     H      sing N N 48  
ARG N     H2     sing N N 49  
ARG CA    C      sing N N 50  
ARG CA    CB     sing N N 51  
ARG CA    HA     sing N N 52  
ARG C     O      doub N N 53  
ARG C     OXT    sing N N 54  
ARG CB    CG     sing N N 55  
ARG CB    HB2    sing N N 56  
ARG CB    HB3    sing N N 57  
ARG CG    CD     sing N N 58  
ARG CG    HG2    sing N N 59  
ARG CG    HG3    sing N N 60  
ARG CD    NE     sing N N 61  
ARG CD    HD2    sing N N 62  
ARG CD    HD3    sing N N 63  
ARG NE    CZ     sing N N 64  
ARG NE    HE     sing N N 65  
ARG CZ    NH1    sing N N 66  
ARG CZ    NH2    doub N N 67  
ARG NH1   HH11   sing N N 68  
ARG NH1   HH12   sing N N 69  
ARG NH2   HH21   sing N N 70  
ARG NH2   HH22   sing N N 71  
ARG OXT   HXT    sing N N 72  
ASN N     CA     sing N N 73  
ASN N     H      sing N N 74  
ASN N     H2     sing N N 75  
ASN CA    C      sing N N 76  
ASN CA    CB     sing N N 77  
ASN CA    HA     sing N N 78  
ASN C     O      doub N N 79  
ASN C     OXT    sing N N 80  
ASN CB    CG     sing N N 81  
ASN CB    HB2    sing N N 82  
ASN CB    HB3    sing N N 83  
ASN CG    OD1    doub N N 84  
ASN CG    ND2    sing N N 85  
ASN ND2   HD21   sing N N 86  
ASN ND2   HD22   sing N N 87  
ASN OXT   HXT    sing N N 88  
ASP N     CA     sing N N 89  
ASP N     H      sing N N 90  
ASP N     H2     sing N N 91  
ASP CA    C      sing N N 92  
ASP CA    CB     sing N N 93  
ASP CA    HA     sing N N 94  
ASP C     O      doub N N 95  
ASP C     OXT    sing N N 96  
ASP CB    CG     sing N N 97  
ASP CB    HB2    sing N N 98  
ASP CB    HB3    sing N N 99  
ASP CG    OD1    doub N N 100 
ASP CG    OD2    sing N N 101 
ASP OD2   HD2    sing N N 102 
ASP OXT   HXT    sing N N 103 
DA  OP3   P      sing N N 104 
DA  OP3   HOP3   sing N N 105 
DA  P     OP1    doub N N 106 
DA  P     OP2    sing N N 107 
DA  P     "O5'"  sing N N 108 
DA  OP2   HOP2   sing N N 109 
DA  "O5'" "C5'"  sing N N 110 
DA  "C5'" "C4'"  sing N N 111 
DA  "C5'" "H5'"  sing N N 112 
DA  "C5'" "H5''" sing N N 113 
DA  "C4'" "O4'"  sing N N 114 
DA  "C4'" "C3'"  sing N N 115 
DA  "C4'" "H4'"  sing N N 116 
DA  "O4'" "C1'"  sing N N 117 
DA  "C3'" "O3'"  sing N N 118 
DA  "C3'" "C2'"  sing N N 119 
DA  "C3'" "H3'"  sing N N 120 
DA  "O3'" "HO3'" sing N N 121 
DA  "C2'" "C1'"  sing N N 122 
DA  "C2'" "H2'"  sing N N 123 
DA  "C2'" "H2''" sing N N 124 
DA  "C1'" N9     sing N N 125 
DA  "C1'" "H1'"  sing N N 126 
DA  N9    C8     sing Y N 127 
DA  N9    C4     sing Y N 128 
DA  C8    N7     doub Y N 129 
DA  C8    H8     sing N N 130 
DA  N7    C5     sing Y N 131 
DA  C5    C6     sing Y N 132 
DA  C5    C4     doub Y N 133 
DA  C6    N6     sing N N 134 
DA  C6    N1     doub Y N 135 
DA  N6    H61    sing N N 136 
DA  N6    H62    sing N N 137 
DA  N1    C2     sing Y N 138 
DA  C2    N3     doub Y N 139 
DA  C2    H2     sing N N 140 
DA  N3    C4     sing Y N 141 
DC  OP3   P      sing N N 142 
DC  OP3   HOP3   sing N N 143 
DC  P     OP1    doub N N 144 
DC  P     OP2    sing N N 145 
DC  P     "O5'"  sing N N 146 
DC  OP2   HOP2   sing N N 147 
DC  "O5'" "C5'"  sing N N 148 
DC  "C5'" "C4'"  sing N N 149 
DC  "C5'" "H5'"  sing N N 150 
DC  "C5'" "H5''" sing N N 151 
DC  "C4'" "O4'"  sing N N 152 
DC  "C4'" "C3'"  sing N N 153 
DC  "C4'" "H4'"  sing N N 154 
DC  "O4'" "C1'"  sing N N 155 
DC  "C3'" "O3'"  sing N N 156 
DC  "C3'" "C2'"  sing N N 157 
DC  "C3'" "H3'"  sing N N 158 
DC  "O3'" "HO3'" sing N N 159 
DC  "C2'" "C1'"  sing N N 160 
DC  "C2'" "H2'"  sing N N 161 
DC  "C2'" "H2''" sing N N 162 
DC  "C1'" N1     sing N N 163 
DC  "C1'" "H1'"  sing N N 164 
DC  N1    C2     sing N N 165 
DC  N1    C6     sing N N 166 
DC  C2    O2     doub N N 167 
DC  C2    N3     sing N N 168 
DC  N3    C4     doub N N 169 
DC  C4    N4     sing N N 170 
DC  C4    C5     sing N N 171 
DC  N4    H41    sing N N 172 
DC  N4    H42    sing N N 173 
DC  C5    C6     doub N N 174 
DC  C5    H5     sing N N 175 
DC  C6    H6     sing N N 176 
DG  OP3   P      sing N N 177 
DG  OP3   HOP3   sing N N 178 
DG  P     OP1    doub N N 179 
DG  P     OP2    sing N N 180 
DG  P     "O5'"  sing N N 181 
DG  OP2   HOP2   sing N N 182 
DG  "O5'" "C5'"  sing N N 183 
DG  "C5'" "C4'"  sing N N 184 
DG  "C5'" "H5'"  sing N N 185 
DG  "C5'" "H5''" sing N N 186 
DG  "C4'" "O4'"  sing N N 187 
DG  "C4'" "C3'"  sing N N 188 
DG  "C4'" "H4'"  sing N N 189 
DG  "O4'" "C1'"  sing N N 190 
DG  "C3'" "O3'"  sing N N 191 
DG  "C3'" "C2'"  sing N N 192 
DG  "C3'" "H3'"  sing N N 193 
DG  "O3'" "HO3'" sing N N 194 
DG  "C2'" "C1'"  sing N N 195 
DG  "C2'" "H2'"  sing N N 196 
DG  "C2'" "H2''" sing N N 197 
DG  "C1'" N9     sing N N 198 
DG  "C1'" "H1'"  sing N N 199 
DG  N9    C8     sing Y N 200 
DG  N9    C4     sing Y N 201 
DG  C8    N7     doub Y N 202 
DG  C8    H8     sing N N 203 
DG  N7    C5     sing Y N 204 
DG  C5    C6     sing N N 205 
DG  C5    C4     doub Y N 206 
DG  C6    O6     doub N N 207 
DG  C6    N1     sing N N 208 
DG  N1    C2     sing N N 209 
DG  N1    H1     sing N N 210 
DG  C2    N2     sing N N 211 
DG  C2    N3     doub N N 212 
DG  N2    H21    sing N N 213 
DG  N2    H22    sing N N 214 
DG  N3    C4     sing N N 215 
DT  OP3   P      sing N N 216 
DT  OP3   HOP3   sing N N 217 
DT  P     OP1    doub N N 218 
DT  P     OP2    sing N N 219 
DT  P     "O5'"  sing N N 220 
DT  OP2   HOP2   sing N N 221 
DT  "O5'" "C5'"  sing N N 222 
DT  "C5'" "C4'"  sing N N 223 
DT  "C5'" "H5'"  sing N N 224 
DT  "C5'" "H5''" sing N N 225 
DT  "C4'" "O4'"  sing N N 226 
DT  "C4'" "C3'"  sing N N 227 
DT  "C4'" "H4'"  sing N N 228 
DT  "O4'" "C1'"  sing N N 229 
DT  "C3'" "O3'"  sing N N 230 
DT  "C3'" "C2'"  sing N N 231 
DT  "C3'" "H3'"  sing N N 232 
DT  "O3'" "HO3'" sing N N 233 
DT  "C2'" "C1'"  sing N N 234 
DT  "C2'" "H2'"  sing N N 235 
DT  "C2'" "H2''" sing N N 236 
DT  "C1'" N1     sing N N 237 
DT  "C1'" "H1'"  sing N N 238 
DT  N1    C2     sing N N 239 
DT  N1    C6     sing N N 240 
DT  C2    O2     doub N N 241 
DT  C2    N3     sing N N 242 
DT  N3    C4     sing N N 243 
DT  N3    H3     sing N N 244 
DT  C4    O4     doub N N 245 
DT  C4    C5     sing N N 246 
DT  C5    C7     sing N N 247 
DT  C5    C6     doub N N 248 
DT  C7    H71    sing N N 249 
DT  C7    H72    sing N N 250 
DT  C7    H73    sing N N 251 
DT  C6    H6     sing N N 252 
EPE N1    C2     sing N N 253 
EPE N1    C6     sing N N 254 
EPE N1    C9     sing N N 255 
EPE C2    C3     sing N N 256 
EPE C2    H21    sing N N 257 
EPE C2    H22    sing N N 258 
EPE C3    N4     sing N N 259 
EPE C3    H31    sing N N 260 
EPE C3    H32    sing N N 261 
EPE N4    C5     sing N N 262 
EPE N4    C7     sing N N 263 
EPE C5    C6     sing N N 264 
EPE C5    H51    sing N N 265 
EPE C5    H52    sing N N 266 
EPE C6    H61    sing N N 267 
EPE C6    H62    sing N N 268 
EPE C7    C8     sing N N 269 
EPE C7    H71    sing N N 270 
EPE C7    H72    sing N N 271 
EPE C8    O8     sing N N 272 
EPE C8    H81    sing N N 273 
EPE C8    H82    sing N N 274 
EPE O8    HO8    sing N N 275 
EPE C9    C10    sing N N 276 
EPE C9    H91    sing N N 277 
EPE C9    H92    sing N N 278 
EPE C10   S      sing N N 279 
EPE C10   H101   sing N N 280 
EPE C10   H102   sing N N 281 
EPE S     O1S    doub N N 282 
EPE S     O2S    doub N N 283 
EPE S     O3S    sing N N 284 
EPE O3S   HOS3   sing N N 285 
GLN N     CA     sing N N 286 
GLN N     H      sing N N 287 
GLN N     H2     sing N N 288 
GLN CA    C      sing N N 289 
GLN CA    CB     sing N N 290 
GLN CA    HA     sing N N 291 
GLN C     O      doub N N 292 
GLN C     OXT    sing N N 293 
GLN CB    CG     sing N N 294 
GLN CB    HB2    sing N N 295 
GLN CB    HB3    sing N N 296 
GLN CG    CD     sing N N 297 
GLN CG    HG2    sing N N 298 
GLN CG    HG3    sing N N 299 
GLN CD    OE1    doub N N 300 
GLN CD    NE2    sing N N 301 
GLN NE2   HE21   sing N N 302 
GLN NE2   HE22   sing N N 303 
GLN OXT   HXT    sing N N 304 
GLU N     CA     sing N N 305 
GLU N     H      sing N N 306 
GLU N     H2     sing N N 307 
GLU CA    C      sing N N 308 
GLU CA    CB     sing N N 309 
GLU CA    HA     sing N N 310 
GLU C     O      doub N N 311 
GLU C     OXT    sing N N 312 
GLU CB    CG     sing N N 313 
GLU CB    HB2    sing N N 314 
GLU CB    HB3    sing N N 315 
GLU CG    CD     sing N N 316 
GLU CG    HG2    sing N N 317 
GLU CG    HG3    sing N N 318 
GLU CD    OE1    doub N N 319 
GLU CD    OE2    sing N N 320 
GLU OE2   HE2    sing N N 321 
GLU OXT   HXT    sing N N 322 
GLY N     CA     sing N N 323 
GLY N     H      sing N N 324 
GLY N     H2     sing N N 325 
GLY CA    C      sing N N 326 
GLY CA    HA2    sing N N 327 
GLY CA    HA3    sing N N 328 
GLY C     O      doub N N 329 
GLY C     OXT    sing N N 330 
GLY OXT   HXT    sing N N 331 
HIS N     CA     sing N N 332 
HIS N     H      sing N N 333 
HIS N     H2     sing N N 334 
HIS CA    C      sing N N 335 
HIS CA    CB     sing N N 336 
HIS CA    HA     sing N N 337 
HIS C     O      doub N N 338 
HIS C     OXT    sing N N 339 
HIS CB    CG     sing N N 340 
HIS CB    HB2    sing N N 341 
HIS CB    HB3    sing N N 342 
HIS CG    ND1    sing Y N 343 
HIS CG    CD2    doub Y N 344 
HIS ND1   CE1    doub Y N 345 
HIS ND1   HD1    sing N N 346 
HIS CD2   NE2    sing Y N 347 
HIS CD2   HD2    sing N N 348 
HIS CE1   NE2    sing Y N 349 
HIS CE1   HE1    sing N N 350 
HIS NE2   HE2    sing N N 351 
HIS OXT   HXT    sing N N 352 
ILE N     CA     sing N N 353 
ILE N     H      sing N N 354 
ILE N     H2     sing N N 355 
ILE CA    C      sing N N 356 
ILE CA    CB     sing N N 357 
ILE CA    HA     sing N N 358 
ILE C     O      doub N N 359 
ILE C     OXT    sing N N 360 
ILE CB    CG1    sing N N 361 
ILE CB    CG2    sing N N 362 
ILE CB    HB     sing N N 363 
ILE CG1   CD1    sing N N 364 
ILE CG1   HG12   sing N N 365 
ILE CG1   HG13   sing N N 366 
ILE CG2   HG21   sing N N 367 
ILE CG2   HG22   sing N N 368 
ILE CG2   HG23   sing N N 369 
ILE CD1   HD11   sing N N 370 
ILE CD1   HD12   sing N N 371 
ILE CD1   HD13   sing N N 372 
ILE OXT   HXT    sing N N 373 
LEU N     CA     sing N N 374 
LEU N     H      sing N N 375 
LEU N     H2     sing N N 376 
LEU CA    C      sing N N 377 
LEU CA    CB     sing N N 378 
LEU CA    HA     sing N N 379 
LEU C     O      doub N N 380 
LEU C     OXT    sing N N 381 
LEU CB    CG     sing N N 382 
LEU CB    HB2    sing N N 383 
LEU CB    HB3    sing N N 384 
LEU CG    CD1    sing N N 385 
LEU CG    CD2    sing N N 386 
LEU CG    HG     sing N N 387 
LEU CD1   HD11   sing N N 388 
LEU CD1   HD12   sing N N 389 
LEU CD1   HD13   sing N N 390 
LEU CD2   HD21   sing N N 391 
LEU CD2   HD22   sing N N 392 
LEU CD2   HD23   sing N N 393 
LEU OXT   HXT    sing N N 394 
LYS N     CA     sing N N 395 
LYS N     H      sing N N 396 
LYS N     H2     sing N N 397 
LYS CA    C      sing N N 398 
LYS CA    CB     sing N N 399 
LYS CA    HA     sing N N 400 
LYS C     O      doub N N 401 
LYS C     OXT    sing N N 402 
LYS CB    CG     sing N N 403 
LYS CB    HB2    sing N N 404 
LYS CB    HB3    sing N N 405 
LYS CG    CD     sing N N 406 
LYS CG    HG2    sing N N 407 
LYS CG    HG3    sing N N 408 
LYS CD    CE     sing N N 409 
LYS CD    HD2    sing N N 410 
LYS CD    HD3    sing N N 411 
LYS CE    NZ     sing N N 412 
LYS CE    HE2    sing N N 413 
LYS CE    HE3    sing N N 414 
LYS NZ    HZ1    sing N N 415 
LYS NZ    HZ2    sing N N 416 
LYS NZ    HZ3    sing N N 417 
LYS OXT   HXT    sing N N 418 
MET N     CA     sing N N 419 
MET N     H      sing N N 420 
MET N     H2     sing N N 421 
MET CA    C      sing N N 422 
MET CA    CB     sing N N 423 
MET CA    HA     sing N N 424 
MET C     O      doub N N 425 
MET C     OXT    sing N N 426 
MET CB    CG     sing N N 427 
MET CB    HB2    sing N N 428 
MET CB    HB3    sing N N 429 
MET CG    SD     sing N N 430 
MET CG    HG2    sing N N 431 
MET CG    HG3    sing N N 432 
MET SD    CE     sing N N 433 
MET CE    HE1    sing N N 434 
MET CE    HE2    sing N N 435 
MET CE    HE3    sing N N 436 
MET OXT   HXT    sing N N 437 
PHE N     CA     sing N N 438 
PHE N     H      sing N N 439 
PHE N     H2     sing N N 440 
PHE CA    C      sing N N 441 
PHE CA    CB     sing N N 442 
PHE CA    HA     sing N N 443 
PHE C     O      doub N N 444 
PHE C     OXT    sing N N 445 
PHE CB    CG     sing N N 446 
PHE CB    HB2    sing N N 447 
PHE CB    HB3    sing N N 448 
PHE CG    CD1    doub Y N 449 
PHE CG    CD2    sing Y N 450 
PHE CD1   CE1    sing Y N 451 
PHE CD1   HD1    sing N N 452 
PHE CD2   CE2    doub Y N 453 
PHE CD2   HD2    sing N N 454 
PHE CE1   CZ     doub Y N 455 
PHE CE1   HE1    sing N N 456 
PHE CE2   CZ     sing Y N 457 
PHE CE2   HE2    sing N N 458 
PHE CZ    HZ     sing N N 459 
PHE OXT   HXT    sing N N 460 
PRO N     CA     sing N N 461 
PRO N     CD     sing N N 462 
PRO N     H      sing N N 463 
PRO CA    C      sing N N 464 
PRO CA    CB     sing N N 465 
PRO CA    HA     sing N N 466 
PRO C     O      doub N N 467 
PRO C     OXT    sing N N 468 
PRO CB    CG     sing N N 469 
PRO CB    HB2    sing N N 470 
PRO CB    HB3    sing N N 471 
PRO CG    CD     sing N N 472 
PRO CG    HG2    sing N N 473 
PRO CG    HG3    sing N N 474 
PRO CD    HD2    sing N N 475 
PRO CD    HD3    sing N N 476 
PRO OXT   HXT    sing N N 477 
SER N     CA     sing N N 478 
SER N     H      sing N N 479 
SER N     H2     sing N N 480 
SER CA    C      sing N N 481 
SER CA    CB     sing N N 482 
SER CA    HA     sing N N 483 
SER C     O      doub N N 484 
SER C     OXT    sing N N 485 
SER CB    OG     sing N N 486 
SER CB    HB2    sing N N 487 
SER CB    HB3    sing N N 488 
SER OG    HG     sing N N 489 
SER OXT   HXT    sing N N 490 
THR N     CA     sing N N 491 
THR N     H      sing N N 492 
THR N     H2     sing N N 493 
THR CA    C      sing N N 494 
THR CA    CB     sing N N 495 
THR CA    HA     sing N N 496 
THR C     O      doub N N 497 
THR C     OXT    sing N N 498 
THR CB    OG1    sing N N 499 
THR CB    CG2    sing N N 500 
THR CB    HB     sing N N 501 
THR OG1   HG1    sing N N 502 
THR CG2   HG21   sing N N 503 
THR CG2   HG22   sing N N 504 
THR CG2   HG23   sing N N 505 
THR OXT   HXT    sing N N 506 
TYR N     CA     sing N N 507 
TYR N     H      sing N N 508 
TYR N     H2     sing N N 509 
TYR CA    C      sing N N 510 
TYR CA    CB     sing N N 511 
TYR CA    HA     sing N N 512 
TYR C     O      doub N N 513 
TYR C     OXT    sing N N 514 
TYR CB    CG     sing N N 515 
TYR CB    HB2    sing N N 516 
TYR CB    HB3    sing N N 517 
TYR CG    CD1    doub Y N 518 
TYR CG    CD2    sing Y N 519 
TYR CD1   CE1    sing Y N 520 
TYR CD1   HD1    sing N N 521 
TYR CD2   CE2    doub Y N 522 
TYR CD2   HD2    sing N N 523 
TYR CE1   CZ     doub Y N 524 
TYR CE1   HE1    sing N N 525 
TYR CE2   CZ     sing Y N 526 
TYR CE2   HE2    sing N N 527 
TYR CZ    OH     sing N N 528 
TYR OH    HH     sing N N 529 
TYR OXT   HXT    sing N N 530 
VAL N     CA     sing N N 531 
VAL N     H      sing N N 532 
VAL N     H2     sing N N 533 
VAL CA    C      sing N N 534 
VAL CA    CB     sing N N 535 
VAL CA    HA     sing N N 536 
VAL C     O      doub N N 537 
VAL C     OXT    sing N N 538 
VAL CB    CG1    sing N N 539 
VAL CB    CG2    sing N N 540 
VAL CB    HB     sing N N 541 
VAL CG1   HG11   sing N N 542 
VAL CG1   HG12   sing N N 543 
VAL CG1   HG13   sing N N 544 
VAL CG2   HG21   sing N N 545 
VAL CG2   HG22   sing N N 546 
VAL CG2   HG23   sing N N 547 
VAL OXT   HXT    sing N N 548 
# 
loop_
_ndb_struct_conf_na.entry_id 
_ndb_struct_conf_na.feature 
2Q2K 'double helix'        
2Q2K 'b-form double helix' 
# 
loop_
_ndb_struct_na_base_pair.model_number 
_ndb_struct_na_base_pair.i_label_asym_id 
_ndb_struct_na_base_pair.i_label_comp_id 
_ndb_struct_na_base_pair.i_label_seq_id 
_ndb_struct_na_base_pair.i_symmetry 
_ndb_struct_na_base_pair.j_label_asym_id 
_ndb_struct_na_base_pair.j_label_comp_id 
_ndb_struct_na_base_pair.j_label_seq_id 
_ndb_struct_na_base_pair.j_symmetry 
_ndb_struct_na_base_pair.shear 
_ndb_struct_na_base_pair.stretch 
_ndb_struct_na_base_pair.stagger 
_ndb_struct_na_base_pair.buckle 
_ndb_struct_na_base_pair.propeller 
_ndb_struct_na_base_pair.opening 
_ndb_struct_na_base_pair.pair_number 
_ndb_struct_na_base_pair.pair_name 
_ndb_struct_na_base_pair.i_auth_asym_id 
_ndb_struct_na_base_pair.i_auth_seq_id 
_ndb_struct_na_base_pair.i_PDB_ins_code 
_ndb_struct_na_base_pair.j_auth_asym_id 
_ndb_struct_na_base_pair.j_auth_seq_id 
_ndb_struct_na_base_pair.j_PDB_ins_code 
_ndb_struct_na_base_pair.hbond_type_28 
_ndb_struct_na_base_pair.hbond_type_12 
1 A DA  1  1_555 A DT  20 10_665 -0.128 -0.247 -0.198 -0.440  -8.944  0.846  1  F_DA12:DT31_F  F 12 ? F 31 ? 20 1 
1 A DG  2  1_555 A DC  19 10_665 -0.281 0.318  -0.065 -6.818  -14.174 4.887  2  F_DG13:DC30_F  F 13 ? F 30 ? ?  1 
1 A DT  3  1_555 A DA  18 10_665 -0.295 -0.009 0.575  -14.481 -7.142  11.197 3  F_DT14:DA29_F  F 14 ? F 29 ? 20 1 
1 A DA  4  1_555 A DT  17 10_665 -0.359 0.260  -0.635 -4.640  -3.850  8.935  4  F_DA15:DT28_F  F 15 ? F 28 ? ?  ? 
1 A DT  5  1_555 A DA  16 10_665 -0.088 -0.405 -0.769 15.016  1.704   -1.340 5  F_DT16:DA27_F  F 16 ? F 27 ? 20 1 
1 A DA  6  1_555 A DT  15 10_665 0.345  -0.498 -1.256 -22.545 -3.163  1.874  6  F_DA17:DT26_F  F 17 ? F 26 ? 20 1 
1 A 5IU 7  1_555 A DA  14 10_665 0.959  0.095  -0.562 5.878   4.530   2.865  7  F_5IU18:DA25_F F 18 ? F 25 ? 20 1 
1 A DA  8  1_555 A DT  13 10_665 0.334  0.484  -0.177 -0.061  -13.612 15.846 8  F_DA19:DT24_F  F 19 ? F 24 ? ?  ? 
1 A DC  9  1_555 A DG  12 10_665 -0.976 0.138  0.286  0.784   -10.551 3.785  9  F_DC20:DG23_F  F 20 ? F 23 ? 19 1 
1 A 5IU 10 1_555 A DA  11 10_665 1.034  -0.355 0.474  10.386  -13.185 -3.598 10 F_5IU21:DA22_F F 21 ? F 22 ? 20 1 
1 A DA  11 1_555 A 5IU 10 10_665 -1.034 -0.355 0.474  -10.386 -13.185 -3.598 11 F_DA22:5IU21_F F 22 ? F 21 ? 20 1 
1 A DG  12 1_555 A DC  9  10_665 0.976  0.138  0.286  -0.784  -10.551 3.785  12 F_DG23:DC20_F  F 23 ? F 20 ? 19 1 
1 A DT  13 1_555 A DA  8  10_665 -0.334 0.484  -0.177 0.061   -13.612 15.846 13 F_DT24:DA19_F  F 24 ? F 19 ? ?  ? 
1 A DA  14 1_555 A 5IU 7  10_665 -0.959 0.095  -0.562 -5.878  4.530   2.865  14 F_DA25:5IU18_F F 25 ? F 18 ? 20 1 
1 A DT  15 1_555 A DA  6  10_665 -0.345 -0.498 -1.256 22.545  -3.163  1.874  15 F_DT26:DA17_F  F 26 ? F 17 ? 20 1 
1 A DA  16 1_555 A DT  5  10_665 0.088  -0.405 -0.769 -15.016 1.704   -1.340 16 F_DA27:DT16_F  F 27 ? F 16 ? 20 1 
1 A DT  17 1_555 A DA  4  10_665 0.359  0.260  -0.635 4.640   -3.850  8.935  17 F_DT28:DA15_F  F 28 ? F 15 ? ?  ? 
1 A DA  18 1_555 A DT  3  10_665 0.295  -0.009 0.575  14.481  -7.142  11.197 18 F_DA29:DT14_F  F 29 ? F 14 ? 20 1 
1 A DC  19 1_555 A DG  2  10_665 0.281  0.318  -0.065 6.818   -14.174 4.887  19 F_DC30:DG13_F  F 30 ? F 13 ? ?  1 
1 A DT  20 1_555 A DA  1  10_665 0.128  -0.247 -0.198 0.440   -8.944  0.846  20 F_DT31:DA12_F  F 31 ? F 12 ? 20 1 
# 
loop_
_ndb_struct_na_base_pair_step.model_number 
_ndb_struct_na_base_pair_step.i_label_asym_id_1 
_ndb_struct_na_base_pair_step.i_label_comp_id_1 
_ndb_struct_na_base_pair_step.i_label_seq_id_1 
_ndb_struct_na_base_pair_step.i_symmetry_1 
_ndb_struct_na_base_pair_step.j_label_asym_id_1 
_ndb_struct_na_base_pair_step.j_label_comp_id_1 
_ndb_struct_na_base_pair_step.j_label_seq_id_1 
_ndb_struct_na_base_pair_step.j_symmetry_1 
_ndb_struct_na_base_pair_step.i_label_asym_id_2 
_ndb_struct_na_base_pair_step.i_label_comp_id_2 
_ndb_struct_na_base_pair_step.i_label_seq_id_2 
_ndb_struct_na_base_pair_step.i_symmetry_2 
_ndb_struct_na_base_pair_step.j_label_asym_id_2 
_ndb_struct_na_base_pair_step.j_label_comp_id_2 
_ndb_struct_na_base_pair_step.j_label_seq_id_2 
_ndb_struct_na_base_pair_step.j_symmetry_2 
_ndb_struct_na_base_pair_step.shift 
_ndb_struct_na_base_pair_step.slide 
_ndb_struct_na_base_pair_step.rise 
_ndb_struct_na_base_pair_step.tilt 
_ndb_struct_na_base_pair_step.roll 
_ndb_struct_na_base_pair_step.twist 
_ndb_struct_na_base_pair_step.x_displacement 
_ndb_struct_na_base_pair_step.y_displacement 
_ndb_struct_na_base_pair_step.helical_rise 
_ndb_struct_na_base_pair_step.inclination 
_ndb_struct_na_base_pair_step.tip 
_ndb_struct_na_base_pair_step.helical_twist 
_ndb_struct_na_base_pair_step.step_number 
_ndb_struct_na_base_pair_step.step_name 
_ndb_struct_na_base_pair_step.i_auth_asym_id_1 
_ndb_struct_na_base_pair_step.i_auth_seq_id_1 
_ndb_struct_na_base_pair_step.i_PDB_ins_code_1 
_ndb_struct_na_base_pair_step.j_auth_asym_id_1 
_ndb_struct_na_base_pair_step.j_auth_seq_id_1 
_ndb_struct_na_base_pair_step.j_PDB_ins_code_1 
_ndb_struct_na_base_pair_step.i_auth_asym_id_2 
_ndb_struct_na_base_pair_step.i_auth_seq_id_2 
_ndb_struct_na_base_pair_step.i_PDB_ins_code_2 
_ndb_struct_na_base_pair_step.j_auth_asym_id_2 
_ndb_struct_na_base_pair_step.j_auth_seq_id_2 
_ndb_struct_na_base_pair_step.j_PDB_ins_code_2 
1 A DA  1  1_555 A DT  20 10_665 A DG  2  1_555 A DC  19 10_665 0.237  -0.364 3.463 -3.763 2.654   35.999 -0.976 -0.934 3.387 
4.273   6.057   36.283 1  FF_DA12DG13:DC30DT31_FF   F 12 ? F 31 ? F 13 ? F 30 ? 
1 A DG  2  1_555 A DC  19 10_665 A DT  3  1_555 A DA  18 10_665 1.122  -0.489 3.386 -2.498 -1.843  33.683 -0.535 -2.343 3.318 
-3.173  4.299   33.822 2  FF_DG13DT14:DA29DC30_FF   F 13 ? F 30 ? F 14 ? F 29 ? 
1 A DT  3  1_555 A DA  18 10_665 A DA  4  1_555 A DT  17 10_665 -0.541 -0.340 2.971 6.001  8.399   32.913 -1.728 1.738  2.670 
14.390  -10.281 34.451 3  FF_DT14DA15:DT28DA29_FF   F 14 ? F 29 ? F 15 ? F 28 ? 
1 A DA  4  1_555 A DT  17 10_665 A DT  5  1_555 A DA  16 10_665 0.321  -0.266 2.925 0.889  0.317   29.603 -0.580 -0.460 2.930 
0.621   -1.740  29.618 4  FF_DA15DT16:DA27DT28_FF   F 15 ? F 28 ? F 16 ? F 27 ? 
1 A DT  5  1_555 A DA  16 10_665 A DA  6  1_555 A DT  15 10_665 -0.161 -0.557 4.331 1.289  16.918  34.336 -3.612 0.457  3.664 
26.731  -2.036  38.186 5  FF_DT16DA17:DT26DA27_FF   F 16 ? F 27 ? F 17 ? F 26 ? 
1 A DA  6  1_555 A DT  15 10_665 A 5IU 7  1_555 A DA  14 10_665 -0.335 -0.379 2.777 -6.411 -0.918  28.577 -0.578 -0.534 2.795 
-1.830  12.781  29.286 6  FF_DA175IU18:DA25DT26_FF  F 17 ? F 26 ? F 18 ? F 25 ? 
1 A 5IU 7  1_555 A DA  14 10_665 A DA  8  1_555 A DT  13 10_665 0.099  -0.360 3.462 1.534  14.823  25.589 -3.964 0.142  2.834 
30.402  -3.146  29.549 7  FF_5IU18DA19:DT24DA25_FF  F 18 ? F 25 ? F 19 ? F 24 ? 
1 A DA  8  1_555 A DT  13 10_665 A DC  9  1_555 A DG  12 10_665 -1.374 -0.567 3.154 -3.594 4.982   28.703 -2.167 1.958  3.157 
9.906   7.147   29.339 8  FF_DA19DC20:DG23DT24_FF   F 19 ? F 24 ? F 20 ? F 23 ? 
1 A DC  9  1_555 A DG  12 10_665 A 5IU 10 1_555 A DA  11 10_665 0.119  0.428  3.055 1.434  4.028   42.514 0.207  -0.028 3.083 
5.539   -1.972  42.718 9  FF_DC205IU21:DA22DG23_FF  F 20 ? F 23 ? F 21 ? F 22 ? 
1 A 5IU 10 1_555 A DA  11 10_665 A DA  11 1_555 A 5IU 10 10_665 0.000  2.388  4.074 0.000  -19.474 44.621 4.579  0.000  2.857 
-24.324 0.000   48.486 10 FF_5IU21DA22:5IU21DA22_FF F 21 ? F 22 ? F 22 ? F 21 ? 
1 A DA  11 1_555 A 5IU 10 10_665 A DG  12 1_555 A DC  9  10_665 -0.119 0.428  3.055 -1.434 4.029   42.514 0.207  0.028  3.083 
5.539   1.972   42.718 11 FF_DA22DG23:DC205IU21_FF  F 22 ? F 21 ? F 23 ? F 20 ? 
1 A DG  12 1_555 A DC  9  10_665 A DT  13 1_555 A DA  8  10_665 1.374  -0.567 3.154 3.594  4.982   28.703 -2.167 -1.958 3.157 
9.906   -7.147  29.339 12 FF_DG23DT24:DA19DC20_FF   F 23 ? F 20 ? F 24 ? F 19 ? 
1 A DT  13 1_555 A DA  8  10_665 A DA  14 1_555 A 5IU 7  10_665 -0.099 -0.360 3.462 -1.534 14.823  25.589 -3.964 -0.142 2.834 
30.402  3.146   29.549 13 FF_DT24DA25:5IU18DA19_FF  F 24 ? F 19 ? F 25 ? F 18 ? 
1 A DA  14 1_555 A 5IU 7  10_665 A DT  15 1_555 A DA  6  10_665 0.335  -0.379 2.777 6.411  -0.918  28.577 -0.578 0.534  2.795 
-1.830  -12.781 29.286 14 FF_DA25DT26:DA175IU18_FF  F 25 ? F 18 ? F 26 ? F 17 ? 
1 A DT  15 1_555 A DA  6  10_665 A DA  16 1_555 A DT  5  10_665 0.161  -0.557 4.331 -1.289 16.918  34.336 -3.612 -0.457 3.664 
26.731  2.036   38.186 15 FF_DT26DA27:DT16DA17_FF   F 26 ? F 17 ? F 27 ? F 16 ? 
1 A DA  16 1_555 A DT  5  10_665 A DT  17 1_555 A DA  4  10_665 -0.321 -0.266 2.925 -0.889 0.317   29.603 -0.580 0.460  2.930 
0.621   1.740   29.618 16 FF_DA27DT28:DA15DT16_FF   F 27 ? F 16 ? F 28 ? F 15 ? 
1 A DT  17 1_555 A DA  4  10_665 A DA  18 1_555 A DT  3  10_665 0.541  -0.340 2.971 -6.001 8.399   32.913 -1.728 -1.738 2.670 
14.390  10.281  34.451 17 FF_DT28DA29:DT14DA15_FF   F 28 ? F 15 ? F 29 ? F 14 ? 
1 A DA  18 1_555 A DT  3  10_665 A DC  19 1_555 A DG  2  10_665 -1.122 -0.489 3.386 2.498  -1.843  33.683 -0.535 2.343  3.318 
-3.173  -4.299  33.822 18 FF_DA29DC30:DG13DT14_FF   F 29 ? F 14 ? F 30 ? F 13 ? 
1 A DC  19 1_555 A DG  2  10_665 A DT  20 1_555 A DA  1  10_665 -0.237 -0.364 3.463 3.763  2.654   35.999 -0.976 0.934  3.387 
4.273   -6.058  36.283 19 FF_DC30DT31:DA12DG13_FF   F 30 ? F 13 ? F 31 ? F 12 ? 
# 
_atom_sites.entry_id                    2Q2K 
_atom_sites.fract_transf_matrix[1][1]   -0.01780485 
_atom_sites.fract_transf_matrix[1][2]   0.00941079 
_atom_sites.fract_transf_matrix[1][3]   -0.00388304 
_atom_sites.fract_transf_matrix[2][1]   -0.00458968 
_atom_sites.fract_transf_matrix[2][2]   0.01758708 
_atom_sites.fract_transf_matrix[2][3]   0.00950208 
_atom_sites.fract_transf_matrix[3][1]   0.00186200 
_atom_sites.fract_transf_matrix[3][2]   0.00220783 
_atom_sites.fract_transf_matrix[3][3]   -0.00318701 
_atom_sites.fract_transf_vector[1]      0.792152 
_atom_sites.fract_transf_vector[2]      0.523875 
_atom_sites.fract_transf_vector[3]      0.130311 
# 
loop_
_atom_type.symbol 
C 
I 
N 
O 
P 
S 
# 
loop_
_atom_site.group_PDB 
_atom_site.id 
_atom_site.type_symbol 
_atom_site.label_atom_id 
_atom_site.label_alt_id 
_atom_site.label_comp_id 
_atom_site.label_asym_id 
_atom_site.label_entity_id 
_atom_site.label_seq_id 
_atom_site.pdbx_PDB_ins_code 
_atom_site.Cartn_x 
_atom_site.Cartn_y 
_atom_site.Cartn_z 
_atom_site.occupancy 
_atom_site.B_iso_or_equiv 
_atom_site.pdbx_formal_charge 
_atom_site.auth_seq_id 
_atom_site.auth_comp_id 
_atom_site.auth_asym_id 
_atom_site.auth_atom_id 
_atom_site.pdbx_PDB_model_num 
ATOM   1    O "O5'" . DA  A 1 1  ? 13.703  -36.469 13.407  1.00 97.59  ? 12   DA  F "O5'" 1 
ATOM   2    C "C5'" . DA  A 1 1  ? 13.162  -37.751 13.730  1.00 86.45  ? 12   DA  F "C5'" 1 
ATOM   3    C "C4'" . DA  A 1 1  ? 12.090  -37.571 14.777  1.00 83.53  ? 12   DA  F "C4'" 1 
ATOM   4    O "O4'" . DA  A 1 1  ? 12.663  -37.701 16.097  1.00 82.79  ? 12   DA  F "O4'" 1 
ATOM   5    C "C3'" . DA  A 1 1  ? 11.420  -36.200 14.745  1.00 80.94  ? 12   DA  F "C3'" 1 
ATOM   6    O "O3'" . DA  A 1 1  ? 10.034  -36.329 15.064  1.00 79.60  ? 12   DA  F "O3'" 1 
ATOM   7    C "C2'" . DA  A 1 1  ? 12.171  -35.413 15.807  1.00 81.43  ? 12   DA  F "C2'" 1 
ATOM   8    C "C1'" . DA  A 1 1  ? 12.512  -36.489 16.828  1.00 79.98  ? 12   DA  F "C1'" 1 
ATOM   9    N N9    . DA  A 1 1  ? 13.749  -36.289 17.579  1.00 76.31  ? 12   DA  F N9    1 
ATOM   10   C C8    . DA  A 1 1  ? 15.010  -35.978 17.119  1.00 77.11  ? 12   DA  F C8    1 
ATOM   11   N N7    . DA  A 1 1  ? 15.925  -35.963 18.060  1.00 79.71  ? 12   DA  F N7    1 
ATOM   12   C C5    . DA  A 1 1  ? 15.212  -36.261 19.221  1.00 77.88  ? 12   DA  F C5    1 
ATOM   13   C C6    . DA  A 1 1  ? 15.599  -36.398 20.583  1.00 75.96  ? 12   DA  F C6    1 
ATOM   14   N N6    . DA  A 1 1  ? 16.859  -36.273 21.026  1.00 66.66  ? 12   DA  F N6    1 
ATOM   15   N N1    . DA  A 1 1  ? 14.627  -36.677 21.486  1.00 77.05  ? 12   DA  F N1    1 
ATOM   16   C C2    . DA  A 1 1  ? 13.367  -36.822 21.049  1.00 78.65  ? 12   DA  F C2    1 
ATOM   17   N N3    . DA  A 1 1  ? 12.887  -36.725 19.807  1.00 77.21  ? 12   DA  F N3    1 
ATOM   18   C C4    . DA  A 1 1  ? 13.870  -36.440 18.935  1.00 75.90  ? 12   DA  F C4    1 
ATOM   19   P P     . DG  A 1 2  ? 9.105   -35.035 15.075  1.00 74.58  ? 13   DG  F P     1 
ATOM   20   O OP1   . DG  A 1 2  ? 7.813   -35.426 14.469  1.00 75.12  ? 13   DG  F OP1   1 
ATOM   21   O OP2   . DG  A 1 2  ? 9.863   -33.890 14.521  1.00 75.89  ? 13   DG  F OP2   1 
ATOM   22   O "O5'" . DG  A 1 2  ? 8.926   -34.767 16.623  1.00 70.61  ? 13   DG  F "O5'" 1 
ATOM   23   C "C5'" . DG  A 1 2  ? 8.369   -35.757 17.451  1.00 66.48  ? 13   DG  F "C5'" 1 
ATOM   24   C "C4'" . DG  A 1 2  ? 8.325   -35.271 18.880  1.00 67.21  ? 13   DG  F "C4'" 1 
ATOM   25   O "O4'" . DG  A 1 2  ? 9.653   -35.235 19.457  1.00 68.49  ? 13   DG  F "O4'" 1 
ATOM   26   C "C3'" . DG  A 1 2  ? 7.734   -33.878 19.083  1.00 66.45  ? 13   DG  F "C3'" 1 
ATOM   27   O "O3'" . DG  A 1 2  ? 6.932   -33.910 20.260  1.00 67.83  ? 13   DG  F "O3'" 1 
ATOM   28   C "C2'" . DG  A 1 2  ? 8.956   -33.008 19.296  1.00 69.07  ? 13   DG  F "C2'" 1 
ATOM   29   C "C1'" . DG  A 1 2  ? 9.905   -33.958 20.008  1.00 69.66  ? 13   DG  F "C1'" 1 
ATOM   30   N N9    . DG  A 1 2  ? 11.331  -33.669 19.843  1.00 74.69  ? 13   DG  F N9    1 
ATOM   31   C C8    . DG  A 1 2  ? 12.022  -33.425 18.671  1.00 74.99  ? 13   DG  F C8    1 
ATOM   32   N N7    . DG  A 1 2  ? 13.294  -33.181 18.867  1.00 73.42  ? 13   DG  F N7    1 
ATOM   33   C C5    . DG  A 1 2  ? 13.454  -33.276 20.246  1.00 74.37  ? 13   DG  F C5    1 
ATOM   34   C C6    . DG  A 1 2  ? 14.605  -33.113 21.054  1.00 73.53  ? 13   DG  F C6    1 
ATOM   35   O O6    . DG  A 1 2  ? 15.763  -32.827 20.708  1.00 77.66  ? 13   DG  F O6    1 
ATOM   36   N N1    . DG  A 1 2  ? 14.311  -33.309 22.397  1.00 69.82  ? 13   DG  F N1    1 
ATOM   37   C C2    . DG  A 1 2  ? 13.078  -33.614 22.897  1.00 65.53  ? 13   DG  F C2    1 
ATOM   38   N N2    . DG  A 1 2  ? 12.988  -33.775 24.208  1.00 69.46  ? 13   DG  F N2    1 
ATOM   39   N N3    . DG  A 1 2  ? 12.004  -33.754 22.168  1.00 69.13  ? 13   DG  F N3    1 
ATOM   40   C C4    . DG  A 1 2  ? 12.256  -33.578 20.860  1.00 73.60  ? 13   DG  F C4    1 
ATOM   41   P P     . DT  A 1 3  ? 6.139   -32.604 20.715  1.00 70.92  ? 14   DT  F P     1 
ATOM   42   O OP1   . DT  A 1 3  ? 4.837   -33.020 21.290  1.00 62.34  ? 14   DT  F OP1   1 
ATOM   43   O OP2   . DT  A 1 3  ? 6.176   -31.698 19.532  1.00 69.43  ? 14   DT  F OP2   1 
ATOM   44   O "O5'" . DT  A 1 3  ? 7.048   -31.999 21.877  1.00 68.71  ? 14   DT  F "O5'" 1 
ATOM   45   C "C5'" . DT  A 1 3  ? 7.614   -32.846 22.878  1.00 68.50  ? 14   DT  F "C5'" 1 
ATOM   46   C "C4'" . DT  A 1 3  ? 8.607   -32.097 23.742  1.00 67.19  ? 14   DT  F "C4'" 1 
ATOM   47   O "O4'" . DT  A 1 3  ? 9.929   -32.068 23.154  1.00 68.09  ? 14   DT  F "O4'" 1 
ATOM   48   C "C3'" . DT  A 1 3  ? 8.265   -30.649 24.102  1.00 67.73  ? 14   DT  F "C3'" 1 
ATOM   49   O "O3'" . DT  A 1 3  ? 8.299   -30.460 25.503  1.00 72.18  ? 14   DT  F "O3'" 1 
ATOM   50   C "C2'" . DT  A 1 3  ? 9.395   -29.833 23.496  1.00 67.08  ? 14   DT  F "C2'" 1 
ATOM   51   C "C1'" . DT  A 1 3  ? 10.533  -30.821 23.475  1.00 65.14  ? 14   DT  F "C1'" 1 
ATOM   52   N N1    . DT  A 1 3  ? 11.584  -30.520 22.466  1.00 62.91  ? 14   DT  F N1    1 
ATOM   53   C C2    . DT  A 1 3  ? 12.847  -30.248 22.935  1.00 64.40  ? 14   DT  F C2    1 
ATOM   54   O O2    . DT  A 1 3  ? 13.156  -30.311 24.128  1.00 70.33  ? 14   DT  F O2    1 
ATOM   55   N N3    . DT  A 1 3  ? 13.749  -29.904 21.958  1.00 60.96  ? 14   DT  F N3    1 
ATOM   56   C C4    . DT  A 1 3  ? 13.528  -29.836 20.588  1.00 59.85  ? 14   DT  F C4    1 
ATOM   57   O O4    . DT  A 1 3  ? 14.447  -29.502 19.810  1.00 65.01  ? 14   DT  F O4    1 
ATOM   58   C C5    . DT  A 1 3  ? 12.199  -30.175 20.172  1.00 56.48  ? 14   DT  F C5    1 
ATOM   59   C C7    . DT  A 1 3  ? 11.881  -30.167 18.711  1.00 53.51  ? 14   DT  F C7    1 
ATOM   60   C C6    . DT  A 1 3  ? 11.304  -30.487 21.116  1.00 56.89  ? 14   DT  F C6    1 
ATOM   61   P P     . DA  A 1 4  ? 7.603   -29.156 26.148  1.00 77.40  ? 15   DA  F P     1 
ATOM   62   O OP1   . DA  A 1 4  ? 6.563   -29.641 27.104  1.00 74.53  ? 15   DA  F OP1   1 
ATOM   63   O OP2   . DA  A 1 4  ? 7.241   -28.142 25.115  1.00 78.60  ? 15   DA  F OP2   1 
ATOM   64   O "O5'" . DA  A 1 4  ? 8.800   -28.498 26.960  1.00 83.38  ? 15   DA  F "O5'" 1 
ATOM   65   C "C5'" . DA  A 1 4  ? 9.626   -29.268 27.839  1.00 81.82  ? 15   DA  F "C5'" 1 
ATOM   66   C "C4'" . DA  A 1 4  ? 10.770  -28.416 28.323  1.00 80.16  ? 15   DA  F "C4'" 1 
ATOM   67   O "O4'" . DA  A 1 4  ? 11.804  -28.348 27.308  1.00 82.31  ? 15   DA  F "O4'" 1 
ATOM   68   C "C3'" . DA  A 1 4  ? 10.313  -26.982 28.557  1.00 80.31  ? 15   DA  F "C3'" 1 
ATOM   69   O "O3'" . DA  A 1 4  ? 10.810  -26.484 29.780  1.00 84.99  ? 15   DA  F "O3'" 1 
ATOM   70   C "C2'" . DA  A 1 4  ? 10.832  -26.220 27.349  1.00 80.58  ? 15   DA  F "C2'" 1 
ATOM   71   C "C1'" . DA  A 1 4  ? 12.074  -26.996 26.960  1.00 83.34  ? 15   DA  F "C1'" 1 
ATOM   72   N N9    . DA  A 1 4  ? 12.428  -26.966 25.534  1.00 86.11  ? 15   DA  F N9    1 
ATOM   73   C C8    . DA  A 1 4  ? 11.604  -27.025 24.423  1.00 86.89  ? 15   DA  F C8    1 
ATOM   74   N N7    . DA  A 1 4  ? 12.257  -27.034 23.281  1.00 83.48  ? 15   DA  F N7    1 
ATOM   75   C C5    . DA  A 1 4  ? 13.590  -26.962 23.658  1.00 82.99  ? 15   DA  F C5    1 
ATOM   76   C C6    . DA  A 1 4  ? 14.781  -26.941 22.913  1.00 83.43  ? 15   DA  F C6    1 
ATOM   77   N N6    . DA  A 1 4  ? 14.823  -26.976 21.587  1.00 84.00  ? 15   DA  F N6    1 
ATOM   78   N N1    . DA  A 1 4  ? 15.945  -26.874 23.591  1.00 85.59  ? 15   DA  F N1    1 
ATOM   79   C C2    . DA  A 1 4  ? 15.905  -26.817 24.931  1.00 88.67  ? 15   DA  F C2    1 
ATOM   80   N N3    . DA  A 1 4  ? 14.849  -26.820 25.747  1.00 86.28  ? 15   DA  F N3    1 
ATOM   81   C C4    . DA  A 1 4  ? 13.710  -26.902 25.040  1.00 86.38  ? 15   DA  F C4    1 
ATOM   82   P P     . DT  A 1 5  ? 10.157  -25.161 30.406  1.00 92.23  ? 16   DT  F P     1 
ATOM   83   O OP1   . DT  A 1 5  ? 10.002  -25.389 31.872  1.00 92.13  ? 16   DT  F OP1   1 
ATOM   84   O OP2   . DT  A 1 5  ? 8.964   -24.783 29.593  1.00 90.33  ? 16   DT  F OP2   1 
ATOM   85   O "O5'" . DT  A 1 5  ? 11.301  -24.084 30.149  1.00 90.65  ? 16   DT  F "O5'" 1 
ATOM   86   C "C5'" . DT  A 1 5  ? 12.120  -24.214 29.006  1.00 89.99  ? 16   DT  F "C5'" 1 
ATOM   87   C "C4'" . DT  A 1 5  ? 13.406  -23.455 29.179  1.00 91.66  ? 16   DT  F "C4'" 1 
ATOM   88   O "O4'" . DT  A 1 5  ? 14.202  -23.818 28.024  1.00 91.33  ? 16   DT  F "O4'" 1 
ATOM   89   C "C3'" . DT  A 1 5  ? 13.210  -21.942 29.128  1.00 93.14  ? 16   DT  F "C3'" 1 
ATOM   90   O "O3'" . DT  A 1 5  ? 14.084  -21.262 30.045  1.00 101.72 ? 16   DT  F "O3'" 1 
ATOM   91   C "C2'" . DT  A 1 5  ? 13.506  -21.588 27.682  1.00 90.61  ? 16   DT  F "C2'" 1 
ATOM   92   C "C1'" . DT  A 1 5  ? 14.437  -22.696 27.194  1.00 87.22  ? 16   DT  F "C1'" 1 
ATOM   93   N N1    . DT  A 1 5  ? 14.205  -23.099 25.771  1.00 83.24  ? 16   DT  F N1    1 
ATOM   94   C C2    . DT  A 1 5  ? 15.298  -23.382 24.972  1.00 81.98  ? 16   DT  F C2    1 
ATOM   95   O O2    . DT  A 1 5  ? 16.446  -23.418 25.385  1.00 86.53  ? 16   DT  F O2    1 
ATOM   96   N N3    . DT  A 1 5  ? 15.000  -23.618 23.653  1.00 77.26  ? 16   DT  F N3    1 
ATOM   97   C C4    . DT  A 1 5  ? 13.762  -23.608 23.058  1.00 74.97  ? 16   DT  F C4    1 
ATOM   98   O O4    . DT  A 1 5  ? 13.672  -23.783 21.850  1.00 68.68  ? 16   DT  F O4    1 
ATOM   99   C C5    . DT  A 1 5  ? 12.650  -23.364 23.957  1.00 76.65  ? 16   DT  F C5    1 
ATOM   100  C C7    . DT  A 1 5  ? 11.257  -23.368 23.409  1.00 75.33  ? 16   DT  F C7    1 
ATOM   101  C C6    . DT  A 1 5  ? 12.922  -23.139 25.250  1.00 79.97  ? 16   DT  F C6    1 
ATOM   102  P P     . DA  A 1 6  ? 14.319  -19.665 29.910  1.00 107.80 ? 17   DA  F P     1 
ATOM   103  O OP1   . DA  A 1 6  ? 14.693  -19.119 31.244  1.00 104.19 ? 17   DA  F OP1   1 
ATOM   104  O OP2   . DA  A 1 6  ? 13.179  -19.052 29.158  1.00 108.21 ? 17   DA  F OP2   1 
ATOM   105  O "O5'" . DA  A 1 6  ? 15.615  -19.579 28.989  1.00 103.08 ? 17   DA  F "O5'" 1 
ATOM   106  C "C5'" . DA  A 1 6  ? 16.886  -20.022 29.466  1.00 97.54  ? 17   DA  F "C5'" 1 
ATOM   107  C "C4'" . DA  A 1 6  ? 17.981  -19.508 28.563  1.00 96.15  ? 17   DA  F "C4'" 1 
ATOM   108  O "O4'" . DA  A 1 6  ? 17.889  -20.212 27.300  1.00 96.29  ? 17   DA  F "O4'" 1 
ATOM   109  C "C3'" . DA  A 1 6  ? 17.823  -18.017 28.245  1.00 97.42  ? 17   DA  F "C3'" 1 
ATOM   110  O "O3'" . DA  A 1 6  ? 19.031  -17.277 28.259  1.00 96.45  ? 17   DA  F "O3'" 1 
ATOM   111  C "C2'" . DA  A 1 6  ? 17.323  -17.996 26.822  1.00 99.99  ? 17   DA  F "C2'" 1 
ATOM   112  C "C1'" . DA  A 1 6  ? 17.829  -19.285 26.224  1.00 97.61  ? 17   DA  F "C1'" 1 
ATOM   113  N N9    . DA  A 1 6  ? 16.845  -19.750 25.247  1.00 98.36  ? 17   DA  F N9    1 
ATOM   114  C C8    . DA  A 1 6  ? 15.540  -20.127 25.475  1.00 97.27  ? 17   DA  F C8    1 
ATOM   115  N N7    . DA  A 1 6  ? 14.860  -20.368 24.382  1.00 97.03  ? 17   DA  F N7    1 
ATOM   116  C C5    . DA  A 1 6  ? 15.784  -20.166 23.365  1.00 97.84  ? 17   DA  F C5    1 
ATOM   117  C C6    . DA  A 1 6  ? 15.683  -20.246 21.963  1.00 97.24  ? 17   DA  F C6    1 
ATOM   118  N N6    . DA  A 1 6  ? 14.558  -20.563 21.313  1.00 95.94  ? 17   DA  F N6    1 
ATOM   119  N N1    . DA  A 1 6  ? 16.792  -19.984 21.242  1.00 96.10  ? 17   DA  F N1    1 
ATOM   120  C C2    . DA  A 1 6  ? 17.920  -19.664 21.888  1.00 96.78  ? 17   DA  F C2    1 
ATOM   121  N N3    . DA  A 1 6  ? 18.141  -19.551 23.195  1.00 97.97  ? 17   DA  F N3    1 
ATOM   122  C C4    . DA  A 1 6  ? 17.018  -19.815 23.886  1.00 98.55  ? 17   DA  F C4    1 
HETATM 123  N N1    . 5IU A 1 7  ? 18.029  -15.779 23.692  1.00 95.05  ? 18   5IU F N1    1 
HETATM 124  C C2    . 5IU A 1 7  ? 17.763  -16.082 22.375  1.00 92.86  ? 18   5IU F C2    1 
HETATM 125  N N3    . 5IU A 1 7  ? 16.487  -16.516 22.133  1.00 95.41  ? 18   5IU F N3    1 
HETATM 126  C C4    . 5IU A 1 7  ? 15.468  -16.652 23.046  1.00 100.96 ? 18   5IU F C4    1 
HETATM 127  C C5    . 5IU A 1 7  ? 15.810  -16.296 24.409  1.00 99.86  ? 18   5IU F C5    1 
HETATM 128  C C6    . 5IU A 1 7  ? 17.056  -15.889 24.658  1.00 97.00  ? 18   5IU F C6    1 
HETATM 129  O O2    . 5IU A 1 7  ? 18.589  -15.961 21.482  1.00 85.61  ? 18   5IU F O2    1 
HETATM 130  O O4    . 5IU A 1 7  ? 14.368  -17.052 22.670  1.00 105.16 ? 18   5IU F O4    1 
HETATM 131  I I5    . 5IU A 1 7  ? 14.431  -16.395 25.902  1.00 115.12 ? 18   5IU F I5    1 
HETATM 132  C "C1'" . 5IU A 1 7  ? 19.405  -15.327 24.012  1.00 98.98  ? 18   5IU F "C1'" 1 
HETATM 133  C "C2'" . 5IU A 1 7  ? 19.538  -14.081 24.871  1.00 100.05 ? 18   5IU F "C2'" 1 
HETATM 134  C "C3'" . 5IU A 1 7  ? 20.985  -14.218 25.307  1.00 99.11  ? 18   5IU F "C3'" 1 
HETATM 135  C "C4'" . 5IU A 1 7  ? 21.154  -15.734 25.483  1.00 97.49  ? 18   5IU F "C4'" 1 
HETATM 136  O "O3'" . 5IU A 1 7  ? 21.835  -13.746 24.257  1.00 102.07 ? 18   5IU F "O3'" 1 
HETATM 137  O "O4'" . 5IU A 1 7  ? 20.073  -16.350 24.742  1.00 100.86 ? 18   5IU F "O4'" 1 
HETATM 138  C "C5'" . 5IU A 1 7  ? 21.150  -16.174 26.924  1.00 93.15  ? 18   5IU F "C5'" 1 
HETATM 139  O "O5'" . 5IU A 1 7  ? 20.383  -15.260 27.695  1.00 92.58  ? 18   5IU F "O5'" 1 
HETATM 140  P P     . 5IU A 1 7  ? 18.965  -15.672 28.278  1.00 93.60  ? 18   5IU F P     1 
HETATM 141  O OP1   . 5IU A 1 7  ? 18.889  -15.266 29.705  1.00 94.56  ? 18   5IU F OP1   1 
HETATM 142  O OP2   . 5IU A 1 7  ? 17.937  -15.183 27.338  1.00 92.30  ? 18   5IU F OP2   1 
ATOM   143  P P     . DA  A 1 8  ? 22.679  -12.386 24.451  1.00 103.63 ? 19   DA  F P     1 
ATOM   144  O OP1   . DA  A 1 8  ? 24.108  -12.795 24.553  1.00 103.46 ? 19   DA  F OP1   1 
ATOM   145  O OP2   . DA  A 1 8  ? 22.073  -11.512 25.500  1.00 101.62 ? 19   DA  F OP2   1 
ATOM   146  O "O5'" . DA  A 1 8  ? 22.517  -11.662 23.050  1.00 103.61 ? 19   DA  F "O5'" 1 
ATOM   147  C "C5'" . DA  A 1 8  ? 22.925  -12.304 21.842  1.00 102.52 ? 19   DA  F "C5'" 1 
ATOM   148  C "C4'" . DA  A 1 8  ? 22.067  -11.812 20.702  1.00 102.17 ? 19   DA  F "C4'" 1 
ATOM   149  O "O4'" . DA  A 1 8  ? 20.768  -12.465 20.742  1.00 100.44 ? 19   DA  F "O4'" 1 
ATOM   150  C "C3'" . DA  A 1 8  ? 21.789  -10.305 20.801  1.00 104.73 ? 19   DA  F "C3'" 1 
ATOM   151  O "O3'" . DA  A 1 8  ? 21.863  -9.659  19.522  1.00 106.95 ? 19   DA  F "O3'" 1 
ATOM   152  C "C2'" . DA  A 1 8  ? 20.368  -10.253 21.339  1.00 103.44 ? 19   DA  F "C2'" 1 
ATOM   153  C "C1'" . DA  A 1 8  ? 19.776  -11.458 20.644  1.00 99.23  ? 19   DA  F "C1'" 1 
ATOM   154  N N9    . DA  A 1 8  ? 18.504  -11.966 21.162  1.00 93.54  ? 19   DA  F N9    1 
ATOM   155  C C8    . DA  A 1 8  ? 18.045  -12.021 22.459  1.00 92.98  ? 19   DA  F C8    1 
ATOM   156  N N7    . DA  A 1 8  ? 16.823  -12.495 22.567  1.00 89.92  ? 19   DA  F N7    1 
ATOM   157  C C5    . DA  A 1 8  ? 16.461  -12.783 21.255  1.00 87.72  ? 19   DA  F C5    1 
ATOM   158  C C6    . DA  A 1 8  ? 15.293  -13.321 20.695  1.00 82.11  ? 19   DA  F C6    1 
ATOM   159  N N6    . DA  A 1 8  ? 14.240  -13.693 21.421  1.00 79.09  ? 19   DA  F N6    1 
ATOM   160  N N1    . DA  A 1 8  ? 15.251  -13.478 19.349  1.00 77.84  ? 19   DA  F N1    1 
ATOM   161  C C2    . DA  A 1 8  ? 16.316  -13.134 18.630  1.00 77.45  ? 19   DA  F C2    1 
ATOM   162  N N3    . DA  A 1 8  ? 17.477  -12.631 19.039  1.00 85.00  ? 19   DA  F N3    1 
ATOM   163  C C4    . DA  A 1 8  ? 17.487  -12.471 20.379  1.00 90.03  ? 19   DA  F C4    1 
ATOM   164  P P     . DC  A 1 9  ? 22.151  -8.074  19.445  1.00 107.20 ? 20   DC  F P     1 
ATOM   165  O OP1   . DC  A 1 9  ? 23.617  -7.881  19.541  1.00 109.59 ? 20   DC  F OP1   1 
ATOM   166  O OP2   . DC  A 1 9  ? 21.231  -7.304  20.339  1.00 105.88 ? 20   DC  F OP2   1 
ATOM   167  O "O5'" . DC  A 1 9  ? 21.760  -7.690  17.966  1.00 106.13 ? 20   DC  F "O5'" 1 
ATOM   168  C "C5'" . DC  A 1 9  ? 21.919  -8.614  16.907  1.00 103.18 ? 20   DC  F "C5'" 1 
ATOM   169  C "C4'" . DC  A 1 9  ? 20.808  -8.409  15.908  1.00 97.71  ? 20   DC  F "C4'" 1 
ATOM   170  O "O4'" . DC  A 1 9  ? 19.597  -9.037  16.371  1.00 96.66  ? 20   DC  F "O4'" 1 
ATOM   171  C "C3'" . DC  A 1 9  ? 20.456  -6.941  15.696  1.00 95.54  ? 20   DC  F "C3'" 1 
ATOM   172  O "O3'" . DC  A 1 9  ? 20.276  -6.692  14.320  1.00 93.76  ? 20   DC  F "O3'" 1 
ATOM   173  C "C2'" . DC  A 1 9  ? 19.153  -6.756  16.454  1.00 92.93  ? 20   DC  F "C2'" 1 
ATOM   174  C "C1'" . DC  A 1 9  ? 18.525  -8.119  16.277  1.00 93.53  ? 20   DC  F "C1'" 1 
ATOM   175  N N1    . DC  A 1 9  ? 17.497  -8.539  17.248  1.00 90.62  ? 20   DC  F N1    1 
ATOM   176  C C2    . DC  A 1 9  ? 16.294  -9.090  16.758  1.00 87.04  ? 20   DC  F C2    1 
ATOM   177  O O2    . DC  A 1 9  ? 16.124  -9.188  15.526  1.00 90.23  ? 20   DC  F O2    1 
ATOM   178  N N3    . DC  A 1 9  ? 15.361  -9.513  17.631  1.00 82.21  ? 20   DC  F N3    1 
ATOM   179  C C4    . DC  A 1 9  ? 15.585  -9.426  18.938  1.00 79.41  ? 20   DC  F C4    1 
ATOM   180  N N4    . DC  A 1 9  ? 14.650  -9.897  19.752  1.00 76.41  ? 20   DC  F N4    1 
ATOM   181  C C5    . DC  A 1 9  ? 16.783  -8.859  19.467  1.00 82.68  ? 20   DC  F C5    1 
ATOM   182  C C6    . DC  A 1 9  ? 17.703  -8.425  18.595  1.00 87.17  ? 20   DC  F C6    1 
HETATM 183  N N1    . 5IU A 1 10 ? 14.918  -5.443  15.917  1.00 93.46  ? 21   5IU F N1    1 
HETATM 184  C C2    . 5IU A 1 10 ? 13.859  -6.211  16.326  1.00 92.95  ? 21   5IU F C2    1 
HETATM 185  N N3    . 5IU A 1 10 ? 13.797  -6.429  17.676  1.00 96.51  ? 21   5IU F N3    1 
HETATM 186  C C4    . 5IU A 1 10 ? 14.662  -5.954  18.640  1.00 103.69 ? 21   5IU F C4    1 
HETATM 187  C C5    . 5IU A 1 10 ? 15.739  -5.143  18.147  1.00 105.90 ? 21   5IU F C5    1 
HETATM 188  C C6    . 5IU A 1 10 ? 15.821  -4.928  16.824  1.00 101.51 ? 21   5IU F C6    1 
HETATM 189  O O2    . 5IU A 1 10 ? 13.035  -6.667  15.554  1.00 89.52  ? 21   5IU F O2    1 
HETATM 190  O O4    . 5IU A 1 10 ? 14.481  -6.228  19.826  1.00 103.25 ? 21   5IU F O4    1 
HETATM 191  I I5    . 5IU A 1 10 ? 17.069  -4.328  19.430  1.00 128.45 ? 21   5IU F I5    1 
HETATM 192  C "C1'" . 5IU A 1 10 ? 15.037  -5.228  14.466  1.00 90.99  ? 21   5IU F "C1'" 1 
HETATM 193  C "C2'" . 5IU A 1 10 ? 15.597  -3.911  13.965  1.00 89.18  ? 21   5IU F "C2'" 1 
HETATM 194  C "C3'" . 5IU A 1 10 ? 16.031  -4.302  12.558  1.00 89.17  ? 21   5IU F "C3'" 1 
HETATM 195  C "C4'" . 5IU A 1 10 ? 16.475  -5.757  12.715  1.00 91.43  ? 21   5IU F "C4'" 1 
HETATM 196  O "O3'" . 5IU A 1 10 ? 14.927  -4.260  11.649  1.00 85.73  ? 21   5IU F "O3'" 1 
HETATM 197  O "O4'" . 5IU A 1 10 ? 15.908  -6.219  13.960  1.00 91.14  ? 21   5IU F "O4'" 1 
HETATM 198  C "C5'" . 5IU A 1 10 ? 17.968  -5.979  12.669  1.00 95.77  ? 21   5IU F "C5'" 1 
HETATM 199  O "O5'" . 5IU A 1 10 ? 18.643  -5.015  13.476  1.00 98.49  ? 21   5IU F "O5'" 1 
HETATM 200  P P     . 5IU A 1 10 ? 20.190  -5.183  13.818  1.00 96.89  ? 21   5IU F P     1 
HETATM 201  O OP1   . 5IU A 1 10 ? 21.010  -5.109  12.579  1.00 93.94  ? 21   5IU F OP1   1 
HETATM 202  O OP2   . 5IU A 1 10 ? 20.490  -4.279  14.966  1.00 92.27  ? 21   5IU F OP2   1 
ATOM   203  P P     . DA  A 1 11 ? 15.117  -3.600  10.198  1.00 83.13  ? 22   DA  F P     1 
ATOM   204  O OP1   . DA  A 1 11 ? 16.324  -4.167  9.526   1.00 83.29  ? 22   DA  F OP1   1 
ATOM   205  O OP2   . DA  A 1 11 ? 14.964  -2.125  10.331  1.00 87.63  ? 22   DA  F OP2   1 
ATOM   206  O "O5'" . DA  A 1 11 ? 13.870  -4.125  9.390   1.00 77.83  ? 22   DA  F "O5'" 1 
ATOM   207  C "C5'" . DA  A 1 11 ? 13.754  -5.496  9.084   1.00 72.38  ? 22   DA  F "C5'" 1 
ATOM   208  C "C4'" . DA  A 1 11 ? 12.369  -5.978  9.430   1.00 66.87  ? 22   DA  F "C4'" 1 
ATOM   209  O "O4'" . DA  A 1 11 ? 12.129  -5.795  10.840  1.00 67.18  ? 22   DA  F "O4'" 1 
ATOM   210  C "C3'" . DA  A 1 11 ? 11.216  -5.278  8.725   1.00 64.67  ? 22   DA  F "C3'" 1 
ATOM   211  O "O3'" . DA  A 1 11 ? 10.265  -6.300  8.496   1.00 63.77  ? 22   DA  F "O3'" 1 
ATOM   212  C "C2'" . DA  A 1 11 ? 10.751  -4.249  9.748   1.00 62.05  ? 22   DA  F "C2'" 1 
ATOM   213  C "C1'" . DA  A 1 11 ? 11.019  -4.951  11.062  1.00 64.09  ? 22   DA  F "C1'" 1 
ATOM   214  N N9    . DA  A 1 11 ? 11.380  -4.108  12.195  1.00 66.18  ? 22   DA  F N9    1 
ATOM   215  C C8    . DA  A 1 11 ? 12.301  -3.095  12.252  1.00 65.58  ? 22   DA  F C8    1 
ATOM   216  N N7    . DA  A 1 11 ? 12.470  -2.603  13.455  1.00 67.36  ? 22   DA  F N7    1 
ATOM   217  C C5    . DA  A 1 11 ? 11.579  -3.326  14.238  1.00 69.09  ? 22   DA  F C5    1 
ATOM   218  C C6    . DA  A 1 11 ? 11.273  -3.293  15.616  1.00 71.11  ? 22   DA  F C6    1 
ATOM   219  N N6    . DA  A 1 11 ? 11.857  -2.465  16.483  1.00 70.55  ? 22   DA  F N6    1 
ATOM   220  N N1    . DA  A 1 11 ? 10.331  -4.157  16.075  1.00 71.64  ? 22   DA  F N1    1 
ATOM   221  C C2    . DA  A 1 11 ? 9.751   -4.995  15.204  1.00 70.45  ? 22   DA  F C2    1 
ATOM   222  N N3    . DA  A 1 11 ? 9.954   -5.117  13.893  1.00 71.14  ? 22   DA  F N3    1 
ATOM   223  C C4    . DA  A 1 11 ? 10.888  -4.244  13.470  1.00 68.18  ? 22   DA  F C4    1 
ATOM   224  P P     . DG  A 1 12 ? 8.917   -5.998  7.697   1.00 62.00  ? 23   DG  F P     1 
ATOM   225  O OP1   . DG  A 1 12 ? 8.728   -7.071  6.674   1.00 59.53  ? 23   DG  F OP1   1 
ATOM   226  O OP2   . DG  A 1 12 ? 8.886   -4.565  7.303   1.00 58.40  ? 23   DG  F OP2   1 
ATOM   227  O "O5'" . DG  A 1 12 ? 7.832   -6.245  8.812   1.00 59.16  ? 23   DG  F "O5'" 1 
ATOM   228  C "C5'" . DG  A 1 12 ? 6.815   -5.321  8.997   1.00 64.39  ? 23   DG  F "C5'" 1 
ATOM   229  C "C4'" . DG  A 1 12 ? 6.010   -5.685  10.213  1.00 64.89  ? 23   DG  F "C4'" 1 
ATOM   230  O "O4'" . DG  A 1 12 ? 6.746   -5.342  11.410  1.00 66.04  ? 23   DG  F "O4'" 1 
ATOM   231  C "C3'" . DG  A 1 12 ? 4.754   -4.834  10.221  1.00 64.35  ? 23   DG  F "C3'" 1 
ATOM   232  O "O3'" . DG  A 1 12 ? 3.615   -5.573  10.591  1.00 60.67  ? 23   DG  F "O3'" 1 
ATOM   233  C "C2'" . DG  A 1 12 ? 5.062   -3.687  11.162  1.00 65.57  ? 23   DG  F "C2'" 1 
ATOM   234  C "C1'" . DG  A 1 12 ? 6.125   -4.241  12.089  1.00 67.26  ? 23   DG  F "C1'" 1 
ATOM   235  N N9    . DG  A 1 12 ? 7.164   -3.248  12.357  1.00 66.29  ? 23   DG  F N9    1 
ATOM   236  C C8    . DG  A 1 12 ? 7.932   -2.609  11.418  1.00 68.48  ? 23   DG  F C8    1 
ATOM   237  N N7    . DG  A 1 12 ? 8.787   -1.779  11.939  1.00 70.74  ? 23   DG  F N7    1 
ATOM   238  C C5    . DG  A 1 12 ? 8.568   -1.874  13.306  1.00 70.83  ? 23   DG  F C5    1 
ATOM   239  C C6    . DG  A 1 12 ? 9.204   -1.205  14.374  1.00 71.39  ? 23   DG  F C6    1 
ATOM   240  O O6    . DG  A 1 12 ? 10.125  -0.372  14.322  1.00 71.90  ? 23   DG  F O6    1 
ATOM   241  N N1    . DG  A 1 12 ? 8.681   -1.595  15.604  1.00 68.14  ? 23   DG  F N1    1 
ATOM   242  C C2    . DG  A 1 12 ? 7.679   -2.514  15.780  1.00 68.12  ? 23   DG  F C2    1 
ATOM   243  N N2    . DG  A 1 12 ? 7.330   -2.773  17.043  1.00 65.63  ? 23   DG  F N2    1 
ATOM   244  N N3    . DG  A 1 12 ? 7.069   -3.139  14.785  1.00 69.57  ? 23   DG  F N3    1 
ATOM   245  C C4    . DG  A 1 12 ? 7.564   -2.775  13.581  1.00 68.24  ? 23   DG  F C4    1 
ATOM   246  P P     . DT  A 1 13 ? 2.251   -4.792  10.729  1.00 67.82  ? 24   DT  F P     1 
ATOM   247  O OP1   . DT  A 1 13 ? 1.088   -5.678  11.036  1.00 62.61  ? 24   DT  F OP1   1 
ATOM   248  O OP2   . DT  A 1 13 ? 2.224   -3.872  9.548   1.00 60.65  ? 24   DT  F OP2   1 
ATOM   249  O "O5'" . DT  A 1 13 ? 2.526   -3.961  12.042  1.00 64.94  ? 24   DT  F "O5'" 1 
ATOM   250  C "C5'" . DT  A 1 13 ? 2.685   -4.628  13.270  1.00 65.23  ? 24   DT  F "C5'" 1 
ATOM   251  C "C4'" . DT  A 1 13 ? 2.461   -3.665  14.404  1.00 69.10  ? 24   DT  F "C4'" 1 
ATOM   252  O "O4'" . DT  A 1 13 ? 3.710   -2.968  14.631  1.00 68.53  ? 24   DT  F "O4'" 1 
ATOM   253  C "C3'" . DT  A 1 13 ? 1.410   -2.601  14.088  1.00 68.56  ? 24   DT  F "C3'" 1 
ATOM   254  O "O3'" . DT  A 1 13 ? 0.287   -2.661  14.941  1.00 68.23  ? 24   DT  F "O3'" 1 
ATOM   255  C "C2'" . DT  A 1 13 ? 2.135   -1.274  14.238  1.00 68.89  ? 24   DT  F "C2'" 1 
ATOM   256  C "C1'" . DT  A 1 13 ? 3.468   -1.605  14.901  1.00 68.84  ? 24   DT  F "C1'" 1 
ATOM   257  N N1    . DT  A 1 13 ? 4.598   -0.828  14.327  1.00 67.33  ? 24   DT  F N1    1 
ATOM   258  C C2    . DT  A 1 13 ? 5.487   -0.186  15.175  1.00 66.49  ? 24   DT  F C2    1 
ATOM   259  O O2    . DT  A 1 13 ? 5.394   -0.224  16.405  1.00 63.85  ? 24   DT  F O2    1 
ATOM   260  N N3    . DT  A 1 13 ? 6.488   0.521   14.522  1.00 62.36  ? 24   DT  F N3    1 
ATOM   261  C C4    . DT  A 1 13 ? 6.663   0.656   13.145  1.00 57.72  ? 24   DT  F C4    1 
ATOM   262  O O4    . DT  A 1 13 ? 7.608   1.322   12.694  1.00 48.42  ? 24   DT  F O4    1 
ATOM   263  C C5    . DT  A 1 13 ? 5.678   -0.033  12.336  1.00 59.64  ? 24   DT  F C5    1 
ATOM   264  C C7    . DT  A 1 13 ? 5.744   0.081   10.851  1.00 57.79  ? 24   DT  F C7    1 
ATOM   265  C C6    . DT  A 1 13 ? 4.732   -0.742  12.956  1.00 62.48  ? 24   DT  F C6    1 
ATOM   266  P P     . DA  A 1 14 ? -0.882  -1.575  14.776  1.00 70.26  ? 25   DA  F P     1 
ATOM   267  O OP1   . DA  A 1 14 ? -2.080  -2.092  15.530  1.00 61.20  ? 25   DA  F OP1   1 
ATOM   268  O OP2   . DA  A 1 14 ? -1.023  -1.160  13.351  1.00 67.90  ? 25   DA  F OP2   1 
ATOM   269  O "O5'" . DA  A 1 14 ? -0.254  -0.337  15.549  1.00 71.50  ? 25   DA  F "O5'" 1 
ATOM   270  C "C5'" . DA  A 1 14 ? 0.161   -0.488  16.899  1.00 69.51  ? 25   DA  F "C5'" 1 
ATOM   271  C "C4'" . DA  A 1 14 ? 0.426   0.851   17.531  1.00 70.14  ? 25   DA  F "C4'" 1 
ATOM   272  O "O4'" . DA  A 1 14 ? 1.752   1.297   17.164  1.00 72.42  ? 25   DA  F "O4'" 1 
ATOM   273  C "C3'" . DA  A 1 14 ? -0.533  1.977   17.157  1.00 71.66  ? 25   DA  F "C3'" 1 
ATOM   274  O "O3'" . DA  A 1 14 ? -0.980  2.625   18.351  1.00 72.24  ? 25   DA  F "O3'" 1 
ATOM   275  C "C2'" . DA  A 1 14 ? 0.319   2.891   16.278  1.00 71.06  ? 25   DA  F "C2'" 1 
ATOM   276  C "C1'" . DA  A 1 14 ? 1.726   2.660   16.806  1.00 70.41  ? 25   DA  F "C1'" 1 
ATOM   277  N N9    . DA  A 1 14 ? 2.824   2.882   15.863  1.00 70.73  ? 25   DA  F N9    1 
ATOM   278  C C8    . DA  A 1 14 ? 2.956   2.379   14.592  1.00 73.63  ? 25   DA  F C8    1 
ATOM   279  N N7    . DA  A 1 14 ? 4.078   2.721   13.996  1.00 74.04  ? 25   DA  F N7    1 
ATOM   280  C C5    . DA  A 1 14 ? 4.725   3.512   14.933  1.00 73.82  ? 25   DA  F C5    1 
ATOM   281  C C6    . DA  A 1 14 ? 5.973   4.190   14.912  1.00 75.14  ? 25   DA  F C6    1 
ATOM   282  N N6    . DA  A 1 14 ? 6.814   4.180   13.867  1.00 75.00  ? 25   DA  F N6    1 
ATOM   283  N N1    . DA  A 1 14 ? 6.324   4.888   16.014  1.00 73.71  ? 25   DA  F N1    1 
ATOM   284  C C2    . DA  A 1 14 ? 5.478   4.907   17.054  1.00 73.31  ? 25   DA  F C2    1 
ATOM   285  N N3    . DA  A 1 14 ? 4.280   4.322   17.191  1.00 70.93  ? 25   DA  F N3    1 
ATOM   286  C C4    . DA  A 1 14 ? 3.960   3.628   16.086  1.00 71.80  ? 25   DA  F C4    1 
ATOM   287  P P     . DT  A 1 15 ? -2.180  3.706   18.287  1.00 76.50  ? 26   DT  F P     1 
ATOM   288  O OP1   . DT  A 1 15 ? -3.033  3.496   19.486  1.00 75.66  ? 26   DT  F OP1   1 
ATOM   289  O OP2   . DT  A 1 15 ? -2.815  3.782   16.940  1.00 69.15  ? 26   DT  F OP2   1 
ATOM   290  O "O5'" . DT  A 1 15 ? -1.417  5.073   18.511  1.00 72.25  ? 26   DT  F "O5'" 1 
ATOM   291  C "C5'" . DT  A 1 15 ? -0.141  5.258   17.968  1.00 73.22  ? 26   DT  F "C5'" 1 
ATOM   292  C "C4'" . DT  A 1 15 ? 0.458   6.508   18.533  1.00 79.09  ? 26   DT  F "C4'" 1 
ATOM   293  O "O4'" . DT  A 1 15 ? 1.801   6.622   18.028  1.00 81.73  ? 26   DT  F "O4'" 1 
ATOM   294  C "C3'" . DT  A 1 15 ? -0.289  7.759   18.108  1.00 82.87  ? 26   DT  F "C3'" 1 
ATOM   295  O "O3'" . DT  A 1 15 ? -0.449  8.639   19.215  1.00 88.51  ? 26   DT  F "O3'" 1 
ATOM   296  C "C2'" . DT  A 1 15 ? 0.565   8.339   16.994  1.00 84.99  ? 26   DT  F "C2'" 1 
ATOM   297  C "C1'" . DT  A 1 15 ? 1.955   7.769   17.231  1.00 82.87  ? 26   DT  F "C1'" 1 
ATOM   298  N N1    . DT  A 1 15 ? 2.636   7.343   15.998  1.00 82.40  ? 26   DT  F N1    1 
ATOM   299  C C2    . DT  A 1 15 ? 3.994   7.481   15.950  1.00 82.28  ? 26   DT  F C2    1 
ATOM   300  O O2    . DT  A 1 15 ? 4.652   7.875   16.894  1.00 81.52  ? 26   DT  F O2    1 
ATOM   301  N N3    . DT  A 1 15 ? 4.563   7.143   14.750  1.00 84.58  ? 26   DT  F N3    1 
ATOM   302  C C4    . DT  A 1 15 ? 3.918   6.687   13.615  1.00 88.35  ? 26   DT  F C4    1 
ATOM   303  O O4    . DT  A 1 15 ? 4.566   6.465   12.587  1.00 89.78  ? 26   DT  F O4    1 
ATOM   304  C C5    . DT  A 1 15 ? 2.482   6.528   13.751  1.00 88.24  ? 26   DT  F C5    1 
ATOM   305  C C7    . DT  A 1 15 ? 1.689   6.031   12.584  1.00 91.81  ? 26   DT  F C7    1 
ATOM   306  C C6    . DT  A 1 15 ? 1.926   6.845   14.924  1.00 85.28  ? 26   DT  F C6    1 
ATOM   307  P P     . DA  A 1 16 ? -0.898  10.152  18.963  1.00 93.08  ? 27   DA  F P     1 
ATOM   308  O OP1   . DA  A 1 16 ? -1.285  10.664  20.289  1.00 94.77  ? 27   DA  F OP1   1 
ATOM   309  O OP2   . DA  A 1 16 ? -1.863  10.208  17.837  1.00 95.63  ? 27   DA  F OP2   1 
ATOM   310  O "O5'" . DA  A 1 16 ? 0.449   10.867  18.508  1.00 96.39  ? 27   DA  F "O5'" 1 
ATOM   311  C "C5'" . DA  A 1 16 ? 1.534   11.019  19.426  1.00 100.73 ? 27   DA  F "C5'" 1 
ATOM   312  C "C4'" . DA  A 1 16 ? 2.490   12.081  18.932  1.00 102.22 ? 27   DA  F "C4'" 1 
ATOM   313  O "O4'" . DA  A 1 16 ? 3.262   11.563  17.824  1.00 103.54 ? 27   DA  F "O4'" 1 
ATOM   314  C "C3'" . DA  A 1 16 ? 1.767   13.313  18.395  1.00 102.83 ? 27   DA  F "C3'" 1 
ATOM   315  O "O3'" . DA  A 1 16 ? 2.500   14.508  18.634  1.00 102.33 ? 27   DA  F "O3'" 1 
ATOM   316  C "C2'" . DA  A 1 16 ? 1.729   13.059  16.908  1.00 103.46 ? 27   DA  F "C2'" 1 
ATOM   317  C "C1'" . DA  A 1 16 ? 3.061   12.380  16.693  1.00 101.81 ? 27   DA  F "C1'" 1 
ATOM   318  N N9    . DA  A 1 16 ? 3.068   11.532  15.510  1.00 100.11 ? 27   DA  F N9    1 
ATOM   319  C C8    . DA  A 1 16 ? 2.155   10.581  15.126  1.00 99.80  ? 27   DA  F C8    1 
ATOM   320  N N7    . DA  A 1 16 ? 2.413   10.046  13.955  1.00 100.00 ? 27   DA  F N7    1 
ATOM   321  C C5    . DA  A 1 16 ? 3.584   10.674  13.556  1.00 99.79  ? 27   DA  F C5    1 
ATOM   322  C C6    . DA  A 1 16 ? 4.372   10.558  12.401  1.00 100.94 ? 27   DA  F C6    1 
ATOM   323  N N6    . DA  A 1 16 ? 4.088   9.728   11.389  1.00 101.38 ? 27   DA  F N6    1 
ATOM   324  N N1    . DA  A 1 16 ? 5.477   11.334  12.319  1.00 99.08  ? 27   DA  F N1    1 
ATOM   325  C C2    . DA  A 1 16 ? 5.760   12.161  13.334  1.00 95.62  ? 27   DA  F C2    1 
ATOM   326  N N3    . DA  A 1 16 ? 5.098   12.358  14.465  1.00 94.58  ? 27   DA  F N3    1 
ATOM   327  C C4    . DA  A 1 16 ? 4.008   11.578  14.513  1.00 98.20  ? 27   DA  F C4    1 
ATOM   328  P P     . DT  A 1 17 ? 1.757   15.924  18.488  1.00 102.97 ? 28   DT  F P     1 
ATOM   329  O OP1   . DT  A 1 17 ? 1.497   16.447  19.853  1.00 100.90 ? 28   DT  F OP1   1 
ATOM   330  O OP2   . DT  A 1 17 ? 0.628   15.783  17.525  1.00 102.89 ? 28   DT  F OP2   1 
ATOM   331  O "O5'" . DT  A 1 17 ? 2.851   16.842  17.805  1.00 99.77  ? 28   DT  F "O5'" 1 
ATOM   332  C "C5'" . DT  A 1 17 ? 4.205   16.759  18.209  1.00 99.12  ? 28   DT  F "C5'" 1 
ATOM   333  C "C4'" . DT  A 1 17 ? 5.089   17.187  17.067  1.00 97.17  ? 28   DT  F "C4'" 1 
ATOM   334  O "O4'" . DT  A 1 17 ? 4.979   16.207  16.010  1.00 96.83  ? 28   DT  F "O4'" 1 
ATOM   335  C "C3'" . DT  A 1 17 ? 4.648   18.514  16.459  1.00 98.15  ? 28   DT  F "C3'" 1 
ATOM   336  O "O3'" . DT  A 1 17 ? 5.802   19.278  16.100  1.00 100.79 ? 28   DT  F "O3'" 1 
ATOM   337  C "C2'" . DT  A 1 17 ? 3.833   18.090  15.245  1.00 95.23  ? 28   DT  F "C2'" 1 
ATOM   338  C "C1'" . DT  A 1 17 ? 4.568   16.837  14.809  1.00 92.93  ? 28   DT  F "C1'" 1 
ATOM   339  N N1    . DT  A 1 17 ? 3.812   15.847  14.003  1.00 89.36  ? 28   DT  F N1    1 
ATOM   340  C C2    . DT  A 1 17 ? 4.428   15.339  12.880  1.00 88.92  ? 28   DT  F C2    1 
ATOM   341  O O2    . DT  A 1 17 ? 5.555   15.663  12.517  1.00 91.32  ? 28   DT  F O2    1 
ATOM   342  N N3    . DT  A 1 17 ? 3.680   14.423  12.186  1.00 87.96  ? 28   DT  F N3    1 
ATOM   343  C C4    . DT  A 1 17 ? 2.424   13.959  12.501  1.00 86.16  ? 28   DT  F C4    1 
ATOM   344  O O4    . DT  A 1 17 ? 1.883   13.121  11.780  1.00 86.35  ? 28   DT  F O4    1 
ATOM   345  C C5    . DT  A 1 17 ? 1.846   14.520  13.688  1.00 84.86  ? 28   DT  F C5    1 
ATOM   346  C C7    . DT  A 1 17 ? 0.495   14.051  14.122  1.00 86.04  ? 28   DT  F C7    1 
ATOM   347  C C6    . DT  A 1 17 ? 2.552   15.433  14.365  1.00 86.69  ? 28   DT  F C6    1 
ATOM   348  P P     . DA  A 1 18 ? 5.650   20.838  15.754  1.00 100.82 ? 29   DA  F P     1 
ATOM   349  O OP1   . DA  A 1 18 ? 6.859   21.545  16.253  1.00 102.06 ? 29   DA  F OP1   1 
ATOM   350  O OP2   . DA  A 1 18 ? 4.288   21.298  16.153  1.00 101.02 ? 29   DA  F OP2   1 
ATOM   351  O "O5'" . DA  A 1 18 ? 5.746   20.871  14.176  1.00 100.41 ? 29   DA  F "O5'" 1 
ATOM   352  C "C5'" . DA  A 1 18 ? 6.945   20.485  13.532  1.00 101.51 ? 29   DA  F "C5'" 1 
ATOM   353  C "C4'" . DA  A 1 18 ? 6.739   20.499  12.040  1.00 102.22 ? 29   DA  F "C4'" 1 
ATOM   354  O "O4'" . DA  A 1 18 ? 5.936   19.368  11.614  1.00 100.57 ? 29   DA  F "O4'" 1 
ATOM   355  C "C3'" . DA  A 1 18 ? 5.997   21.745  11.570  1.00 103.35 ? 29   DA  F "C3'" 1 
ATOM   356  O "O3'" . DA  A 1 18 ? 6.597   22.202  10.378  1.00 105.59 ? 29   DA  F "O3'" 1 
ATOM   357  C "C2'" . DA  A 1 18 ? 4.597   21.234  11.273  1.00 102.91 ? 29   DA  F "C2'" 1 
ATOM   358  C "C1'" . DA  A 1 18 ? 4.906   19.840  10.767  1.00 97.55  ? 29   DA  F "C1'" 1 
ATOM   359  N N9    . DA  A 1 18 ? 3.804   18.879  10.793  1.00 92.38  ? 29   DA  F N9    1 
ATOM   360  C C8    . DA  A 1 18 ? 2.795   18.749  11.710  1.00 91.72  ? 29   DA  F C8    1 
ATOM   361  N N7    . DA  A 1 18 ? 1.941   17.795  11.427  1.00 91.42  ? 29   DA  F N7    1 
ATOM   362  C C5    . DA  A 1 18 ? 2.425   17.257  10.243  1.00 93.86  ? 29   DA  F C5    1 
ATOM   363  C C6    . DA  A 1 18 ? 1.967   16.210  9.411   1.00 94.03  ? 29   DA  F C6    1 
ATOM   364  N N6    . DA  A 1 18 ? 0.854   15.508  9.647   1.00 96.60  ? 29   DA  F N6    1 
ATOM   365  N N1    . DA  A 1 18 ? 2.700   15.915  8.310   1.00 92.65  ? 29   DA  F N1    1 
ATOM   366  C C2    . DA  A 1 18 ? 3.802   16.629  8.063   1.00 90.21  ? 29   DA  F C2    1 
ATOM   367  N N3    . DA  A 1 18 ? 4.324   17.637  8.759   1.00 91.37  ? 29   DA  F N3    1 
ATOM   368  C C4    . DA  A 1 18 ? 3.579   17.906  9.849   1.00 92.51  ? 29   DA  F C4    1 
ATOM   369  P P     . DC  A 1 19 ? 6.775   23.766  10.136  1.00 105.47 ? 30   DC  F P     1 
ATOM   370  O OP1   . DC  A 1 19 ? 7.964   24.184  10.914  1.00 104.58 ? 30   DC  F OP1   1 
ATOM   371  O OP2   . DC  A 1 19 ? 5.460   24.428  10.365  1.00 104.26 ? 30   DC  F OP2   1 
ATOM   372  O "O5'" . DC  A 1 19 ? 7.140   23.820  8.592   1.00 104.84 ? 30   DC  F "O5'" 1 
ATOM   373  C "C5'" . DC  A 1 19 ? 8.095   22.906  8.051   1.00 104.47 ? 30   DC  F "C5'" 1 
ATOM   374  C "C4'" . DC  A 1 19 ? 7.610   22.360  6.727   1.00 102.86 ? 30   DC  F "C4'" 1 
ATOM   375  O "O4'" . DC  A 1 19 ? 6.654   21.282  6.913   1.00 101.38 ? 30   DC  F "O4'" 1 
ATOM   376  C "C3'" . DC  A 1 19 ? 6.914   23.407  5.861   1.00 103.27 ? 30   DC  F "C3'" 1 
ATOM   377  O "O3'" . DC  A 1 19 ? 7.439   23.430  4.547   1.00 102.68 ? 30   DC  F "O3'" 1 
ATOM   378  C "C2'" . DC  A 1 19 ? 5.462   22.970  5.833   1.00 100.97 ? 30   DC  F "C2'" 1 
ATOM   379  C "C1'" . DC  A 1 19 ? 5.556   21.473  6.036   1.00 98.63  ? 30   DC  F "C1'" 1 
ATOM   380  N N1    . DC  A 1 19 ? 4.345   20.890  6.654   1.00 94.57  ? 30   DC  F N1    1 
ATOM   381  C C2    . DC  A 1 19 ? 3.731   19.782  6.039   1.00 89.58  ? 30   DC  F C2    1 
ATOM   382  O O2    . DC  A 1 19 ? 4.264   19.275  5.041   1.00 87.36  ? 30   DC  F O2    1 
ATOM   383  N N3    . DC  A 1 19 ? 2.575   19.293  6.556   1.00 87.13  ? 30   DC  F N3    1 
ATOM   384  C C4    . DC  A 1 19 ? 2.041   19.858  7.648   1.00 88.14  ? 30   DC  F C4    1 
ATOM   385  N N4    . DC  A 1 19 ? 0.883   19.376  8.115   1.00 82.80  ? 30   DC  F N4    1 
ATOM   386  C C5    . DC  A 1 19 ? 2.668   20.956  8.313   1.00 89.54  ? 30   DC  F C5    1 
ATOM   387  C C6    . DC  A 1 19 ? 3.808   21.433  7.790   1.00 91.07  ? 30   DC  F C6    1 
ATOM   388  P P     . DT  A 1 20 ? 7.061   24.647  3.575   1.00 103.84 ? 31   DT  F P     1 
ATOM   389  O OP1   . DT  A 1 20 ? 8.319   25.389  3.299   1.00 102.93 ? 31   DT  F OP1   1 
ATOM   390  O OP2   . DT  A 1 20 ? 5.873   25.374  4.114   1.00 100.93 ? 31   DT  F OP2   1 
ATOM   391  O "O5'" . DT  A 1 20 ? 6.586   23.884  2.272   1.00 100.04 ? 31   DT  F "O5'" 1 
ATOM   392  C "C5'" . DT  A 1 20 ? 5.777   22.734  2.409   1.00 98.80  ? 31   DT  F "C5'" 1 
ATOM   393  C "C4'" . DT  A 1 20 ? 5.458   22.153  1.060   1.00 98.55  ? 31   DT  F "C4'" 1 
ATOM   394  O "O4'" . DT  A 1 20 ? 4.457   21.145  1.322   1.00 96.46  ? 31   DT  F "O4'" 1 
ATOM   395  C "C3'" . DT  A 1 20 ? 4.807   23.158  0.114   1.00 98.96  ? 31   DT  F "C3'" 1 
ATOM   396  O "O3'" . DT  A 1 20 ? 4.990   22.872  -1.278  1.00 102.36 ? 31   DT  F "O3'" 1 
ATOM   397  C "C2'" . DT  A 1 20 ? 3.335   23.069  0.478   1.00 98.88  ? 31   DT  F "C2'" 1 
ATOM   398  C "C1'" . DT  A 1 20 ? 3.162   21.650  1.038   1.00 94.25  ? 31   DT  F "C1'" 1 
ATOM   399  N N1    . DT  A 1 20 ? 2.362   21.597  2.292   1.00 86.97  ? 31   DT  F N1    1 
ATOM   400  C C2    . DT  A 1 20 ? 1.412   20.619  2.402   1.00 85.54  ? 31   DT  F C2    1 
ATOM   401  O O2    . DT  A 1 20 ? 1.289   19.710  1.593   1.00 83.40  ? 31   DT  F O2    1 
ATOM   402  N N3    . DT  A 1 20 ? 0.615   20.724  3.516   1.00 84.27  ? 31   DT  F N3    1 
ATOM   403  C C4    . DT  A 1 20 ? 0.698   21.661  4.522   1.00 83.93  ? 31   DT  F C4    1 
ATOM   404  O O4    . DT  A 1 20 ? -0.128  21.660  5.442   1.00 82.86  ? 31   DT  F O4    1 
ATOM   405  C C5    . DT  A 1 20 ? 1.778   22.595  4.387   1.00 83.81  ? 31   DT  F C5    1 
ATOM   406  C C7    . DT  A 1 20 ? 2.006   23.594  5.473   1.00 85.97  ? 31   DT  F C7    1 
ATOM   407  C C6    . DT  A 1 20 ? 2.539   22.527  3.291   1.00 82.74  ? 31   DT  F C6    1 
ATOM   408  N N     . LYS B 2 23 ? 18.897  1.520   2.005   1.00 70.19  ? 4    LYS A N     1 
ATOM   409  C CA    . LYS B 2 23 ? 17.743  2.424   1.695   1.00 71.29  ? 4    LYS A CA    1 
ATOM   410  C C     . LYS B 2 23 ? 16.385  1.936   2.231   1.00 72.11  ? 4    LYS A C     1 
ATOM   411  O O     . LYS B 2 23 ? 16.190  0.746   2.519   1.00 71.93  ? 4    LYS A O     1 
ATOM   412  C CB    . LYS B 2 23 ? 17.611  2.633   0.183   1.00 71.30  ? 4    LYS A CB    1 
ATOM   413  C CG    . LYS B 2 23 ? 18.781  3.337   -0.485  1.00 73.16  ? 4    LYS A CG    1 
ATOM   414  C CD    . LYS B 2 23 ? 19.426  2.350   -1.510  1.00 75.69  ? 4    LYS A CD    1 
ATOM   415  C CE    . LYS B 2 23 ? 19.781  3.059   -2.842  1.00 70.42  ? 4    LYS A CE    1 
ATOM   416  N NZ    . LYS B 2 23 ? 18.604  3.120   -3.800  1.00 67.71  ? 4    LYS A NZ    1 
ATOM   417  N N     . GLU B 2 24 ? 15.443  2.870   2.313   1.00 70.47  ? 5    GLU A N     1 
ATOM   418  C CA    . GLU B 2 24 ? 14.118  2.577   2.807   1.00 67.98  ? 5    GLU A CA    1 
ATOM   419  C C     . GLU B 2 24 ? 13.218  3.708   2.422   1.00 66.89  ? 5    GLU A C     1 
ATOM   420  O O     . GLU B 2 24 ? 13.637  4.870   2.398   1.00 66.97  ? 5    GLU A O     1 
ATOM   421  C CB    . GLU B 2 24 ? 14.133  2.510   4.322   1.00 69.77  ? 5    GLU A CB    1 
ATOM   422  C CG    . GLU B 2 24 ? 13.947  1.143   4.878   1.00 74.51  ? 5    GLU A CG    1 
ATOM   423  C CD    . GLU B 2 24 ? 14.844  0.935   6.089   1.00 80.52  ? 5    GLU A CD    1 
ATOM   424  O OE1   . GLU B 2 24 ? 16.103  0.918   5.921   1.00 84.92  ? 5    GLU A OE1   1 
ATOM   425  O OE2   . GLU B 2 24 ? 14.287  0.807   7.208   1.00 85.27  ? 5    GLU A OE2   1 
ATOM   426  N N     . THR B 2 25 ? 11.979  3.379   2.106   1.00 62.20  ? 6    THR A N     1 
ATOM   427  C CA    . THR B 2 25 ? 11.049  4.428   1.809   1.00 61.11  ? 6    THR A CA    1 
ATOM   428  C C     . THR B 2 25 ? 10.062  4.322   2.956   1.00 63.60  ? 6    THR A C     1 
ATOM   429  O O     . THR B 2 25 ? 9.613   3.223   3.308   1.00 64.67  ? 6    THR A O     1 
ATOM   430  C CB    . THR B 2 25 ? 10.387  4.185   0.471   1.00 59.11  ? 6    THR A CB    1 
ATOM   431  O OG1   . THR B 2 25 ? 11.408  4.046   -0.511  1.00 56.26  ? 6    THR A OG1   1 
ATOM   432  C CG2   . THR B 2 25 ? 9.484   5.343   0.081   1.00 57.46  ? 6    THR A CG2   1 
ATOM   433  N N     . LYS B 2 26 ? 9.776   5.451   3.589   1.00 65.23  ? 7    LYS A N     1 
ATOM   434  C CA    . LYS B 2 26 ? 8.822   5.465   4.683   1.00 65.51  ? 7    LYS A CA    1 
ATOM   435  C C     . LYS B 2 26 ? 7.703   6.316   4.111   1.00 67.50  ? 7    LYS A C     1 
ATOM   436  O O     . LYS B 2 26 ? 7.965   7.305   3.428   1.00 68.69  ? 7    LYS A O     1 
ATOM   437  C CB    . LYS B 2 26 ? 9.418   6.154   5.912   1.00 66.76  ? 7    LYS A CB    1 
ATOM   438  C CG    . LYS B 2 26 ? 10.942  6.018   6.084   1.00 67.52  ? 7    LYS A CG    1 
ATOM   439  C CD    . LYS B 2 26 ? 11.406  4.700   6.756   1.00 65.94  ? 7    LYS A CD    1 
ATOM   440  C CE    . LYS B 2 26 ? 12.943  4.674   6.932   1.00 62.72  ? 7    LYS A CE    1 
ATOM   441  N NZ    . LYS B 2 26 ? 13.433  3.804   8.036   1.00 55.85  ? 7    LYS A NZ    1 
ATOM   442  N N     . HIS B 2 27 ? 6.465   5.912   4.351   1.00 67.77  ? 8    HIS A N     1 
ATOM   443  C CA    . HIS B 2 27 ? 5.303   6.639   3.877   1.00 64.81  ? 8    HIS A CA    1 
ATOM   444  C C     . HIS B 2 27 ? 4.185   6.246   4.808   1.00 63.31  ? 8    HIS A C     1 
ATOM   445  O O     . HIS B 2 27 ? 3.915   5.055   5.009   1.00 65.36  ? 8    HIS A O     1 
ATOM   446  C CB    . HIS B 2 27 ? 4.946   6.215   2.456   1.00 66.24  ? 8    HIS A CB    1 
ATOM   447  C CG    . HIS B 2 27 ? 3.714   6.885   1.922   1.00 71.48  ? 8    HIS A CG    1 
ATOM   448  N ND1   . HIS B 2 27 ? 3.746   8.113   1.284   1.00 70.37  ? 8    HIS A ND1   1 
ATOM   449  C CD2   . HIS B 2 27 ? 2.414   6.508   1.945   1.00 71.57  ? 8    HIS A CD2   1 
ATOM   450  C CE1   . HIS B 2 27 ? 2.517   8.452   0.937   1.00 72.70  ? 8    HIS A CE1   1 
ATOM   451  N NE2   . HIS B 2 27 ? 1.690   7.499   1.324   1.00 72.76  ? 8    HIS A NE2   1 
ATOM   452  N N     . LEU B 2 28 ? 3.550   7.211   5.441   1.00 62.41  ? 9    LEU A N     1 
ATOM   453  C CA    . LEU B 2 28 ? 2.458   6.783   6.293   1.00 64.81  ? 9    LEU A CA    1 
ATOM   454  C C     . LEU B 2 28 ? 1.206   7.118   5.543   1.00 64.49  ? 9    LEU A C     1 
ATOM   455  O O     . LEU B 2 28 ? 1.067   8.230   5.020   1.00 65.42  ? 9    LEU A O     1 
ATOM   456  C CB    . LEU B 2 28 ? 2.448   7.475   7.669   1.00 61.76  ? 9    LEU A CB    1 
ATOM   457  C CG    . LEU B 2 28 ? 1.823   8.852   7.740   1.00 54.77  ? 9    LEU A CG    1 
ATOM   458  C CD1   . LEU B 2 28 ? 1.778   9.331   9.168   1.00 49.23  ? 9    LEU A CD1   1 
ATOM   459  C CD2   . LEU B 2 28 ? 2.647   9.760   6.844   1.00 51.42  ? 9    LEU A CD2   1 
ATOM   460  N N     . LEU B 2 29 ? 0.311   6.147   5.443   1.00 60.12  ? 10   LEU A N     1 
ATOM   461  C CA    . LEU B 2 29 ? -0.910  6.438   4.753   1.00 61.33  ? 10   LEU A CA    1 
ATOM   462  C C     . LEU B 2 29 ? -2.033  6.475   5.723   1.00 61.49  ? 10   LEU A C     1 
ATOM   463  O O     . LEU B 2 29 ? -1.960  5.918   6.814   1.00 62.61  ? 10   LEU A O     1 
ATOM   464  C CB    . LEU B 2 29 ? -1.226  5.412   3.680   1.00 56.29  ? 10   LEU A CB    1 
ATOM   465  C CG    . LEU B 2 29 ? -1.003  3.964   4.011   1.00 48.38  ? 10   LEU A CG    1 
ATOM   466  C CD1   . LEU B 2 29 ? -1.979  3.095   3.272   1.00 40.61  ? 10   LEU A CD1   1 
ATOM   467  C CD2   . LEU B 2 29 ? 0.422   3.665   3.627   1.00 54.06  ? 10   LEU A CD2   1 
ATOM   468  N N     . LYS B 2 30 ? -3.093  7.134   5.306   1.00 60.63  ? 11   LYS A N     1 
ATOM   469  C CA    . LYS B 2 30 ? -4.238  7.252   6.147   1.00 60.78  ? 11   LYS A CA    1 
ATOM   470  C C     . LYS B 2 30 ? -5.396  6.945   5.234   1.00 61.63  ? 11   LYS A C     1 
ATOM   471  O O     . LYS B 2 30 ? -5.501  7.523   4.143   1.00 62.79  ? 11   LYS A O     1 
ATOM   472  C CB    . LYS B 2 30 ? -4.326  8.691   6.670   1.00 63.49  ? 11   LYS A CB    1 
ATOM   473  C CG    . LYS B 2 30 ? -2.993  9.437   6.753   1.00 64.88  ? 11   LYS A CG    1 
ATOM   474  C CD    . LYS B 2 30 ? -3.062  10.540  7.815   1.00 67.80  ? 11   LYS A CD    1 
ATOM   475  C CE    . LYS B 2 30 ? -1.697  11.208  8.006   1.00 71.35  ? 11   LYS A CE    1 
ATOM   476  N NZ    . LYS B 2 30 ? -1.635  12.081  9.236   1.00 71.84  ? 11   LYS A NZ    1 
ATOM   477  N N     . ILE B 2 31 ? -6.241  6.003   5.633   1.00 61.66  ? 12   ILE A N     1 
ATOM   478  C CA    . ILE B 2 31 ? -7.409  5.705   4.812   1.00 61.42  ? 12   ILE A CA    1 
ATOM   479  C C     . ILE B 2 31 ? -8.575  6.088   5.693   1.00 64.02  ? 12   ILE A C     1 
ATOM   480  O O     . ILE B 2 31 ? -8.631  5.684   6.872   1.00 62.55  ? 12   ILE A O     1 
ATOM   481  C CB    . ILE B 2 31 ? -7.495  4.191   4.370   1.00 54.27  ? 12   ILE A CB    1 
ATOM   482  C CG1   . ILE B 2 31 ? -6.517  3.871   3.212   1.00 47.31  ? 12   ILE A CG1   1 
ATOM   483  C CG2   . ILE B 2 31 ? -8.897  3.892   3.850   1.00 53.14  ? 12   ILE A CG2   1 
ATOM   484  C CD1   . ILE B 2 31 ? -5.052  4.312   3.443   1.00 45.66  ? 12   ILE A CD1   1 
ATOM   485  N N     . LYS B 2 32 ? -9.472  6.900   5.145   1.00 68.12  ? 13   LYS A N     1 
ATOM   486  C CA    . LYS B 2 32 ? -10.594 7.323   5.936   1.00 74.93  ? 13   LYS A CA    1 
ATOM   487  C C     . LYS B 2 32 ? -11.808 6.446   5.777   1.00 80.23  ? 13   LYS A C     1 
ATOM   488  O O     . LYS B 2 32 ? -12.283 6.196   4.666   1.00 83.16  ? 13   LYS A O     1 
ATOM   489  C CB    . LYS B 2 32 ? -10.959 8.742   5.605   1.00 76.64  ? 13   LYS A CB    1 
ATOM   490  C CG    . LYS B 2 32 ? -10.740 9.672   6.777   1.00 78.93  ? 13   LYS A CG    1 
ATOM   491  C CD    . LYS B 2 32 ? -10.846 11.114  6.330   1.00 79.77  ? 13   LYS A CD    1 
ATOM   492  C CE    . LYS B 2 32 ? -9.767  11.430  5.329   1.00 81.74  ? 13   LYS A CE    1 
ATOM   493  N NZ    . LYS B 2 32 ? -10.054 12.668  4.601   1.00 85.05  ? 13   LYS A NZ    1 
ATOM   494  N N     . LYS B 2 33 ? -12.281 5.959   6.914   1.00 83.25  ? 14   LYS A N     1 
ATOM   495  C CA    . LYS B 2 33 ? -13.462 5.121   7.011   1.00 86.57  ? 14   LYS A CA    1 
ATOM   496  C C     . LYS B 2 33 ? -14.534 5.474   5.959   1.00 90.84  ? 14   LYS A C     1 
ATOM   497  O O     . LYS B 2 33 ? -14.998 4.619   5.196   1.00 92.39  ? 14   LYS A O     1 
ATOM   498  C CB    . LYS B 2 33 ? -14.025 5.307   8.423   1.00 84.65  ? 14   LYS A CB    1 
ATOM   499  C CG    . LYS B 2 33 ? -15.228 4.511   8.746   1.00 80.12  ? 14   LYS A CG    1 
ATOM   500  C CD    . LYS B 2 33 ? -14.885 3.079   8.749   1.00 84.56  ? 14   LYS A CD    1 
ATOM   501  C CE    . LYS B 2 33 ? -15.914 2.342   9.571   1.00 86.70  ? 14   LYS A CE    1 
ATOM   502  N NZ    . LYS B 2 33 ? -15.666 0.873   9.495   1.00 92.03  ? 14   LYS A NZ    1 
ATOM   503  N N     . GLU B 2 34 ? -14.886 6.756   5.912   1.00 94.50  ? 15   GLU A N     1 
ATOM   504  C CA    . GLU B 2 34 ? -15.931 7.256   5.032   1.00 97.05  ? 15   GLU A CA    1 
ATOM   505  C C     . GLU B 2 34 ? -15.644 7.239   3.545   1.00 97.13  ? 15   GLU A C     1 
ATOM   506  O O     . GLU B 2 34 ? -16.460 6.791   2.740   1.00 96.05  ? 15   GLU A O     1 
ATOM   507  C CB    . GLU B 2 34 ? -16.308 8.679   5.413   1.00 101.50 ? 15   GLU A CB    1 
ATOM   508  C CG    . GLU B 2 34 ? -17.629 9.114   4.733   1.00 110.46 ? 15   GLU A CG    1 
ATOM   509  C CD    . GLU B 2 34 ? -18.473 10.073  5.562   1.00 114.63 ? 15   GLU A CD    1 
ATOM   510  O OE1   . GLU B 2 34 ? -17.901 10.970  6.219   1.00 115.14 ? 15   GLU A OE1   1 
ATOM   511  O OE2   . GLU B 2 34 ? -19.715 9.936   5.545   1.00 119.10 ? 15   GLU A OE2   1 
ATOM   512  N N     . ASP B 2 35 ? -14.485 7.749   3.169   1.00 97.91  ? 16   ASP A N     1 
ATOM   513  C CA    . ASP B 2 35 ? -14.141 7.820   1.769   1.00 98.27  ? 16   ASP A CA    1 
ATOM   514  C C     . ASP B 2 35 ? -13.905 6.507   1.080   1.00 99.66  ? 16   ASP A C     1 
ATOM   515  O O     . ASP B 2 35 ? -14.343 6.322   -0.043  1.00 101.34 ? 16   ASP A O     1 
ATOM   516  C CB    . ASP B 2 35 ? -12.969 8.769   1.602   1.00 96.54  ? 16   ASP A CB    1 
ATOM   517  C CG    . ASP B 2 35 ? -13.326 10.155  2.050   1.00 97.11  ? 16   ASP A CG    1 
ATOM   518  O OD1   . ASP B 2 35 ? -14.292 10.712  1.490   1.00 96.97  ? 16   ASP A OD1   1 
ATOM   519  O OD2   . ASP B 2 35 ? -12.659 10.677  2.961   1.00 98.25  ? 16   ASP A OD2   1 
ATOM   520  N N     . TYR B 2 36 ? -13.232 5.586   1.748   1.00 100.57 ? 17   TYR A N     1 
ATOM   521  C CA    . TYR B 2 36 ? -12.958 4.283   1.163   1.00 100.07 ? 17   TYR A CA    1 
ATOM   522  C C     . TYR B 2 36 ? -13.191 3.267   2.269   1.00 94.70  ? 17   TYR A C     1 
ATOM   523  O O     . TYR B 2 36 ? -12.248 2.794   2.881   1.00 94.51  ? 17   TYR A O     1 
ATOM   524  C CB    . TYR B 2 36 ? -11.501 4.193   0.687   1.00 105.22 ? 17   TYR A CB    1 
ATOM   525  C CG    . TYR B 2 36 ? -10.957 5.447   0.035   1.00 110.36 ? 17   TYR A CG    1 
ATOM   526  C CD1   . TYR B 2 36 ? -10.524 6.520   0.800   1.00 111.92 ? 17   TYR A CD1   1 
ATOM   527  C CD2   . TYR B 2 36 ? -10.822 5.534   -1.347  1.00 113.66 ? 17   TYR A CD2   1 
ATOM   528  C CE1   . TYR B 2 36 ? -9.956  7.646   0.205   1.00 114.24 ? 17   TYR A CE1   1 
ATOM   529  C CE2   . TYR B 2 36 ? -10.257 6.655   -1.950  1.00 116.11 ? 17   TYR A CE2   1 
ATOM   530  C CZ    . TYR B 2 36 ? -9.823  7.704   -1.165  1.00 114.91 ? 17   TYR A CZ    1 
ATOM   531  O OH    . TYR B 2 36 ? -9.222  8.796   -1.741  1.00 114.52 ? 17   TYR A OH    1 
ATOM   532  N N     . PRO B 2 37 ? -14.456 2.934   2.555   1.00 89.71  ? 18   PRO A N     1 
ATOM   533  C CA    . PRO B 2 37 ? -14.786 1.970   3.608   1.00 85.80  ? 18   PRO A CA    1 
ATOM   534  C C     . PRO B 2 37 ? -14.028 0.657   3.481   1.00 83.32  ? 18   PRO A C     1 
ATOM   535  O O     . PRO B 2 37 ? -13.238 0.331   4.349   1.00 83.23  ? 18   PRO A O     1 
ATOM   536  C CB    . PRO B 2 37 ? -16.295 1.795   3.453   1.00 86.89  ? 18   PRO A CB    1 
ATOM   537  C CG    . PRO B 2 37 ? -16.489 1.960   1.981   1.00 89.56  ? 18   PRO A CG    1 
ATOM   538  C CD    . PRO B 2 37 ? -15.631 3.181   1.707   1.00 87.40  ? 18   PRO A CD    1 
ATOM   539  N N     . GLN B 2 38 ? -14.263 -0.077  2.392   1.00 82.25  ? 19   GLN A N     1 
ATOM   540  C CA    . GLN B 2 38 ? -13.610 -1.378  2.137   1.00 81.38  ? 19   GLN A CA    1 
ATOM   541  C C     . GLN B 2 38 ? -12.102 -1.418  2.442   1.00 75.29  ? 19   GLN A C     1 
ATOM   542  O O     . GLN B 2 38 ? -11.622 -2.348  3.095   1.00 74.76  ? 19   GLN A O     1 
ATOM   543  C CB    . GLN B 2 38 ? -13.809 -1.814  0.681   1.00 89.55  ? 19   GLN A CB    1 
ATOM   544  C CG    . GLN B 2 38 ? -14.718 -0.901  -0.092  1.00 96.98  ? 19   GLN A CG    1 
ATOM   545  C CD    . GLN B 2 38 ? -16.010 -1.582  -0.432  1.00 100.28 ? 19   GLN A CD    1 
ATOM   546  O OE1   . GLN B 2 38 ? -17.064 -0.955  -0.455  1.00 104.83 ? 19   GLN A OE1   1 
ATOM   547  N NE2   . GLN B 2 38 ? -15.936 -2.880  -0.716  1.00 101.13 ? 19   GLN A NE2   1 
ATOM   548  N N     . ILE B 2 39 ? -11.336 -0.454  1.941   1.00 70.72  ? 20   ILE A N     1 
ATOM   549  C CA    . ILE B 2 39 ? -9.909  -0.458  2.260   1.00 63.48  ? 20   ILE A CA    1 
ATOM   550  C C     . ILE B 2 39 ? -9.770  -0.319  3.788   1.00 63.10  ? 20   ILE A C     1 
ATOM   551  O O     . ILE B 2 39 ? -9.211  -1.188  4.436   1.00 64.93  ? 20   ILE A O     1 
ATOM   552  C CB    . ILE B 2 39 ? -9.187  0.660   1.497   1.00 58.94  ? 20   ILE A CB    1 
ATOM   553  C CG1   . ILE B 2 39 ? -9.079  0.258   0.032   1.00 54.22  ? 20   ILE A CG1   1 
ATOM   554  C CG2   . ILE B 2 39 ? -7.817  0.889   2.038   1.00 51.26  ? 20   ILE A CG2   1 
ATOM   555  C CD1   . ILE B 2 39 ? -8.301  1.188   -0.799  1.00 56.29  ? 20   ILE A CD1   1 
ATOM   556  N N     . PHE B 2 40 ? -10.294 0.753   4.368   1.00 60.69  ? 21   PHE A N     1 
ATOM   557  C CA    . PHE B 2 40 ? -10.265 0.925   5.822   1.00 58.04  ? 21   PHE A CA    1 
ATOM   558  C C     . PHE B 2 40 ? -10.500 -0.418  6.499   1.00 58.73  ? 21   PHE A C     1 
ATOM   559  O O     . PHE B 2 40 ? -9.606  -1.016  7.091   1.00 56.83  ? 21   PHE A O     1 
ATOM   560  C CB    . PHE B 2 40 ? -11.386 1.882   6.256   1.00 57.55  ? 21   PHE A CB    1 
ATOM   561  C CG    . PHE B 2 40 ? -11.442 2.121   7.732   1.00 57.28  ? 21   PHE A CG    1 
ATOM   562  C CD1   . PHE B 2 40 ? -10.821 3.232   8.279   1.00 60.35  ? 21   PHE A CD1   1 
ATOM   563  C CD2   . PHE B 2 40 ? -12.073 1.214   8.584   1.00 58.35  ? 21   PHE A CD2   1 
ATOM   564  C CE1   . PHE B 2 40 ? -10.820 3.443   9.655   1.00 62.99  ? 21   PHE A CE1   1 
ATOM   565  C CE2   . PHE B 2 40 ? -12.077 1.412   9.965   1.00 58.07  ? 21   PHE A CE2   1 
ATOM   566  C CZ    . PHE B 2 40 ? -11.449 2.528   10.500  1.00 60.16  ? 21   PHE A CZ    1 
ATOM   567  N N     . ASP B 2 41 ? -11.734 -0.878  6.385   1.00 61.92  ? 22   ASP A N     1 
ATOM   568  C CA    . ASP B 2 41 ? -12.192 -2.129  6.970   1.00 66.64  ? 22   ASP A CA    1 
ATOM   569  C C     . ASP B 2 41 ? -11.191 -3.267  6.815   1.00 67.59  ? 22   ASP A C     1 
ATOM   570  O O     . ASP B 2 41 ? -11.030 -4.126  7.685   1.00 70.70  ? 22   ASP A O     1 
ATOM   571  C CB    . ASP B 2 41 ? -13.516 -2.496  6.316   1.00 70.04  ? 22   ASP A CB    1 
ATOM   572  C CG    . ASP B 2 41 ? -14.059 -3.817  6.784   1.00 75.06  ? 22   ASP A CG    1 
ATOM   573  O OD1   . ASP B 2 41 ? -13.313 -4.826  6.725   1.00 73.07  ? 22   ASP A OD1   1 
ATOM   574  O OD2   . ASP B 2 41 ? -15.242 -3.838  7.198   1.00 78.51  ? 22   ASP A OD2   1 
ATOM   575  N N     . PHE B 2 42 ? -10.523 -3.280  5.684   1.00 67.14  ? 23   PHE A N     1 
ATOM   576  C CA    . PHE B 2 42 ? -9.534  -4.305  5.419   1.00 65.38  ? 23   PHE A CA    1 
ATOM   577  C C     . PHE B 2 42 ? -8.381  -4.211  6.409   1.00 64.43  ? 23   PHE A C     1 
ATOM   578  O O     . PHE B 2 42 ? -8.251  -5.030  7.310   1.00 63.13  ? 23   PHE A O     1 
ATOM   579  C CB    . PHE B 2 42 ? -8.999  -4.120  4.001   1.00 66.57  ? 23   PHE A CB    1 
ATOM   580  C CG    . PHE B 2 42 ? -7.987  -5.122  3.615   1.00 66.34  ? 23   PHE A CG    1 
ATOM   581  C CD1   . PHE B 2 42 ? -8.322  -6.465  3.588   1.00 64.66  ? 23   PHE A CD1   1 
ATOM   582  C CD2   . PHE B 2 42 ? -6.697  -4.737  3.254   1.00 69.19  ? 23   PHE A CD2   1 
ATOM   583  C CE1   . PHE B 2 42 ? -7.392  -7.420  3.214   1.00 65.94  ? 23   PHE A CE1   1 
ATOM   584  C CE2   . PHE B 2 42 ? -5.753  -5.690  2.875   1.00 67.73  ? 23   PHE A CE2   1 
ATOM   585  C CZ    . PHE B 2 42 ? -6.104  -7.037  2.847   1.00 66.65  ? 23   PHE A CZ    1 
ATOM   586  N N     . LEU B 2 43 ? -7.552  -3.189  6.216   1.00 63.00  ? 24   LEU A N     1 
ATOM   587  C CA    . LEU B 2 43 ? -6.370  -2.963  7.035   1.00 62.91  ? 24   LEU A CA    1 
ATOM   588  C C     . LEU B 2 43 ? -6.667  -3.093  8.490   1.00 61.83  ? 24   LEU A C     1 
ATOM   589  O O     . LEU B 2 43 ? -5.840  -3.556  9.273   1.00 58.77  ? 24   LEU A O     1 
ATOM   590  C CB    . LEU B 2 43 ? -5.782  -1.562  6.797   1.00 63.75  ? 24   LEU A CB    1 
ATOM   591  C CG    . LEU B 2 43 ? -5.017  -1.231  5.507   1.00 62.49  ? 24   LEU A CG    1 
ATOM   592  C CD1   . LEU B 2 43 ? -4.213  -2.438  5.008   1.00 64.20  ? 24   LEU A CD1   1 
ATOM   593  C CD2   . LEU B 2 43 ? -5.989  -0.846  4.463   1.00 66.26  ? 24   LEU A CD2   1 
ATOM   594  N N     . GLU B 2 44 ? -7.864  -2.671  8.846   1.00 62.19  ? 25   GLU A N     1 
ATOM   595  C CA    . GLU B 2 44 ? -8.253  -2.703  10.224  1.00 64.47  ? 25   GLU A CA    1 
ATOM   596  C C     . GLU B 2 44 ? -8.542  -4.113  10.747  1.00 64.97  ? 25   GLU A C     1 
ATOM   597  O O     . GLU B 2 44 ? -8.649  -4.329  11.947  1.00 65.55  ? 25   GLU A O     1 
ATOM   598  C CB    . GLU B 2 44 ? -9.455  -1.785  10.418  1.00 66.53  ? 25   GLU A CB    1 
ATOM   599  C CG    . GLU B 2 44 ? -9.466  -1.114  11.779  1.00 73.49  ? 25   GLU A CG    1 
ATOM   600  C CD    . GLU B 2 44 ? -8.358  -0.083  11.947  1.00 75.84  ? 25   GLU A CD    1 
ATOM   601  O OE1   . GLU B 2 44 ? -7.174  -0.390  11.668  1.00 74.11  ? 25   GLU A OE1   1 
ATOM   602  O OE2   . GLU B 2 44 ? -8.683  1.043   12.377  1.00 78.76  ? 25   GLU A OE2   1 
ATOM   603  N N     . ASN B 2 45 ? -8.626  -5.093  9.863   1.00 66.08  ? 26   ASN A N     1 
ATOM   604  C CA    . ASN B 2 45 ? -8.943  -6.432  10.328  1.00 66.06  ? 26   ASN A CA    1 
ATOM   605  C C     . ASN B 2 45 ? -8.171  -7.564  9.674   1.00 65.83  ? 26   ASN A C     1 
ATOM   606  O O     . ASN B 2 45 ? -8.720  -8.616  9.340   1.00 65.37  ? 26   ASN A O     1 
ATOM   607  C CB    . ASN B 2 45 ? -10.431 -6.643  10.170  1.00 67.49  ? 26   ASN A CB    1 
ATOM   608  C CG    . ASN B 2 45 ? -11.224 -5.705  11.036  1.00 65.81  ? 26   ASN A CG    1 
ATOM   609  O OD1   . ASN B 2 45 ? -11.249 -5.841  12.257  1.00 66.67  ? 26   ASN A OD1   1 
ATOM   610  N ND2   . ASN B 2 45 ? -11.866 -4.733  10.414  1.00 71.10  ? 26   ASN A ND2   1 
ATOM   611  N N     . VAL B 2 46 ? -6.883  -7.331  9.511   1.00 64.77  ? 27   VAL A N     1 
ATOM   612  C CA    . VAL B 2 46 ? -5.980  -8.286  8.925   1.00 62.35  ? 27   VAL A CA    1 
ATOM   613  C C     . VAL B 2 46 ? -5.214  -8.860  10.114  1.00 63.06  ? 27   VAL A C     1 
ATOM   614  O O     . VAL B 2 46 ? -5.061  -8.181  11.129  1.00 62.37  ? 27   VAL A O     1 
ATOM   615  C CB    . VAL B 2 46 ? -5.062  -7.537  7.979   1.00 61.44  ? 27   VAL A CB    1 
ATOM   616  C CG1   . VAL B 2 46 ? -3.777  -8.281  7.775   1.00 68.22  ? 27   VAL A CG1   1 
ATOM   617  C CG2   . VAL B 2 46 ? -5.781  -7.325  6.674   1.00 60.41  ? 27   VAL A CG2   1 
ATOM   618  N N     . PRO B 2 47 ? -4.729  -10.115 10.021  1.00 62.88  ? 28   PRO A N     1 
ATOM   619  C CA    . PRO B 2 47 ? -3.994  -10.686 11.150  1.00 62.01  ? 28   PRO A CA    1 
ATOM   620  C C     . PRO B 2 47 ? -2.805  -9.852  11.612  1.00 64.71  ? 28   PRO A C     1 
ATOM   621  O O     . PRO B 2 47 ? -2.182  -9.119  10.837  1.00 68.36  ? 28   PRO A O     1 
ATOM   622  C CB    . PRO B 2 47 ? -3.566  -12.047 10.629  1.00 57.99  ? 28   PRO A CB    1 
ATOM   623  C CG    . PRO B 2 47 ? -4.636  -12.394 9.672   1.00 60.24  ? 28   PRO A CG    1 
ATOM   624  C CD    . PRO B 2 47 ? -4.872  -11.114 8.947   1.00 62.75  ? 28   PRO A CD    1 
ATOM   625  N N     . ARG B 2 48 ? -2.495  -9.986  12.890  1.00 64.51  ? 29   ARG A N     1 
ATOM   626  C CA    . ARG B 2 48 ? -1.399  -9.272  13.504  1.00 65.06  ? 29   ARG A CA    1 
ATOM   627  C C     . ARG B 2 48 ? -0.049  -9.403  12.790  1.00 62.62  ? 29   ARG A C     1 
ATOM   628  O O     . ARG B 2 48 ? 0.469   -10.504 12.611  1.00 60.45  ? 29   ARG A O     1 
ATOM   629  C CB    . ARG B 2 48 ? -1.275  -9.736  14.962  1.00 72.65  ? 29   ARG A CB    1 
ATOM   630  C CG    . ARG B 2 48 ? -2.189  -8.974  15.899  1.00 82.40  ? 29   ARG A CG    1 
ATOM   631  C CD    . ARG B 2 48 ? -1.806  -7.506  15.779  1.00 92.19  ? 29   ARG A CD    1 
ATOM   632  N NE    . ARG B 2 48 ? -2.919  -6.579  15.941  1.00 101.81 ? 29   ARG A NE    1 
ATOM   633  C CZ    . ARG B 2 48 ? -2.843  -5.281  15.653  1.00 107.36 ? 29   ARG A CZ    1 
ATOM   634  N NH1   . ARG B 2 48 ? -1.706  -4.771  15.189  1.00 108.78 ? 29   ARG A NH1   1 
ATOM   635  N NH2   . ARG B 2 48 ? -3.900  -4.494  15.832  1.00 112.10 ? 29   ARG A NH2   1 
ATOM   636  N N     . GLY B 2 49 ? 0.517   -8.278  12.372  1.00 59.73  ? 30   GLY A N     1 
ATOM   637  C CA    . GLY B 2 49 ? 1.824   -8.320  11.746  1.00 57.77  ? 30   GLY A CA    1 
ATOM   638  C C     . GLY B 2 49 ? 1.817   -8.662  10.279  1.00 61.23  ? 30   GLY A C     1 
ATOM   639  O O     . GLY B 2 49 ? 2.837   -9.110  9.741   1.00 59.08  ? 30   GLY A O     1 
ATOM   640  N N     . THR B 2 50 ? 0.675   -8.420  9.634   1.00 63.20  ? 31   THR A N     1 
ATOM   641  C CA    . THR B 2 50 ? 0.478   -8.696  8.214   1.00 60.58  ? 31   THR A CA    1 
ATOM   642  C C     . THR B 2 50 ? 0.218   -7.441  7.380   1.00 62.74  ? 31   THR A C     1 
ATOM   643  O O     . THR B 2 50 ? 0.226   -7.482  6.149   1.00 63.15  ? 31   THR A O     1 
ATOM   644  C CB    . THR B 2 50 ? -0.694  -9.603  8.027   1.00 59.05  ? 31   THR A CB    1 
ATOM   645  O OG1   . THR B 2 50 ? -0.680  -10.586 9.054   1.00 54.93  ? 31   THR A OG1   1 
ATOM   646  C CG2   . THR B 2 50 ? -0.601  -10.281 6.697   1.00 66.80  ? 31   THR A CG2   1 
ATOM   647  N N     . LYS B 2 51 ? -0.032  -6.327  8.052   1.00 62.14  ? 32   LYS A N     1 
ATOM   648  C CA    . LYS B 2 51 ? -0.285  -5.086  7.354   1.00 64.52  ? 32   LYS A CA    1 
ATOM   649  C C     . LYS B 2 51 ? 0.848   -4.764  6.362   1.00 63.94  ? 32   LYS A C     1 
ATOM   650  O O     . LYS B 2 51 ? 0.608   -4.616  5.162   1.00 65.94  ? 32   LYS A O     1 
ATOM   651  C CB    . LYS B 2 51 ? -0.482  -3.936  8.365   1.00 68.26  ? 32   LYS A CB    1 
ATOM   652  C CG    . LYS B 2 51 ? -1.845  -3.920  9.027   1.00 68.36  ? 32   LYS A CG    1 
ATOM   653  C CD    . LYS B 2 51 ? -1.964  -2.912  10.170  1.00 70.46  ? 32   LYS A CD    1 
ATOM   654  C CE    . LYS B 2 51 ? -2.570  -1.593  9.720   1.00 73.31  ? 32   LYS A CE    1 
ATOM   655  N NZ    . LYS B 2 51 ? -3.267  -0.876  10.831  1.00 72.98  ? 32   LYS A NZ    1 
ATOM   656  N N     . THR B 2 52 ? 2.080   -4.655  6.831   1.00 62.30  ? 33   THR A N     1 
ATOM   657  C CA    . THR B 2 52 ? 3.142   -4.347  5.888   1.00 63.05  ? 33   THR A CA    1 
ATOM   658  C C     . THR B 2 52 ? 3.190   -5.412  4.782   1.00 64.35  ? 33   THR A C     1 
ATOM   659  O O     . THR B 2 52 ? 3.241   -5.071  3.587   1.00 60.85  ? 33   THR A O     1 
ATOM   660  C CB    . THR B 2 52 ? 4.499   -4.228  6.607   1.00 65.12  ? 33   THR A CB    1 
ATOM   661  O OG1   . THR B 2 52 ? 4.453   -3.106  7.508   1.00 67.71  ? 33   THR A OG1   1 
ATOM   662  C CG2   . THR B 2 52 ? 5.636   -4.039  5.603   1.00 58.82  ? 33   THR A CG2   1 
ATOM   663  N N     . ALA B 2 53 ? 3.134   -6.694  5.172   1.00 64.45  ? 34   ALA A N     1 
ATOM   664  C CA    . ALA B 2 53 ? 3.162   -7.800  4.198   1.00 60.68  ? 34   ALA A CA    1 
ATOM   665  C C     . ALA B 2 53 ? 2.082   -7.624  3.159   1.00 59.44  ? 34   ALA A C     1 
ATOM   666  O O     . ALA B 2 53 ? 2.365   -7.611  1.970   1.00 61.01  ? 34   ALA A O     1 
ATOM   667  C CB    . ALA B 2 53 ? 2.972   -9.140  4.884   1.00 60.71  ? 34   ALA A CB    1 
ATOM   668  N N     . HIS B 2 54 ? 0.833   -7.495  3.603   1.00 57.65  ? 35   HIS A N     1 
ATOM   669  C CA    . HIS B 2 54 ? -0.288  -7.332  2.668   1.00 53.17  ? 35   HIS A CA    1 
ATOM   670  C C     . HIS B 2 54 ? -0.097  -6.204  1.663   1.00 51.29  ? 35   HIS A C     1 
ATOM   671  O O     . HIS B 2 54 ? -0.138  -6.436  0.451   1.00 50.71  ? 35   HIS A O     1 
ATOM   672  C CB    . HIS B 2 54 ? -1.599  -7.098  3.422   1.00 49.87  ? 35   HIS A CB    1 
ATOM   673  C CG    . HIS B 2 54 ? -2.362  -8.351  3.720   1.00 53.10  ? 35   HIS A CG    1 
ATOM   674  N ND1   . HIS B 2 54 ? -2.712  -8.737  5.005   1.00 52.15  ? 35   HIS A ND1   1 
ATOM   675  C CD2   . HIS B 2 54 ? -2.828  -9.330  2.905   1.00 55.16  ? 35   HIS A CD2   1 
ATOM   676  C CE1   . HIS B 2 54 ? -3.345  -9.894  4.966   1.00 51.68  ? 35   HIS A CE1   1 
ATOM   677  N NE2   . HIS B 2 54 ? -3.427  -10.277 3.700   1.00 56.86  ? 35   HIS A NE2   1 
ATOM   678  N N     . ILE B 2 55 ? 0.110   -4.988  2.166   1.00 48.48  ? 36   ILE A N     1 
ATOM   679  C CA    . ILE B 2 55 ? 0.271   -3.835  1.291   1.00 47.50  ? 36   ILE A CA    1 
ATOM   680  C C     . ILE B 2 55 ? 1.413   -4.135  0.331   1.00 48.11  ? 36   ILE A C     1 
ATOM   681  O O     . ILE B 2 55 ? 1.340   -3.909  -0.898  1.00 44.04  ? 36   ILE A O     1 
ATOM   682  C CB    . ILE B 2 55 ? 0.638   -2.569  2.091   1.00 45.98  ? 36   ILE A CB    1 
ATOM   683  C CG1   . ILE B 2 55 ? -0.388  -2.299  3.177   1.00 42.35  ? 36   ILE A CG1   1 
ATOM   684  C CG2   . ILE B 2 55 ? 0.733   -1.372  1.159   1.00 46.61  ? 36   ILE A CG2   1 
ATOM   685  C CD1   . ILE B 2 55 ? -0.050  -1.081  3.977   1.00 43.54  ? 36   ILE A CD1   1 
ATOM   686  N N     . ARG B 2 56 ? 2.478   -4.657  0.918   1.00 49.60  ? 37   ARG A N     1 
ATOM   687  C CA    . ARG B 2 56 ? 3.655   -4.978  0.141   1.00 53.32  ? 37   ARG A CA    1 
ATOM   688  C C     . ARG B 2 56 ? 3.211   -5.920  -0.993  1.00 54.62  ? 37   ARG A C     1 
ATOM   689  O O     . ARG B 2 56 ? 3.606   -5.753  -2.142  1.00 56.68  ? 37   ARG A O     1 
ATOM   690  C CB    . ARG B 2 56 ? 4.703   -5.588  1.079   1.00 54.15  ? 37   ARG A CB    1 
ATOM   691  C CG    . ARG B 2 56 ? 6.082   -5.830  0.501   1.00 50.21  ? 37   ARG A CG    1 
ATOM   692  C CD    . ARG B 2 56 ? 7.002   -6.314  1.656   1.00 49.99  ? 37   ARG A CD    1 
ATOM   693  N NE    . ARG B 2 56 ? 6.398   -7.349  2.502   1.00 41.88  ? 37   ARG A NE    1 
ATOM   694  C CZ    . ARG B 2 56 ? 6.850   -7.685  3.705   1.00 49.61  ? 37   ARG A CZ    1 
ATOM   695  N NH1   . ARG B 2 56 ? 7.907   -7.075  4.204   1.00 59.46  ? 37   ARG A NH1   1 
ATOM   696  N NH2   . ARG B 2 56 ? 6.240   -8.610  4.434   1.00 50.03  ? 37   ARG A NH2   1 
ATOM   697  N N     . GLU B 2 57 ? 2.331   -6.862  -0.681  1.00 54.10  ? 38   GLU A N     1 
ATOM   698  C CA    . GLU B 2 57 ? 1.836   -7.788  -1.691  1.00 56.33  ? 38   GLU A CA    1 
ATOM   699  C C     . GLU B 2 57 ? 1.007   -7.063  -2.746  1.00 57.53  ? 38   GLU A C     1 
ATOM   700  O O     . GLU B 2 57 ? 1.243   -7.220  -3.945  1.00 55.12  ? 38   GLU A O     1 
ATOM   701  C CB    . GLU B 2 57 ? 0.967   -8.847  -1.039  1.00 61.38  ? 38   GLU A CB    1 
ATOM   702  C CG    . GLU B 2 57 ? 0.370   -9.809  -2.035  1.00 67.19  ? 38   GLU A CG    1 
ATOM   703  C CD    . GLU B 2 57 ? 1.436   -10.440 -2.889  1.00 71.94  ? 38   GLU A CD    1 
ATOM   704  O OE1   . GLU B 2 57 ? 2.528   -10.731 -2.354  1.00 77.62  ? 38   GLU A OE1   1 
ATOM   705  O OE2   . GLU B 2 57 ? 1.189   -10.654 -4.091  1.00 78.19  ? 38   GLU A OE2   1 
ATOM   706  N N     . ALA B 2 58 ? 0.037   -6.275  -2.268  1.00 58.93  ? 39   ALA A N     1 
ATOM   707  C CA    . ALA B 2 58 ? -0.876  -5.486  -3.097  1.00 58.72  ? 39   ALA A CA    1 
ATOM   708  C C     . ALA B 2 58 ? -0.155  -4.664  -4.149  1.00 60.03  ? 39   ALA A C     1 
ATOM   709  O O     . ALA B 2 58 ? -0.541  -4.661  -5.333  1.00 59.40  ? 39   ALA A O     1 
ATOM   710  C CB    . ALA B 2 58 ? -1.713  -4.573  -2.207  1.00 56.55  ? 39   ALA A CB    1 
ATOM   711  N N     . LEU B 2 59 ? 0.904   -3.983  -3.708  1.00 60.04  ? 40   LEU A N     1 
ATOM   712  C CA    . LEU B 2 59 ? 1.696   -3.143  -4.600  1.00 60.73  ? 40   LEU A CA    1 
ATOM   713  C C     . LEU B 2 59 ? 2.437   -3.981  -5.608  1.00 61.13  ? 40   LEU A C     1 
ATOM   714  O O     . LEU B 2 59 ? 2.366   -3.730  -6.809  1.00 62.10  ? 40   LEU A O     1 
ATOM   715  C CB    . LEU B 2 59 ? 2.683   -2.292  -3.809  1.00 61.13  ? 40   LEU A CB    1 
ATOM   716  C CG    . LEU B 2 59 ? 2.007   -1.221  -2.936  1.00 61.47  ? 40   LEU A CG    1 
ATOM   717  C CD1   . LEU B 2 59 ? 3.029   -0.680  -1.959  1.00 64.31  ? 40   LEU A CD1   1 
ATOM   718  C CD2   . LEU B 2 59 ? 1.404   -0.093  -3.788  1.00 56.89  ? 40   LEU A CD2   1 
ATOM   719  N N     . ARG B 2 60 ? 3.134   -4.990  -5.112  1.00 60.00  ? 41   ARG A N     1 
ATOM   720  C CA    . ARG B 2 60 ? 3.887   -5.902  -5.967  1.00 64.33  ? 41   ARG A CA    1 
ATOM   721  C C     . ARG B 2 60 ? 3.065   -6.246  -7.198  1.00 67.73  ? 41   ARG A C     1 
ATOM   722  O O     . ARG B 2 60 ? 3.501   -6.048  -8.344  1.00 69.16  ? 41   ARG A O     1 
ATOM   723  C CB    . ARG B 2 60 ? 4.185   -7.172  -5.194  1.00 67.13  ? 41   ARG A CB    1 
ATOM   724  C CG    . ARG B 2 60 ? 4.429   -8.419  -6.017  1.00 71.25  ? 41   ARG A CG    1 
ATOM   725  C CD    . ARG B 2 60 ? 5.476   -9.243  -5.304  1.00 79.88  ? 41   ARG A CD    1 
ATOM   726  N NE    . ARG B 2 60 ? 6.730   -8.481  -5.289  1.00 90.63  ? 41   ARG A NE    1 
ATOM   727  C CZ    . ARG B 2 60 ? 7.496   -8.243  -4.219  1.00 92.63  ? 41   ARG A CZ    1 
ATOM   728  N NH1   . ARG B 2 60 ? 7.157   -8.711  -3.015  1.00 84.49  ? 41   ARG A NH1   1 
ATOM   729  N NH2   . ARG B 2 60 ? 8.607   -7.509  -4.369  1.00 93.21  ? 41   ARG A NH2   1 
ATOM   730  N N     . ARG B 2 61 ? 1.860   -6.744  -6.936  1.00 67.98  ? 42   ARG A N     1 
ATOM   731  C CA    . ARG B 2 61 ? 0.921   -7.129  -7.978  1.00 65.65  ? 42   ARG A CA    1 
ATOM   732  C C     . ARG B 2 61 ? 0.463   -5.942  -8.780  1.00 64.66  ? 42   ARG A C     1 
ATOM   733  O O     . ARG B 2 61 ? 0.435   -6.001  -10.001 1.00 61.93  ? 42   ARG A O     1 
ATOM   734  C CB    . ARG B 2 61 ? -0.315  -7.794  -7.377  1.00 67.34  ? 42   ARG A CB    1 
ATOM   735  C CG    . ARG B 2 61 ? -0.032  -9.022  -6.575  1.00 67.08  ? 42   ARG A CG    1 
ATOM   736  C CD    . ARG B 2 61 ? -1.335  -9.692  -6.207  1.00 68.90  ? 42   ARG A CD    1 
ATOM   737  N NE    . ARG B 2 61 ? -1.105  -10.812 -5.302  1.00 73.39  ? 42   ARG A NE    1 
ATOM   738  C CZ    . ARG B 2 61 ? -2.067  -11.575 -4.804  1.00 72.96  ? 42   ARG A CZ    1 
ATOM   739  N NH1   . ARG B 2 61 ? -3.334  -11.338 -5.130  1.00 75.73  ? 42   ARG A NH1   1 
ATOM   740  N NH2   . ARG B 2 61 ? -1.758  -12.559 -3.971  1.00 71.92  ? 42   ARG A NH2   1 
ATOM   741  N N     . TYR B 2 62 ? 0.069   -4.878  -8.088  1.00 60.81  ? 43   TYR A N     1 
ATOM   742  C CA    . TYR B 2 62 ? -0.372  -3.681  -8.777  1.00 63.23  ? 43   TYR A CA    1 
ATOM   743  C C     . TYR B 2 62 ? 0.687   -3.317  -9.807  1.00 65.59  ? 43   TYR A C     1 
ATOM   744  O O     . TYR B 2 62 ? 0.453   -3.396  -11.018 1.00 60.79  ? 43   TYR A O     1 
ATOM   745  C CB    . TYR B 2 62 ? -0.555  -2.547  -7.766  1.00 66.20  ? 43   TYR A CB    1 
ATOM   746  C CG    . TYR B 2 62 ? -0.945  -1.196  -8.345  1.00 66.34  ? 43   TYR A CG    1 
ATOM   747  C CD1   . TYR B 2 62 ? -0.072  -0.119  -8.249  1.00 67.69  ? 43   TYR A CD1   1 
ATOM   748  C CD2   . TYR B 2 62 ? -2.190  -0.981  -8.939  1.00 62.40  ? 43   TYR A CD2   1 
ATOM   749  C CE1   . TYR B 2 62 ? -0.416  1.147   -8.722  1.00 69.89  ? 43   TYR A CE1   1 
ATOM   750  C CE2   . TYR B 2 62 ? -2.552  0.293   -9.418  1.00 65.30  ? 43   TYR A CE2   1 
ATOM   751  C CZ    . TYR B 2 62 ? -1.651  1.361   -9.304  1.00 67.50  ? 43   TYR A CZ    1 
ATOM   752  O OH    . TYR B 2 62 ? -1.926  2.650   -9.755  1.00 57.42  ? 43   TYR A OH    1 
ATOM   753  N N     . ILE B 2 63 ? 1.867   -2.955  -9.303  1.00 68.26  ? 44   ILE A N     1 
ATOM   754  C CA    . ILE B 2 63 ? 3.006   -2.578  -10.134 1.00 71.84  ? 44   ILE A CA    1 
ATOM   755  C C     . ILE B 2 63 ? 3.064   -3.286  -11.484 1.00 78.41  ? 44   ILE A C     1 
ATOM   756  O O     . ILE B 2 63 ? 2.650   -2.712  -12.488 1.00 81.71  ? 44   ILE A O     1 
ATOM   757  C CB    . ILE B 2 63 ? 4.344   -2.834  -9.423  1.00 69.90  ? 44   ILE A CB    1 
ATOM   758  C CG1   . ILE B 2 63 ? 4.596   -1.779  -8.359  1.00 66.24  ? 44   ILE A CG1   1 
ATOM   759  C CG2   . ILE B 2 63 ? 5.475   -2.769  -10.414 1.00 66.60  ? 44   ILE A CG2   1 
ATOM   760  C CD1   . ILE B 2 63 ? 5.889   -2.008  -7.623  1.00 65.27  ? 44   ILE A CD1   1 
ATOM   761  N N     . GLU B 2 64 ? 3.561   -4.520  -11.534 1.00 82.24  ? 45   GLU A N     1 
ATOM   762  C CA    . GLU B 2 64 ? 3.653   -5.176  -12.834 1.00 89.65  ? 45   GLU A CA    1 
ATOM   763  C C     . GLU B 2 64 ? 2.349   -5.220  -13.631 1.00 93.75  ? 45   GLU A C     1 
ATOM   764  O O     . GLU B 2 64 ? 2.385   -5.281  -14.860 1.00 91.76  ? 45   GLU A O     1 
ATOM   765  C CB    . GLU B 2 64 ? 4.203   -6.574  -12.698 1.00 89.74  ? 45   GLU A CB    1 
ATOM   766  C CG    . GLU B 2 64 ? 3.367   -7.483  -11.884 1.00 95.14  ? 45   GLU A CG    1 
ATOM   767  C CD    . GLU B 2 64 ? 3.617   -8.923  -12.256 1.00 98.54  ? 45   GLU A CD    1 
ATOM   768  O OE1   . GLU B 2 64 ? 3.120   -9.328  -13.334 1.00 103.57 ? 45   GLU A OE1   1 
ATOM   769  O OE2   . GLU B 2 64 ? 4.314   -9.636  -11.492 1.00 97.11  ? 45   GLU A OE2   1 
ATOM   770  N N     . GLU B 2 65 ? 1.207   -5.186  -12.943 1.00 99.41  ? 46   GLU A N     1 
ATOM   771  C CA    . GLU B 2 65 ? -0.091  -5.181  -13.625 1.00 104.84 ? 46   GLU A CA    1 
ATOM   772  C C     . GLU B 2 65 ? -0.094  -3.994  -14.564 1.00 106.82 ? 46   GLU A C     1 
ATOM   773  O O     . GLU B 2 65 ? -0.706  -4.027  -15.626 1.00 106.56 ? 46   GLU A O     1 
ATOM   774  C CB    . GLU B 2 65 ? -1.247  -5.023  -12.632 1.00 107.66 ? 46   GLU A CB    1 
ATOM   775  C CG    . GLU B 2 65 ? -1.700  -6.314  -11.995 1.00 116.57 ? 46   GLU A CG    1 
ATOM   776  C CD    . GLU B 2 65 ? -2.820  -6.125  -10.962 1.00 122.73 ? 46   GLU A CD    1 
ATOM   777  O OE1   . GLU B 2 65 ? -2.537  -5.617  -9.853  1.00 127.41 ? 46   GLU A OE1   1 
ATOM   778  O OE2   . GLU B 2 65 ? -3.986  -6.485  -11.253 1.00 124.40 ? 46   GLU A OE2   1 
ATOM   779  N N     . ILE B 2 66 ? 0.604   -2.942  -14.150 1.00 110.08 ? 47   ILE A N     1 
ATOM   780  C CA    . ILE B 2 66 ? 0.707   -1.722  -14.936 1.00 114.34 ? 47   ILE A CA    1 
ATOM   781  C C     . ILE B 2 66 ? 1.753   -1.913  -16.040 1.00 116.99 ? 47   ILE A C     1 
ATOM   782  O O     . ILE B 2 66 ? 1.474   -2.510  -17.081 1.00 118.32 ? 47   ILE A O     1 
ATOM   783  C CB    . ILE B 2 66 ? 1.137   -0.513  -14.058 1.00 114.28 ? 47   ILE A CB    1 
ATOM   784  C CG1   . ILE B 2 66 ? 0.391   -0.519  -12.718 1.00 111.51 ? 47   ILE A CG1   1 
ATOM   785  C CG2   . ILE B 2 66 ? 0.872   0.787   -14.811 1.00 115.76 ? 47   ILE A CG2   1 
ATOM   786  C CD1   . ILE B 2 66 ? -1.090  -0.278  -12.815 1.00 108.53 ? 47   ILE A CD1   1 
ATOM   787  N N     . GLY B 2 67 ? 2.958   -1.405  -15.803 1.00 118.93 ? 48   GLY A N     1 
ATOM   788  C CA    . GLY B 2 67 ? 4.018   -1.533  -16.781 1.00 122.69 ? 48   GLY A CA    1 
ATOM   789  C C     . GLY B 2 67 ? 4.727   -2.868  -16.666 1.00 125.24 ? 48   GLY A C     1 
ATOM   790  O O     . GLY B 2 67 ? 5.652   -2.960  -15.833 1.00 127.16 ? 48   GLY A O     1 
ATOM   791  N N     . LYS C 2 23 ? -13.655 7.555   11.313  1.00 59.61  ? 4    LYS B N     1 
ATOM   792  C CA    . LYS C 2 23 ? -12.292 7.163   11.780  1.00 60.44  ? 4    LYS B CA    1 
ATOM   793  C C     . LYS C 2 23 ? -11.266 7.197   10.658  1.00 65.51  ? 4    LYS B C     1 
ATOM   794  O O     . LYS C 2 23 ? -11.546 7.632   9.533   1.00 67.00  ? 4    LYS B O     1 
ATOM   795  C CB    . LYS C 2 23 ? -12.304 5.757   12.406  1.00 56.55  ? 4    LYS B CB    1 
ATOM   796  C CG    . LYS C 2 23 ? -12.519 5.789   13.915  1.00 55.88  ? 4    LYS B CG    1 
ATOM   797  C CD    . LYS C 2 23 ? -13.768 5.003   14.308  1.00 54.60  ? 4    LYS B CD    1 
ATOM   798  C CE    . LYS C 2 23 ? -14.048 5.149   15.824  1.00 58.28  ? 4    LYS B CE    1 
ATOM   799  N NZ    . LYS C 2 23 ? -15.092 4.123   16.327  1.00 58.31  ? 4    LYS B NZ    1 
ATOM   800  N N     . GLU C 2 24 ? -10.074 6.712   10.967  1.00 66.04  ? 5    GLU B N     1 
ATOM   801  C CA    . GLU C 2 24 ? -9.014  6.700   10.001  1.00 63.52  ? 5    GLU B CA    1 
ATOM   802  C C     . GLU C 2 24 ? -8.052  5.624   10.449  1.00 65.68  ? 5    GLU B C     1 
ATOM   803  O O     . GLU C 2 24 ? -8.000  5.290   11.629  1.00 66.78  ? 5    GLU B O     1 
ATOM   804  C CB    . GLU C 2 24 ? -8.344  8.060   9.994   1.00 59.59  ? 5    GLU B CB    1 
ATOM   805  C CG    . GLU C 2 24 ? -7.539  8.322   8.751   1.00 72.22  ? 5    GLU B CG    1 
ATOM   806  C CD    . GLU C 2 24 ? -7.065  9.775   8.684   1.00 79.74  ? 5    GLU B CD    1 
ATOM   807  O OE1   . GLU C 2 24 ? -7.101  10.432  9.765   1.00 85.98  ? 5    GLU B OE1   1 
ATOM   808  O OE2   . GLU C 2 24 ? -6.668  10.246  7.572   1.00 84.23  ? 5    GLU B OE2   1 
ATOM   809  N N     . THR C 2 25 ? -7.321  5.045   9.504   1.00 69.06  ? 6    THR B N     1 
ATOM   810  C CA    . THR C 2 25 ? -6.335  4.021   9.825   1.00 66.48  ? 6    THR B CA    1 
ATOM   811  C C     . THR C 2 25 ? -5.041  4.591   9.334   1.00 65.38  ? 6    THR B C     1 
ATOM   812  O O     . THR C 2 25 ? -4.881  4.798   8.138   1.00 66.50  ? 6    THR B O     1 
ATOM   813  C CB    . THR C 2 25 ? -6.539  2.731   9.048   1.00 65.04  ? 6    THR B CB    1 
ATOM   814  O OG1   . THR C 2 25 ? -7.925  2.378   9.040   1.00 65.86  ? 6    THR B OG1   1 
ATOM   815  C CG2   . THR C 2 25 ? -5.735  1.615   9.700   1.00 65.46  ? 6    THR B CG2   1 
ATOM   816  N N     . LYS C 2 26 ? -4.125  4.886   10.239  1.00 67.29  ? 7    LYS B N     1 
ATOM   817  C CA    . LYS C 2 26 ? -2.841  5.420   9.813   1.00 66.40  ? 7    LYS B CA    1 
ATOM   818  C C     . LYS C 2 26 ? -1.917  4.215   9.801   1.00 62.40  ? 7    LYS B C     1 
ATOM   819  O O     . LYS C 2 26 ? -2.145  3.245   10.512  1.00 64.32  ? 7    LYS B O     1 
ATOM   820  C CB    . LYS C 2 26 ? -2.303  6.458   10.812  1.00 70.13  ? 7    LYS B CB    1 
ATOM   821  C CG    . LYS C 2 26 ? -3.357  7.370   11.474  1.00 74.96  ? 7    LYS B CG    1 
ATOM   822  C CD    . LYS C 2 26 ? -3.894  8.448   10.542  1.00 79.31  ? 7    LYS B CD    1 
ATOM   823  C CE    . LYS C 2 26 ? -4.612  9.562   11.348  1.00 83.02  ? 7    LYS B CE    1 
ATOM   824  N NZ    . LYS C 2 26 ? -4.942  10.810  10.550  1.00 82.44  ? 7    LYS B NZ    1 
ATOM   825  N N     . HIS C 2 27 ? -0.901  4.260   8.963   1.00 58.91  ? 8    HIS B N     1 
ATOM   826  C CA    . HIS C 2 27 ? 0.071   3.189   8.906   1.00 58.67  ? 8    HIS B CA    1 
ATOM   827  C C     . HIS C 2 27 ? 1.338   3.635   8.200   1.00 60.31  ? 8    HIS B C     1 
ATOM   828  O O     . HIS C 2 27 ? 1.303   4.223   7.106   1.00 60.93  ? 8    HIS B O     1 
ATOM   829  C CB    . HIS C 2 27 ? -0.496  1.948   8.229   1.00 58.80  ? 8    HIS B CB    1 
ATOM   830  C CG    . HIS C 2 27 ? 0.446   0.775   8.255   1.00 62.39  ? 8    HIS B CG    1 
ATOM   831  N ND1   . HIS C 2 27 ? 1.530   0.677   7.414   1.00 61.94  ? 8    HIS B ND1   1 
ATOM   832  C CD2   . HIS C 2 27 ? 0.478   -0.323  9.053   1.00 63.24  ? 8    HIS B CD2   1 
ATOM   833  C CE1   . HIS C 2 27 ? 2.194   -0.438  7.687   1.00 62.75  ? 8    HIS B CE1   1 
ATOM   834  N NE2   . HIS C 2 27 ? 1.578   -1.059  8.675   1.00 65.00  ? 8    HIS B NE2   1 
ATOM   835  N N     . LEU C 2 28 ? 2.461   3.370   8.852   1.00 60.03  ? 9    LEU B N     1 
ATOM   836  C CA    . LEU C 2 28 ? 3.760   3.741   8.319   1.00 62.50  ? 9    LEU B CA    1 
ATOM   837  C C     . LEU C 2 28 ? 4.350   2.545   7.617   1.00 63.64  ? 9    LEU B C     1 
ATOM   838  O O     . LEU C 2 28 ? 4.679   1.558   8.287   1.00 62.17  ? 9    LEU B O     1 
ATOM   839  C CB    . LEU C 2 28 ? 4.718   4.150   9.449   1.00 63.37  ? 9    LEU B CB    1 
ATOM   840  C CG    . LEU C 2 28 ? 6.197   4.270   9.033   1.00 60.76  ? 9    LEU B CG    1 
ATOM   841  C CD1   . LEU C 2 28 ? 6.337   5.370   8.016   1.00 63.25  ? 9    LEU B CD1   1 
ATOM   842  C CD2   . LEU C 2 28 ? 7.068   4.595   10.228  1.00 62.63  ? 9    LEU B CD2   1 
ATOM   843  N N     . LEU C 2 29 ? 4.486   2.595   6.292   1.00 62.63  ? 10   LEU B N     1 
ATOM   844  C CA    . LEU C 2 29 ? 5.097   1.442   5.644   1.00 62.29  ? 10   LEU B CA    1 
ATOM   845  C C     . LEU C 2 29 ? 6.543   1.714   5.265   1.00 61.98  ? 10   LEU B C     1 
ATOM   846  O O     . LEU C 2 29 ? 6.918   2.837   4.898   1.00 60.01  ? 10   LEU B O     1 
ATOM   847  C CB    . LEU C 2 29 ? 4.300   0.974   4.423   1.00 63.40  ? 10   LEU B CB    1 
ATOM   848  C CG    . LEU C 2 29 ? 4.166   1.692   3.086   1.00 63.95  ? 10   LEU B CG    1 
ATOM   849  C CD1   . LEU C 2 29 ? 5.367   2.549   2.721   1.00 64.15  ? 10   LEU B CD1   1 
ATOM   850  C CD2   . LEU C 2 29 ? 3.967   0.593   2.066   1.00 62.46  ? 10   LEU B CD2   1 
ATOM   851  N N     . LYS C 2 30 ? 7.378   0.695   5.382   1.00 60.31  ? 11   LYS B N     1 
ATOM   852  C CA    . LYS C 2 30 ? 8.764   0.907   5.028   1.00 57.78  ? 11   LYS B CA    1 
ATOM   853  C C     . LYS C 2 30 ? 9.157   -0.214  4.093   1.00 58.47  ? 11   LYS B C     1 
ATOM   854  O O     . LYS C 2 30 ? 8.891   -1.387  4.364   1.00 58.94  ? 11   LYS B O     1 
ATOM   855  C CB    . LYS C 2 30 ? 9.664   0.887   6.271   1.00 57.72  ? 11   LYS B CB    1 
ATOM   856  C CG    . LYS C 2 30 ? 9.128   1.598   7.526   1.00 54.64  ? 11   LYS B CG    1 
ATOM   857  C CD    . LYS C 2 30 ? 10.006  1.243   8.741   1.00 52.61  ? 11   LYS B CD    1 
ATOM   858  C CE    . LYS C 2 30 ? 9.226   1.344   10.046  1.00 54.27  ? 11   LYS B CE    1 
ATOM   859  N NZ    . LYS C 2 30 ? 9.874   0.622   11.190  1.00 52.01  ? 11   LYS B NZ    1 
ATOM   860  N N     . ILE C 2 31 ? 9.745   0.142   2.962   1.00 59.38  ? 12   ILE B N     1 
ATOM   861  C CA    . ILE C 2 31 ? 10.192  -0.868  2.017   1.00 58.69  ? 12   ILE B CA    1 
ATOM   862  C C     . ILE C 2 31 ? 11.707  -0.764  1.869   1.00 63.39  ? 12   ILE B C     1 
ATOM   863  O O     . ILE C 2 31 ? 12.284  0.347   1.902   1.00 66.27  ? 12   ILE B O     1 
ATOM   864  C CB    . ILE C 2 31 ? 9.473   -0.726  0.677   1.00 52.14  ? 12   ILE B CB    1 
ATOM   865  C CG1   . ILE C 2 31 ? 8.129   -1.453  0.744   1.00 47.37  ? 12   ILE B CG1   1 
ATOM   866  C CG2   . ILE C 2 31 ? 10.337  -1.321  -0.450  1.00 55.86  ? 12   ILE B CG2   1 
ATOM   867  C CD1   . ILE C 2 31 ? 7.435   -1.344  2.109   1.00 48.07  ? 12   ILE B CD1   1 
ATOM   868  N N     . LYS C 2 32 ? 12.365  -1.903  1.718   1.00 65.30  ? 13   LYS B N     1 
ATOM   869  C CA    . LYS C 2 32 ? 13.789  -1.815  1.676   1.00 73.61  ? 13   LYS B CA    1 
ATOM   870  C C     . LYS C 2 32 ? 14.510  -1.984  0.377   1.00 79.77  ? 13   LYS B C     1 
ATOM   871  O O     . LYS C 2 32 ? 14.145  -2.798  -0.489  1.00 81.35  ? 13   LYS B O     1 
ATOM   872  C CB    . LYS C 2 32 ? 14.392  -2.753  2.698   1.00 75.34  ? 13   LYS B CB    1 
ATOM   873  C CG    . LYS C 2 32 ? 14.140  -2.326  4.140   1.00 78.18  ? 13   LYS B CG    1 
ATOM   874  C CD    . LYS C 2 32 ? 13.063  -3.178  4.824   1.00 84.95  ? 13   LYS B CD    1 
ATOM   875  C CE    . LYS C 2 32 ? 11.751  -3.223  4.041   1.00 85.31  ? 13   LYS B CE    1 
ATOM   876  N NZ    . LYS C 2 32 ? 10.856  -4.286  4.592   1.00 90.25  ? 13   LYS B NZ    1 
ATOM   877  N N     . LYS C 2 33 ? 15.542  -1.156  0.266   1.00 85.04  ? 14   LYS B N     1 
ATOM   878  C CA    . LYS C 2 33 ? 16.421  -1.142  -0.869  1.00 89.80  ? 14   LYS B CA    1 
ATOM   879  C C     . LYS C 2 33 ? 16.597  -2.565  -1.395  1.00 92.43  ? 14   LYS B C     1 
ATOM   880  O O     . LYS C 2 33 ? 15.908  -2.966  -2.339  1.00 88.46  ? 14   LYS B O     1 
ATOM   881  C CB    . LYS C 2 33 ? 17.783  -0.547  -0.454  1.00 91.64  ? 14   LYS B CB    1 
ATOM   882  C CG    . LYS C 2 33 ? 18.394  -1.246  0.777   1.00 91.35  ? 14   LYS B CG    1 
ATOM   883  C CD    . LYS C 2 33 ? 19.925  -1.264  0.748   1.00 89.67  ? 14   LYS B CD    1 
ATOM   884  C CE    . LYS C 2 33 ? 20.444  -2.157  1.884   1.00 90.68  ? 14   LYS B CE    1 
ATOM   885  N NZ    . LYS C 2 33 ? 21.947  -2.159  1.943   1.00 83.71  ? 14   LYS B NZ    1 
ATOM   886  N N     . GLU C 2 34 ? 17.492  -3.316  -0.744  1.00 97.97  ? 15   GLU B N     1 
ATOM   887  C CA    . GLU C 2 34 ? 17.850  -4.668  -1.154  1.00 103.15 ? 15   GLU B CA    1 
ATOM   888  C C     . GLU C 2 34 ? 16.791  -5.740  -1.002  1.00 103.93 ? 15   GLU B C     1 
ATOM   889  O O     . GLU C 2 34 ? 16.814  -6.740  -1.726  1.00 104.95 ? 15   GLU B O     1 
ATOM   890  C CB    . GLU C 2 34 ? 19.113  -5.124  -0.438  1.00 106.91 ? 15   GLU B CB    1 
ATOM   891  C CG    . GLU C 2 34 ? 18.948  -5.406  1.023   1.00 112.32 ? 15   GLU B CG    1 
ATOM   892  C CD    . GLU C 2 34 ? 20.026  -6.338  1.495   1.00 115.73 ? 15   GLU B CD    1 
ATOM   893  O OE1   . GLU C 2 34 ? 20.005  -6.758  2.667   1.00 116.22 ? 15   GLU B OE1   1 
ATOM   894  O OE2   . GLU C 2 34 ? 20.894  -6.665  0.663   1.00 119.08 ? 15   GLU B OE2   1 
ATOM   895  N N     . ASP C 2 35 ? 15.850  -5.536  -0.090  1.00 103.73 ? 16   ASP B N     1 
ATOM   896  C CA    . ASP C 2 35 ? 14.805  -6.528  0.100   1.00 103.88 ? 16   ASP B CA    1 
ATOM   897  C C     . ASP C 2 35 ? 13.789  -6.591  -1.035  1.00 104.08 ? 16   ASP B C     1 
ATOM   898  O O     . ASP C 2 35 ? 13.533  -7.669  -1.572  1.00 103.62 ? 16   ASP B O     1 
ATOM   899  C CB    . ASP C 2 35 ? 14.142  -6.320  1.454   1.00 104.81 ? 16   ASP B CB    1 
ATOM   900  C CG    . ASP C 2 35 ? 15.067  -6.701  2.590   1.00 104.47 ? 16   ASP B CG    1 
ATOM   901  O OD1   . ASP C 2 35 ? 15.654  -7.800  2.497   1.00 103.88 ? 16   ASP B OD1   1 
ATOM   902  O OD2   . ASP C 2 35 ? 15.209  -5.914  3.555   1.00 103.64 ? 16   ASP B OD2   1 
ATOM   903  N N     . TYR C 2 36 ? 13.238  -5.452  -1.432  1.00 103.01 ? 17   TYR B N     1 
ATOM   904  C CA    . TYR C 2 36 ? 12.268  -5.440  -2.519  1.00 101.65 ? 17   TYR B CA    1 
ATOM   905  C C     . TYR C 2 36 ? 12.574  -4.201  -3.339  1.00 97.48  ? 17   TYR B C     1 
ATOM   906  O O     . TYR C 2 36 ? 11.995  -3.141  -3.122  1.00 97.56  ? 17   TYR B O     1 
ATOM   907  C CB    . TYR C 2 36 ? 10.830  -5.381  -1.983  1.00 106.73 ? 17   TYR B CB    1 
ATOM   908  C CG    . TYR C 2 36 ? 10.591  -6.117  -0.668  1.00 111.76 ? 17   TYR B CG    1 
ATOM   909  C CD1   . TYR C 2 36 ? 10.946  -5.541  0.554   1.00 114.40 ? 17   TYR B CD1   1 
ATOM   910  C CD2   . TYR C 2 36 ? 9.970   -7.370  -0.644  1.00 113.07 ? 17   TYR B CD2   1 
ATOM   911  C CE1   . TYR C 2 36 ? 10.677  -6.194  1.757   1.00 114.90 ? 17   TYR B CE1   1 
ATOM   912  C CE2   . TYR C 2 36 ? 9.706   -8.022  0.548   1.00 114.00 ? 17   TYR B CE2   1 
ATOM   913  C CZ    . TYR C 2 36 ? 10.060  -7.431  1.740   1.00 115.68 ? 17   TYR B CZ    1 
ATOM   914  O OH    . TYR C 2 36 ? 9.785   -8.076  2.919   1.00 116.59 ? 17   TYR B OH    1 
ATOM   915  N N     . PRO C 2 37 ? 13.502  -4.327  -4.301  1.00 91.27  ? 18   PRO B N     1 
ATOM   916  C CA    . PRO C 2 37 ? 13.948  -3.260  -5.193  1.00 87.37  ? 18   PRO B CA    1 
ATOM   917  C C     . PRO C 2 37 ? 12.865  -2.583  -6.032  1.00 84.60  ? 18   PRO B C     1 
ATOM   918  O O     . PRO C 2 37 ? 12.646  -1.371  -5.925  1.00 84.20  ? 18   PRO B O     1 
ATOM   919  C CB    . PRO C 2 37 ? 14.976  -3.967  -6.068  1.00 85.46  ? 18   PRO B CB    1 
ATOM   920  C CG    . PRO C 2 37 ? 14.396  -5.302  -6.213  1.00 86.50  ? 18   PRO B CG    1 
ATOM   921  C CD    . PRO C 2 37 ? 14.026  -5.618  -4.779  1.00 88.79  ? 18   PRO B CD    1 
ATOM   922  N N     . GLN C 2 38 ? 12.196  -3.361  -6.877  1.00 81.05  ? 19   GLN B N     1 
ATOM   923  C CA    . GLN C 2 38 ? 11.166  -2.818  -7.752  1.00 79.36  ? 19   GLN B CA    1 
ATOM   924  C C     . GLN C 2 38 ? 10.069  -2.018  -7.038  1.00 75.84  ? 19   GLN B C     1 
ATOM   925  O O     . GLN C 2 38 ? 9.772   -0.878  -7.440  1.00 71.70  ? 19   GLN B O     1 
ATOM   926  C CB    . GLN C 2 38 ? 10.581  -3.941  -8.587  1.00 80.60  ? 19   GLN B CB    1 
ATOM   927  C CG    . GLN C 2 38 ? 11.060  -5.288  -8.163  1.00 86.50  ? 19   GLN B CG    1 
ATOM   928  C CD    . GLN C 2 38 ? 10.849  -6.341  -9.226  1.00 94.13  ? 19   GLN B CD    1 
ATOM   929  O OE1   . GLN C 2 38 ? 10.795  -7.543  -8.925  1.00 99.24  ? 19   GLN B OE1   1 
ATOM   930  N NE2   . GLN C 2 38 ? 10.741  -5.905  -10.481 1.00 95.77  ? 19   GLN B NE2   1 
ATOM   931  N N     . ILE C 2 39 ? 9.471   -2.600  -5.993  1.00 73.65  ? 20   ILE B N     1 
ATOM   932  C CA    . ILE C 2 39 ? 8.442   -1.894  -5.218  1.00 68.36  ? 20   ILE B CA    1 
ATOM   933  C C     . ILE C 2 39 ? 9.104   -0.652  -4.662  1.00 69.02  ? 20   ILE B C     1 
ATOM   934  O O     . ILE C 2 39 ? 8.491   0.402   -4.562  1.00 70.81  ? 20   ILE B O     1 
ATOM   935  C CB    . ILE C 2 39 ? 7.956   -2.698  -4.013  1.00 64.52  ? 20   ILE B CB    1 
ATOM   936  C CG1   . ILE C 2 39 ? 7.221   -3.938  -4.494  1.00 58.70  ? 20   ILE B CG1   1 
ATOM   937  C CG2   . ILE C 2 39 ? 7.042   -1.836  -3.130  1.00 62.62  ? 20   ILE B CG2   1 
ATOM   938  C CD1   . ILE C 2 39 ? 6.770   -4.817  -3.371  1.00 53.32  ? 20   ILE B CD1   1 
ATOM   939  N N     . PHE C 2 40 ? 10.363  -0.785  -4.267  1.00 72.73  ? 21   PHE B N     1 
ATOM   940  C CA    . PHE C 2 40 ? 11.079  0.370   -3.749  1.00 72.36  ? 21   PHE B CA    1 
ATOM   941  C C     . PHE C 2 40 ? 11.177  1.398   -4.882  1.00 69.49  ? 21   PHE B C     1 
ATOM   942  O O     . PHE C 2 40 ? 10.672  2.508   -4.765  1.00 66.09  ? 21   PHE B O     1 
ATOM   943  C CB    . PHE C 2 40 ? 12.469  -0.035  -3.245  1.00 72.33  ? 21   PHE B CB    1 
ATOM   944  C CG    . PHE C 2 40 ? 13.337  1.129   -2.871  1.00 75.10  ? 21   PHE B CG    1 
ATOM   945  C CD1   . PHE C 2 40 ? 14.032  1.837   -3.851  1.00 75.49  ? 21   PHE B CD1   1 
ATOM   946  C CD2   . PHE C 2 40 ? 13.437  1.547   -1.541  1.00 77.92  ? 21   PHE B CD2   1 
ATOM   947  C CE1   . PHE C 2 40 ? 14.822  2.961   -3.515  1.00 77.06  ? 21   PHE B CE1   1 
ATOM   948  C CE2   . PHE C 2 40 ? 14.223  2.667   -1.198  1.00 78.12  ? 21   PHE B CE2   1 
ATOM   949  C CZ    . PHE C 2 40 ? 14.915  3.372   -2.193  1.00 75.14  ? 21   PHE B CZ    1 
ATOM   950  N N     . ASP C 2 41 ? 11.781  1.032   -6.000  1.00 70.20  ? 22   ASP B N     1 
ATOM   951  C CA    . ASP C 2 41 ? 11.882  2.002   -7.073  1.00 72.41  ? 22   ASP B CA    1 
ATOM   952  C C     . ASP C 2 41 ? 10.524  2.621   -7.395  1.00 70.93  ? 22   ASP B C     1 
ATOM   953  O O     . ASP C 2 41 ? 10.414  3.842   -7.544  1.00 72.01  ? 22   ASP B O     1 
ATOM   954  C CB    . ASP C 2 41 ? 12.477  1.368   -8.335  1.00 78.53  ? 22   ASP B CB    1 
ATOM   955  C CG    . ASP C 2 41 ? 12.940  2.415   -9.349  1.00 84.75  ? 22   ASP B CG    1 
ATOM   956  O OD1   . ASP C 2 41 ? 13.817  3.245   -9.001  1.00 90.26  ? 22   ASP B OD1   1 
ATOM   957  O OD2   . ASP C 2 41 ? 12.428  2.416   -10.491 1.00 85.30  ? 22   ASP B OD2   1 
ATOM   958  N N     . PHE C 2 42 ? 9.485   1.794   -7.501  1.00 68.09  ? 23   PHE B N     1 
ATOM   959  C CA    . PHE C 2 42 ? 8.165   2.326   -7.818  1.00 62.55  ? 23   PHE B CA    1 
ATOM   960  C C     . PHE C 2 42 ? 7.775   3.505   -6.937  1.00 62.67  ? 23   PHE B C     1 
ATOM   961  O O     . PHE C 2 42 ? 7.551   4.601   -7.431  1.00 61.47  ? 23   PHE B O     1 
ATOM   962  C CB    . PHE C 2 42 ? 7.083   1.262   -7.696  1.00 59.83  ? 23   PHE B CB    1 
ATOM   963  C CG    . PHE C 2 42 ? 5.697   1.820   -7.851  1.00 58.67  ? 23   PHE B CG    1 
ATOM   964  C CD1   . PHE C 2 42 ? 5.337   2.480   -9.031  1.00 52.91  ? 23   PHE B CD1   1 
ATOM   965  C CD2   . PHE C 2 42 ? 4.775   1.782   -6.797  1.00 58.53  ? 23   PHE B CD2   1 
ATOM   966  C CE1   . PHE C 2 42 ? 4.098   3.109   -9.163  1.00 47.68  ? 23   PHE B CE1   1 
ATOM   967  C CE2   . PHE C 2 42 ? 3.517   2.415   -6.925  1.00 55.03  ? 23   PHE B CE2   1 
ATOM   968  C CZ    . PHE C 2 42 ? 3.184   3.081   -8.118  1.00 49.97  ? 23   PHE B CZ    1 
ATOM   969  N N     . LEU C 2 43 ? 7.675   3.269   -5.635  1.00 65.23  ? 24   LEU B N     1 
ATOM   970  C CA    . LEU C 2 43 ? 7.306   4.314   -4.681  1.00 71.43  ? 24   LEU B CA    1 
ATOM   971  C C     . LEU C 2 43 ? 8.208   5.526   -4.802  1.00 75.22  ? 24   LEU B C     1 
ATOM   972  O O     . LEU C 2 43 ? 7.772   6.668   -4.628  1.00 78.86  ? 24   LEU B O     1 
ATOM   973  C CB    . LEU C 2 43 ? 7.425   3.825   -3.229  1.00 74.87  ? 24   LEU B CB    1 
ATOM   974  C CG    . LEU C 2 43 ? 6.309   3.089   -2.482  1.00 77.55  ? 24   LEU B CG    1 
ATOM   975  C CD1   . LEU C 2 43 ? 5.013   3.824   -2.743  1.00 77.70  ? 24   LEU B CD1   1 
ATOM   976  C CD2   . LEU C 2 43 ? 6.211   1.633   -2.908  1.00 77.57  ? 24   LEU B CD2   1 
ATOM   977  N N     . GLU C 2 44 ? 9.478   5.284   -5.079  1.00 74.73  ? 25   GLU B N     1 
ATOM   978  C CA    . GLU C 2 44 ? 10.408  6.384   -5.172  1.00 75.71  ? 25   GLU B CA    1 
ATOM   979  C C     . GLU C 2 44 ? 10.337  7.223   -6.449  1.00 76.84  ? 25   GLU B C     1 
ATOM   980  O O     . GLU C 2 44 ? 10.992  8.256   -6.530  1.00 80.62  ? 25   GLU B O     1 
ATOM   981  C CB    . GLU C 2 44 ? 11.823  5.861   -4.957  1.00 78.06  ? 25   GLU B CB    1 
ATOM   982  C CG    . GLU C 2 44 ? 12.152  5.508   -3.514  1.00 82.43  ? 25   GLU B CG    1 
ATOM   983  C CD    . GLU C 2 44 ? 12.595  6.712   -2.683  1.00 86.61  ? 25   GLU B CD    1 
ATOM   984  O OE1   . GLU C 2 44 ? 12.184  6.786   -1.505  1.00 94.71  ? 25   GLU B OE1   1 
ATOM   985  O OE2   . GLU C 2 44 ? 13.358  7.572   -3.185  1.00 84.70  ? 25   GLU B OE2   1 
ATOM   986  N N     . ASN C 2 45 ? 9.558   6.820   -7.443  1.00 74.75  ? 26   ASN B N     1 
ATOM   987  C CA    . ASN C 2 45 ? 9.493   7.627   -8.656  1.00 76.43  ? 26   ASN B CA    1 
ATOM   988  C C     . ASN C 2 45 ? 8.089   8.143   -8.970  1.00 76.38  ? 26   ASN B C     1 
ATOM   989  O O     . ASN C 2 45 ? 7.900   9.004   -9.838  1.00 75.58  ? 26   ASN B O     1 
ATOM   990  C CB    . ASN C 2 45 ? 10.053  6.838   -9.826  1.00 79.50  ? 26   ASN B CB    1 
ATOM   991  C CG    . ASN C 2 45 ? 11.415  6.255   -9.526  1.00 82.46  ? 26   ASN B CG    1 
ATOM   992  O OD1   . ASN C 2 45 ? 12.336  6.964   -9.124  1.00 84.66  ? 26   ASN B OD1   1 
ATOM   993  N ND2   . ASN C 2 45 ? 11.552  4.950   -9.718  1.00 86.00  ? 26   ASN B ND2   1 
ATOM   994  N N     . VAL C 2 46 ? 7.104   7.601   -8.266  1.00 74.92  ? 27   VAL B N     1 
ATOM   995  C CA    . VAL C 2 46 ? 5.727   8.033   -8.435  1.00 72.98  ? 27   VAL B CA    1 
ATOM   996  C C     . VAL C 2 46 ? 5.751   9.535   -8.123  1.00 69.92  ? 27   VAL B C     1 
ATOM   997  O O     . VAL C 2 46 ? 6.431   9.953   -7.186  1.00 69.60  ? 27   VAL B O     1 
ATOM   998  C CB    . VAL C 2 46 ? 4.792   7.279   -7.438  1.00 73.19  ? 27   VAL B CB    1 
ATOM   999  C CG1   . VAL C 2 46 ? 5.260   7.480   -6.004  1.00 73.02  ? 27   VAL B CG1   1 
ATOM   1000 C CG2   . VAL C 2 46 ? 3.389   7.791   -7.561  1.00 75.37  ? 27   VAL B CG2   1 
ATOM   1001 N N     . PRO C 2 47 ? 5.040   10.365  -8.915  1.00 65.81  ? 28   PRO B N     1 
ATOM   1002 C CA    . PRO C 2 47 ? 5.020   11.809  -8.675  1.00 63.59  ? 28   PRO B CA    1 
ATOM   1003 C C     . PRO C 2 47 ? 4.409   12.115  -7.331  1.00 65.41  ? 28   PRO B C     1 
ATOM   1004 O O     . PRO C 2 47 ? 3.314   11.646  -7.021  1.00 63.61  ? 28   PRO B O     1 
ATOM   1005 C CB    . PRO C 2 47 ? 4.184   12.347  -9.832  1.00 56.86  ? 28   PRO B CB    1 
ATOM   1006 C CG    . PRO C 2 47 ? 3.254   11.289  -10.067 1.00 62.56  ? 28   PRO B CG    1 
ATOM   1007 C CD    . PRO C 2 47 ? 4.114   10.035  -10.006 1.00 66.39  ? 28   PRO B CD    1 
ATOM   1008 N N     . ARG C 2 48 ? 5.121   12.908  -6.535  1.00 67.94  ? 29   ARG B N     1 
ATOM   1009 C CA    . ARG C 2 48 ? 4.640   13.233  -5.210  1.00 71.10  ? 29   ARG B CA    1 
ATOM   1010 C C     . ARG C 2 48 ? 3.321   13.986  -5.196  1.00 67.84  ? 29   ARG B C     1 
ATOM   1011 O O     . ARG C 2 48 ? 3.205   15.102  -5.662  1.00 65.82  ? 29   ARG B O     1 
ATOM   1012 C CB    . ARG C 2 48 ? 5.699   13.979  -4.417  1.00 78.01  ? 29   ARG B CB    1 
ATOM   1013 C CG    . ARG C 2 48 ? 6.130   15.273  -5.007  1.00 90.60  ? 29   ARG B CG    1 
ATOM   1014 C CD    . ARG C 2 48 ? 6.756   16.103  -3.906  1.00 100.63 ? 29   ARG B CD    1 
ATOM   1015 N NE    . ARG C 2 48 ? 5.737   16.575  -2.970  1.00 110.95 ? 29   ARG B NE    1 
ATOM   1016 C CZ    . ARG C 2 48 ? 5.967   16.874  -1.696  1.00 114.54 ? 29   ARG B CZ    1 
ATOM   1017 N NH1   . ARG C 2 48 ? 7.189   16.743  -1.191  1.00 114.63 ? 29   ARG B NH1   1 
ATOM   1018 N NH2   . ARG C 2 48 ? 4.975   17.323  -0.931  1.00 118.49 ? 29   ARG B NH2   1 
ATOM   1019 N N     . GLY C 2 49 ? 2.330   13.324  -4.618  1.00 67.37  ? 30   GLY B N     1 
ATOM   1020 C CA    . GLY C 2 49 ? 0.991   13.843  -4.524  1.00 64.42  ? 30   GLY B CA    1 
ATOM   1021 C C     . GLY C 2 49 ? 0.080   12.741  -5.009  1.00 66.17  ? 30   GLY B C     1 
ATOM   1022 O O     . GLY C 2 49 ? -1.137  12.854  -4.906  1.00 66.25  ? 30   GLY B O     1 
ATOM   1023 N N     . THR C 2 50 ? 0.676   11.662  -5.530  1.00 67.18  ? 31   THR B N     1 
ATOM   1024 C CA    . THR C 2 50 ? -0.077  10.519  -6.074  1.00 65.29  ? 31   THR B CA    1 
ATOM   1025 C C     . THR C 2 50 ? 0.213   9.204   -5.354  1.00 67.35  ? 31   THR B C     1 
ATOM   1026 O O     . THR C 2 50 ? -0.459  8.187   -5.593  1.00 69.15  ? 31   THR B O     1 
ATOM   1027 C CB    . THR C 2 50 ? 0.250   10.265  -7.561  1.00 60.43  ? 31   THR B CB    1 
ATOM   1028 O OG1   . THR C 2 50 ? 0.037   11.472  -8.277  1.00 61.83  ? 31   THR B OG1   1 
ATOM   1029 C CG2   . THR C 2 50 ? -0.647  9.202   -8.175  1.00 61.13  ? 31   THR B CG2   1 
ATOM   1030 N N     . LYS C 2 51 ? 1.202   9.225   -4.468  1.00 67.25  ? 32   LYS B N     1 
ATOM   1031 C CA    . LYS C 2 51 ? 1.600   8.025   -3.753  1.00 67.64  ? 32   LYS B CA    1 
ATOM   1032 C C     . LYS C 2 51 ? 0.443   7.297   -3.080  1.00 65.46  ? 32   LYS B C     1 
ATOM   1033 O O     . LYS C 2 51 ? 0.124   6.167   -3.434  1.00 64.00  ? 32   LYS B O     1 
ATOM   1034 C CB    . LYS C 2 51 ? 2.672   8.392   -2.738  1.00 72.37  ? 32   LYS B CB    1 
ATOM   1035 C CG    . LYS C 2 51 ? 3.759   7.338   -2.608  1.00 78.18  ? 32   LYS B CG    1 
ATOM   1036 C CD    . LYS C 2 51 ? 4.932   7.825   -1.768  1.00 79.43  ? 32   LYS B CD    1 
ATOM   1037 C CE    . LYS C 2 51 ? 6.028   6.764   -1.690  1.00 79.65  ? 32   LYS B CE    1 
ATOM   1038 N NZ    . LYS C 2 51 ? 7.196   7.250   -0.893  1.00 82.14  ? 32   LYS B NZ    1 
ATOM   1039 N N     . THR C 2 52 ? -0.174  7.947   -2.108  1.00 63.43  ? 33   THR B N     1 
ATOM   1040 C CA    . THR C 2 52 ? -1.304  7.361   -1.402  1.00 61.43  ? 33   THR B CA    1 
ATOM   1041 C C     . THR C 2 52 ? -2.344  6.842   -2.403  1.00 60.52  ? 33   THR B C     1 
ATOM   1042 O O     . THR C 2 52 ? -2.873  5.732   -2.248  1.00 57.53  ? 33   THR B O     1 
ATOM   1043 C CB    . THR C 2 52 ? -1.959  8.410   -0.473  1.00 61.76  ? 33   THR B CB    1 
ATOM   1044 O OG1   . THR C 2 52 ? -1.038  8.746   0.578   1.00 65.71  ? 33   THR B OG1   1 
ATOM   1045 C CG2   . THR C 2 52 ? -3.254  7.884   0.126   1.00 53.60  ? 33   THR B CG2   1 
ATOM   1046 N N     . ALA C 2 53 ? -2.616  7.641   -3.436  1.00 58.16  ? 34   ALA B N     1 
ATOM   1047 C CA    . ALA C 2 53 ? -3.595  7.276   -4.461  1.00 56.45  ? 34   ALA B CA    1 
ATOM   1048 C C     . ALA C 2 53 ? -3.323  5.871   -4.985  1.00 55.30  ? 34   ALA B C     1 
ATOM   1049 O O     . ALA C 2 53 ? -4.229  5.038   -5.079  1.00 56.68  ? 34   ALA B O     1 
ATOM   1050 C CB    . ALA C 2 53 ? -3.542  8.253   -5.598  1.00 55.88  ? 34   ALA B CB    1 
ATOM   1051 N N     . HIS C 2 54 ? -2.071  5.623   -5.349  1.00 53.93  ? 35   HIS B N     1 
ATOM   1052 C CA    . HIS C 2 54 ? -1.669  4.313   -5.843  1.00 53.97  ? 35   HIS B CA    1 
ATOM   1053 C C     . HIS C 2 54 ? -1.859  3.224   -4.805  1.00 55.09  ? 35   HIS B C     1 
ATOM   1054 O O     . HIS C 2 54 ? -2.651  2.307   -4.980  1.00 56.79  ? 35   HIS B O     1 
ATOM   1055 C CB    . HIS C 2 54 ? -0.211  4.346   -6.222  1.00 53.72  ? 35   HIS B CB    1 
ATOM   1056 C CG    . HIS C 2 54 ? 0.052   5.060   -7.496  1.00 57.46  ? 35   HIS B CG    1 
ATOM   1057 N ND1   . HIS C 2 54 ? -0.282  4.527   -8.727  1.00 61.96  ? 35   HIS B ND1   1 
ATOM   1058 C CD2   . HIS C 2 54 ? 0.613   6.261   -7.742  1.00 57.85  ? 35   HIS B CD2   1 
ATOM   1059 C CE1   . HIS C 2 54 ? 0.070   5.372   -9.675  1.00 62.40  ? 35   HIS B CE1   1 
ATOM   1060 N NE2   . HIS C 2 54 ? 0.616   6.434   -9.109  1.00 63.75  ? 35   HIS B NE2   1 
ATOM   1061 N N     . ILE C 2 55 ? -1.092  3.325   -3.728  1.00 54.27  ? 36   ILE B N     1 
ATOM   1062 C CA    . ILE C 2 55 ? -1.148  2.356   -2.650  1.00 54.34  ? 36   ILE B CA    1 
ATOM   1063 C C     . ILE C 2 55 ? -2.620  1.977   -2.511  1.00 53.10  ? 36   ILE B C     1 
ATOM   1064 O O     . ILE C 2 55 ? -2.989  0.797   -2.516  1.00 53.85  ? 36   ILE B O     1 
ATOM   1065 C CB    . ILE C 2 55 ? -0.607  2.989   -1.347  1.00 54.31  ? 36   ILE B CB    1 
ATOM   1066 C CG1   . ILE C 2 55 ? 0.779   3.572   -1.596  1.00 53.22  ? 36   ILE B CG1   1 
ATOM   1067 C CG2   . ILE C 2 55 ? -0.509  1.956   -0.243  1.00 55.83  ? 36   ILE B CG2   1 
ATOM   1068 C CD1   . ILE C 2 55 ? 1.343   4.264   -0.375  1.00 53.66  ? 36   ILE B CD1   1 
ATOM   1069 N N     . ARG C 2 56 ? -3.456  3.001   -2.431  1.00 52.82  ? 37   ARG B N     1 
ATOM   1070 C CA    . ARG C 2 56 ? -4.894  2.826   -2.312  1.00 55.62  ? 37   ARG B CA    1 
ATOM   1071 C C     . ARG C 2 56 ? -5.467  2.018   -3.480  1.00 57.08  ? 37   ARG B C     1 
ATOM   1072 O O     . ARG C 2 56 ? -6.291  1.133   -3.319  1.00 59.44  ? 37   ARG B O     1 
ATOM   1073 C CB    . ARG C 2 56 ? -5.547  4.194   -2.276  1.00 54.84  ? 37   ARG B CB    1 
ATOM   1074 C CG    . ARG C 2 56 ? -6.890  4.205   -1.646  1.00 56.30  ? 37   ARG B CG    1 
ATOM   1075 C CD    . ARG C 2 56 ? -7.364  5.625   -1.471  1.00 62.45  ? 37   ARG B CD    1 
ATOM   1076 N NE    . ARG C 2 56 ? -6.248  6.552   -1.377  1.00 71.13  ? 37   ARG B NE    1 
ATOM   1077 C CZ    . ARG C 2 56 ? -6.210  7.737   -1.984  1.00 78.98  ? 37   ARG B CZ    1 
ATOM   1078 N NH1   . ARG C 2 56 ? -7.232  8.144   -2.727  1.00 81.97  ? 37   ARG B NH1   1 
ATOM   1079 N NH2   . ARG C 2 56 ? -5.133  8.506   -1.872  1.00 85.11  ? 37   ARG B NH2   1 
ATOM   1080 N N     . GLU C 2 57 ? -5.039  2.344   -4.678  1.00 56.38  ? 38   GLU B N     1 
ATOM   1081 C CA    . GLU C 2 57 ? -5.513  1.617   -5.826  1.00 56.93  ? 38   GLU B CA    1 
ATOM   1082 C C     . GLU C 2 57 ? -5.038  0.174   -5.750  1.00 56.70  ? 38   GLU B C     1 
ATOM   1083 O O     . GLU C 2 57 ? -5.840  -0.750  -5.829  1.00 60.26  ? 38   GLU B O     1 
ATOM   1084 C CB    . GLU C 2 57 ? -4.970  2.250   -7.088  1.00 64.32  ? 38   GLU B CB    1 
ATOM   1085 C CG    . GLU C 2 57 ? -5.969  2.296   -8.189  1.00 72.42  ? 38   GLU B CG    1 
ATOM   1086 C CD    . GLU C 2 57 ? -6.503  0.939   -8.513  1.00 78.03  ? 38   GLU B CD    1 
ATOM   1087 O OE1   . GLU C 2 57 ? -7.323  0.407   -7.727  1.00 83.47  ? 38   GLU B OE1   1 
ATOM   1088 O OE2   . GLU C 2 57 ? -6.084  0.408   -9.560  1.00 81.33  ? 38   GLU B OE2   1 
ATOM   1089 N N     . ALA C 2 58 ? -3.729  -0.012  -5.602  1.00 54.58  ? 39   ALA B N     1 
ATOM   1090 C CA    . ALA C 2 58 ? -3.136  -1.341  -5.522  1.00 52.71  ? 39   ALA B CA    1 
ATOM   1091 C C     . ALA C 2 58 ? -3.933  -2.176  -4.522  1.00 53.93  ? 39   ALA B C     1 
ATOM   1092 O O     . ALA C 2 58 ? -4.128  -3.381  -4.691  1.00 52.58  ? 39   ALA B O     1 
ATOM   1093 C CB    . ALA C 2 58 ? -1.670  -1.234  -5.090  1.00 49.64  ? 39   ALA B CB    1 
ATOM   1094 N N     . LEU C 2 59 ? -4.406  -1.520  -3.476  1.00 55.03  ? 40   LEU B N     1 
ATOM   1095 C CA    . LEU C 2 59 ? -5.188  -2.222  -2.492  1.00 59.15  ? 40   LEU B CA    1 
ATOM   1096 C C     . LEU C 2 59 ? -6.586  -2.509  -3.043  1.00 65.65  ? 40   LEU B C     1 
ATOM   1097 O O     . LEU C 2 59 ? -7.069  -3.648  -3.001  1.00 65.58  ? 40   LEU B O     1 
ATOM   1098 C CB    . LEU C 2 59 ? -5.260  -1.394  -1.206  1.00 54.51  ? 40   LEU B CB    1 
ATOM   1099 C CG    . LEU C 2 59 ? -3.965  -1.448  -0.379  1.00 52.72  ? 40   LEU B CG    1 
ATOM   1100 C CD1   . LEU C 2 59 ? -4.082  -0.566  0.858   1.00 49.27  ? 40   LEU B CD1   1 
ATOM   1101 C CD2   . LEU C 2 59 ? -3.694  -2.885  0.028   1.00 43.67  ? 40   LEU B CD2   1 
ATOM   1102 N N     . ARG C 2 60 ? -7.219  -1.478  -3.594  1.00 70.63  ? 41   ARG B N     1 
ATOM   1103 C CA    . ARG C 2 60 ? -8.565  -1.619  -4.141  1.00 74.84  ? 41   ARG B CA    1 
ATOM   1104 C C     . ARG C 2 60 ? -8.696  -2.905  -4.946  1.00 74.98  ? 41   ARG B C     1 
ATOM   1105 O O     . ARG C 2 60 ? -9.662  -3.654  -4.785  1.00 75.50  ? 41   ARG B O     1 
ATOM   1106 C CB    . ARG C 2 60 ? -8.919  -0.425  -5.025  1.00 78.78  ? 41   ARG B CB    1 
ATOM   1107 C CG    . ARG C 2 60 ? -10.388 -0.062  -4.976  1.00 88.80  ? 41   ARG B CG    1 
ATOM   1108 C CD    . ARG C 2 60 ? -10.886 -0.050  -3.512  1.00 99.67  ? 41   ARG B CD    1 
ATOM   1109 N NE    . ARG C 2 60 ? -11.999 0.872   -3.235  1.00 106.42 ? 41   ARG B NE    1 
ATOM   1110 C CZ    . ARG C 2 60 ? -12.493 1.153   -2.019  1.00 109.43 ? 41   ARG B CZ    1 
ATOM   1111 N NH1   . ARG C 2 60 ? -12.002 0.602   -0.915  1.00 109.65 ? 41   ARG B NH1   1 
ATOM   1112 N NH2   . ARG C 2 60 ? -13.493 2.007   -1.901  1.00 112.04 ? 41   ARG B NH2   1 
ATOM   1113 N N     . ARG C 2 61 ? -7.717  -3.163  -5.802  1.00 72.37  ? 42   ARG B N     1 
ATOM   1114 C CA    . ARG C 2 61 ? -7.744  -4.359  -6.616  1.00 71.30  ? 42   ARG B CA    1 
ATOM   1115 C C     . ARG C 2 61 ? -7.365  -5.544  -5.792  1.00 73.49  ? 42   ARG B C     1 
ATOM   1116 O O     . ARG C 2 61 ? -8.105  -6.504  -5.741  1.00 78.72  ? 42   ARG B O     1 
ATOM   1117 C CB    . ARG C 2 61 ? -6.765  -4.273  -7.755  1.00 69.91  ? 42   ARG B CB    1 
ATOM   1118 C CG    . ARG C 2 61 ? -6.875  -3.035  -8.573  1.00 67.92  ? 42   ARG B CG    1 
ATOM   1119 C CD    . ARG C 2 61 ? -5.738  -3.048  -9.559  1.00 68.58  ? 42   ARG B CD    1 
ATOM   1120 N NE    . ARG C 2 61 ? -5.663  -1.827  -10.333 1.00 68.87  ? 42   ARG B NE    1 
ATOM   1121 C CZ    . ARG C 2 61 ? -4.743  -1.595  -11.257 1.00 70.18  ? 42   ARG B CZ    1 
ATOM   1122 N NH1   . ARG C 2 61 ? -3.823  -2.520  -11.506 1.00 68.37  ? 42   ARG B NH1   1 
ATOM   1123 N NH2   . ARG C 2 61 ? -4.752  -0.444  -11.928 1.00 72.36  ? 42   ARG B NH2   1 
ATOM   1124 N N     . TYR C 2 62 ? -6.198  -5.489  -5.155  1.00 74.10  ? 43   TYR B N     1 
ATOM   1125 C CA    . TYR C 2 62 ? -5.726  -6.606  -4.324  1.00 69.58  ? 43   TYR B CA    1 
ATOM   1126 C C     . TYR C 2 62 ? -6.883  -7.166  -3.495  1.00 65.53  ? 43   TYR B C     1 
ATOM   1127 O O     . TYR C 2 62 ? -6.905  -8.351  -3.171  1.00 61.02  ? 43   TYR B O     1 
ATOM   1128 C CB    . TYR C 2 62 ? -4.586  -6.146  -3.394  1.00 67.89  ? 43   TYR B CB    1 
ATOM   1129 C CG    . TYR C 2 62 ? -4.056  -7.229  -2.470  1.00 67.18  ? 43   TYR B CG    1 
ATOM   1130 C CD1   . TYR C 2 62 ? -4.023  -7.040  -1.086  1.00 66.77  ? 43   TYR B CD1   1 
ATOM   1131 C CD2   . TYR C 2 62 ? -3.590  -8.447  -2.974  1.00 63.92  ? 43   TYR B CD2   1 
ATOM   1132 C CE1   . TYR C 2 62 ? -3.533  -8.047  -0.211  1.00 64.83  ? 43   TYR B CE1   1 
ATOM   1133 C CE2   . TYR C 2 62 ? -3.101  -9.457  -2.116  1.00 56.76  ? 43   TYR B CE2   1 
ATOM   1134 C CZ    . TYR C 2 62 ? -3.074  -9.247  -0.741  1.00 62.72  ? 43   TYR B CZ    1 
ATOM   1135 O OH    . TYR C 2 62 ? -2.550  -10.199 0.113   1.00 62.60  ? 43   TYR B OH    1 
ATOM   1136 N N     . ILE C 2 63 ? -7.857  -6.317  -3.181  1.00 63.29  ? 44   ILE B N     1 
ATOM   1137 C CA    . ILE C 2 63 ? -8.972  -6.776  -2.392  1.00 63.12  ? 44   ILE B CA    1 
ATOM   1138 C C     . ILE C 2 63 ? -9.997  -7.545  -3.176  1.00 65.20  ? 44   ILE B C     1 
ATOM   1139 O O     . ILE C 2 63 ? -10.281 -8.673  -2.829  1.00 66.54  ? 44   ILE B O     1 
ATOM   1140 C CB    . ILE C 2 63 ? -9.662  -5.637  -1.657  1.00 59.62  ? 44   ILE B CB    1 
ATOM   1141 C CG1   . ILE C 2 63 ? -8.647  -4.915  -0.766  1.00 55.85  ? 44   ILE B CG1   1 
ATOM   1142 C CG2   . ILE C 2 63 ? -10.748 -6.203  -0.783  1.00 58.25  ? 44   ILE B CG2   1 
ATOM   1143 C CD1   . ILE C 2 63 ? -9.250  -4.080  0.316   1.00 55.85  ? 44   ILE B CD1   1 
ATOM   1144 N N     . GLU C 2 64 ? -10.568 -6.959  -4.216  1.00 70.41  ? 45   GLU B N     1 
ATOM   1145 C CA    . GLU C 2 64 ? -11.549 -7.693  -5.016  1.00 78.63  ? 45   GLU B CA    1 
ATOM   1146 C C     . GLU C 2 64 ? -10.894 -8.979  -5.504  1.00 77.78  ? 45   GLU B C     1 
ATOM   1147 O O     . GLU C 2 64 ? -11.462 -10.062 -5.415  1.00 77.83  ? 45   GLU B O     1 
ATOM   1148 C CB    . GLU C 2 64 ? -12.007 -6.858  -6.217  1.00 88.28  ? 45   GLU B CB    1 
ATOM   1149 C CG    . GLU C 2 64 ? -10.869 -6.266  -7.051  1.00 103.35 ? 45   GLU B CG    1 
ATOM   1150 C CD    . GLU C 2 64 ? -11.223 -4.902  -7.644  1.00 113.37 ? 45   GLU B CD    1 
ATOM   1151 O OE1   . GLU C 2 64 ? -10.348 -4.269  -8.289  1.00 119.35 ? 45   GLU B OE1   1 
ATOM   1152 O OE2   . GLU C 2 64 ? -12.382 -4.460  -7.457  1.00 117.56 ? 45   GLU B OE2   1 
ATOM   1153 N N     . GLU C 2 65 ? -9.677  -8.826  -6.003  1.00 77.59  ? 46   GLU B N     1 
ATOM   1154 C CA    . GLU C 2 65 ? -8.854  -9.908  -6.519  1.00 79.04  ? 46   GLU B CA    1 
ATOM   1155 C C     . GLU C 2 65 ? -8.552  -10.861 -5.362  1.00 77.55  ? 46   GLU B C     1 
ATOM   1156 O O     . GLU C 2 65 ? -7.448  -11.391 -5.254  1.00 79.45  ? 46   GLU B O     1 
ATOM   1157 C CB    . GLU C 2 65 ? -7.548  -9.310  -7.054  1.00 84.48  ? 46   GLU B CB    1 
ATOM   1158 C CG    . GLU C 2 65 ? -6.673  -10.244 -7.875  1.00 92.71  ? 46   GLU B CG    1 
ATOM   1159 C CD    . GLU C 2 65 ? -5.204  -9.795  -7.889  1.00 94.94  ? 46   GLU B CD    1 
ATOM   1160 O OE1   . GLU C 2 65 ? -4.592  -9.787  -6.793  1.00 95.73  ? 46   GLU B OE1   1 
ATOM   1161 O OE2   . GLU C 2 65 ? -4.668  -9.451  -8.979  1.00 94.51  ? 46   GLU B OE2   1 
ATOM   1162 N N     . ILE C 2 66 ? -9.534  -11.054 -4.486  1.00 74.10  ? 47   ILE B N     1 
ATOM   1163 C CA    . ILE C 2 66 ? -9.426  -11.943 -3.318  1.00 73.54  ? 47   ILE B CA    1 
ATOM   1164 C C     . ILE C 2 66 ? -10.842 -12.323 -2.882  1.00 77.69  ? 47   ILE B C     1 
ATOM   1165 O O     . ILE C 2 66 ? -11.343 -13.361 -3.380  1.00 79.14  ? 47   ILE B O     1 
ATOM   1166 C CB    . ILE C 2 66 ? -8.733  -11.257 -2.087  1.00 67.76  ? 47   ILE B CB    1 
ATOM   1167 C CG1   . ILE C 2 66 ? -7.206  -11.261 -2.249  1.00 67.04  ? 47   ILE B CG1   1 
ATOM   1168 C CG2   . ILE C 2 66 ? -9.134  -11.966 -0.802  1.00 64.12  ? 47   ILE B CG2   1 
ATOM   1169 C CD1   . ILE C 2 66 ? -6.452  -10.850 -0.991  1.00 65.39  ? 47   ILE B CD1   1 
HETATM 1170 N N1    . EPE D 3 .  ? -6.697  -13.290 7.254   1.00 92.34  ? 3022 EPE A N1    1 
HETATM 1171 C C2    . EPE D 3 .  ? -7.699  -14.136 8.022   1.00 88.61  ? 3022 EPE A C2    1 
HETATM 1172 C C3    . EPE D 3 .  ? -8.870  -13.230 8.502   1.00 89.01  ? 3022 EPE A C3    1 
HETATM 1173 N N4    . EPE D 3 .  ? -9.533  -12.572 7.339   1.00 90.41  ? 3022 EPE A N4    1 
HETATM 1174 C C5    . EPE D 3 .  ? -8.527  -11.772 6.544   1.00 91.17  ? 3022 EPE A C5    1 
HETATM 1175 C C6    . EPE D 3 .  ? -7.386  -12.705 6.034   1.00 90.17  ? 3022 EPE A C6    1 
HETATM 1176 C C7    . EPE D 3 .  ? -10.616 -11.687 7.864   1.00 86.72  ? 3022 EPE A C7    1 
HETATM 1177 C C8    . EPE D 3 .  ? -11.359 -10.955 6.730   1.00 85.64  ? 3022 EPE A C8    1 
HETATM 1178 O O8    . EPE D 3 .  ? -12.034 -11.913 5.908   1.00 81.49  ? 3022 EPE A O8    1 
HETATM 1179 C C9    . EPE D 3 .  ? -5.566  -14.163 6.843   1.00 90.35  ? 3022 EPE A C9    1 
HETATM 1180 C C10   . EPE D 3 .  ? -4.490  -13.369 6.073   1.00 90.83  ? 3022 EPE A C10   1 
HETATM 1181 S S     . EPE D 3 .  ? -3.099  -14.467 5.641   1.00 98.28  ? 3022 EPE A S     1 
HETATM 1182 O O1S   . EPE D 3 .  ? -2.325  -14.897 6.770   1.00 93.40  ? 3022 EPE A O1S   1 
HETATM 1183 O O2S   . EPE D 3 .  ? -3.589  -15.485 4.757   1.00 95.46  ? 3022 EPE A O2S   1 
HETATM 1184 O O3S   . EPE D 3 .  ? -2.129  -13.609 4.841   1.00 99.21  ? 3022 EPE A O3S   1 
# 
